data_6E6V
# 
_entry.id   6E6V 
# 
_audit_conform.dict_name       mmcif_pdbx.dic 
_audit_conform.dict_version    5.379 
_audit_conform.dict_location   http://mmcif.pdb.org/dictionaries/ascii/mmcif_pdbx.dic 
# 
loop_
_database_2.database_id 
_database_2.database_code 
_database_2.pdbx_database_accession 
_database_2.pdbx_DOI 
PDB   6E6V         pdb_00006e6v 10.2210/pdb6e6v/pdb 
WWPDB D_1000235810 ?            ?                   
# 
loop_
_pdbx_database_related.db_name 
_pdbx_database_related.details 
_pdbx_database_related.db_id 
_pdbx_database_related.content_type 
PDB . 6E3N unspecified 
PDB . 6E3O unspecified 
PDB . 6E3M unspecified 
PDB . 6E3P unspecified 
PDB . 6E4C unspecified 
PDB . 6E4W unspecified 
PDB . 6E4X unspecified 
# 
_pdbx_database_status.status_code                     REL 
_pdbx_database_status.status_code_sf                  REL 
_pdbx_database_status.status_code_mr                  ? 
_pdbx_database_status.entry_id                        6E6V 
_pdbx_database_status.recvd_initial_deposition_date   2018-07-25 
_pdbx_database_status.SG_entry                        N 
_pdbx_database_status.deposit_site                    RCSB 
_pdbx_database_status.process_site                    RCSB 
_pdbx_database_status.status_code_cs                  ? 
_pdbx_database_status.methods_development_category    ? 
_pdbx_database_status.pdb_format_compatible           Y 
_pdbx_database_status.status_code_nmr_data            ? 
# 
loop_
_audit_author.name 
_audit_author.pdbx_ordinal 
_audit_author.identifier_ORCID 
'Dick, B.L.'     1 0000-0003-2024-7206 
'Morrison, C.N.' 2 0000-0002-4180-8407 
'Credille, C.V.' 3 ?                   
'Cohen, S.M.'    4 0000-0002-5233-2280 
# 
_citation.abstract                  ? 
_citation.abstract_id_CAS           ? 
_citation.book_id_ISBN              ? 
_citation.book_publisher            ? 
_citation.book_publisher_city       ? 
_citation.book_title                ? 
_citation.coordinate_linkage        ? 
_citation.country                   US 
_citation.database_id_Medline       ? 
_citation.details                   ? 
_citation.id                        primary 
_citation.journal_abbrev            J.Med.Chem. 
_citation.journal_id_ASTM           JMCMAR 
_citation.journal_id_CSD            0151 
_citation.journal_id_ISSN           0022-2623 
_citation.journal_full              ? 
_citation.journal_issue             ? 
_citation.journal_volume            62 
_citation.language                  ? 
_citation.page_first                9438 
_citation.page_last                 9449 
_citation.title                     'SAR Exploration of Tight-Binding Inhibitors of Influenza Virus PA Endonuclease.' 
_citation.year                      2019 
_citation.database_id_CSD           ? 
_citation.pdbx_database_id_DOI      10.1021/acs.jmedchem.9b00747 
_citation.pdbx_database_id_PubMed   31536340 
_citation.unpublished_flag          ? 
# 
loop_
_citation_author.citation_id 
_citation_author.name 
_citation_author.ordinal 
_citation_author.identifier_ORCID 
primary 'Credille, C.V.' 1 ?                   
primary 'Morrison, C.N.' 2 0000-0002-4180-8407 
primary 'Stokes, R.W.'   3 ?                   
primary 'Dick, B.L.'     4 ?                   
primary 'Feng, Y.'       5 ?                   
primary 'Sun, J.'        6 ?                   
primary 'Chen, Y.'       7 0000-0002-3465-7380 
primary 'Cohen, S.M.'    8 0000-0002-5233-2280 
# 
_cell.angle_alpha                  90.00 
_cell.angle_alpha_esd              ? 
_cell.angle_beta                   90.00 
_cell.angle_beta_esd               ? 
_cell.angle_gamma                  120.00 
_cell.angle_gamma_esd              ? 
_cell.entry_id                     6E6V 
_cell.details                      ? 
_cell.formula_units_Z              ? 
_cell.length_a                     75.510 
_cell.length_a_esd                 ? 
_cell.length_b                     75.510 
_cell.length_b_esd                 ? 
_cell.length_c                     120.160 
_cell.length_c_esd                 ? 
_cell.volume                       ? 
_cell.volume_esd                   ? 
_cell.Z_PDB                        12 
_cell.reciprocal_angle_alpha       ? 
_cell.reciprocal_angle_beta        ? 
_cell.reciprocal_angle_gamma       ? 
_cell.reciprocal_angle_alpha_esd   ? 
_cell.reciprocal_angle_beta_esd    ? 
_cell.reciprocal_angle_gamma_esd   ? 
_cell.reciprocal_length_a          ? 
_cell.reciprocal_length_b          ? 
_cell.reciprocal_length_c          ? 
_cell.reciprocal_length_a_esd      ? 
_cell.reciprocal_length_b_esd      ? 
_cell.reciprocal_length_c_esd      ? 
_cell.pdbx_unique_axis             ? 
# 
_symmetry.entry_id                         6E6V 
_symmetry.cell_setting                     ? 
_symmetry.Int_Tables_number                180 
_symmetry.space_group_name_Hall            ? 
_symmetry.space_group_name_H-M             'P 62 2 2' 
_symmetry.pdbx_full_space_group_name_H-M   ? 
# 
loop_
_entity.id 
_entity.type 
_entity.src_method 
_entity.pdbx_description 
_entity.formula_weight 
_entity.pdbx_number_of_molecules 
_entity.pdbx_ec 
_entity.pdbx_mutation 
_entity.pdbx_fragment 
_entity.details 
1 polymer     man 'Polymerase acidic protein'                                      22468.666 1  3.1.-.- ? ? ? 
2 non-polymer syn 'MANGANESE (II) ION'                                             54.938    2  ?       ? ? ? 
3 non-polymer syn '3-hydroxy-6-methyl-4-oxo-1,4-dihydropyridine-2-carboxylic acid' 169.135   1  ?       ? ? ? 
4 non-polymer syn 1,2-ETHANEDIOL                                                   62.068    2  ?       ? ? ? 
5 water       nat water                                                            18.015    13 ?       ? ? ? 
# 
_entity_name_com.entity_id   1 
_entity_name_com.name        'RNA-directed RNA polymerase subunit P2' 
# 
_entity_poly.entity_id                      1 
_entity_poly.type                           'polypeptide(L)' 
_entity_poly.nstd_linkage                   no 
_entity_poly.nstd_monomer                   no 
_entity_poly.pdbx_seq_one_letter_code       
;MGSGMAMEDFVRQCFNPMIVELAEKAMKEYGEDPKIETNKFAAICTHLEVCFMYSDFGSGDPNALLKHRFEIIEGRDRIM
AWTVVNSICNTTGVEKPKFLPDLYDYKENRFIEIGVTRREVHIYYLEKANKIKSEKTHIHIFSFTGEEMATKADYTLDEE
SRARIKTRLFTIRQEMASRSLWDSFRQSERGE
;
_entity_poly.pdbx_seq_one_letter_code_can   
;MGSGMAMEDFVRQCFNPMIVELAEKAMKEYGEDPKIETNKFAAICTHLEVCFMYSDFGSGDPNALLKHRFEIIEGRDRIM
AWTVVNSICNTTGVEKPKFLPDLYDYKENRFIEIGVTRREVHIYYLEKANKIKSEKTHIHIFSFTGEEMATKADYTLDEE
SRARIKTRLFTIRQEMASRSLWDSFRQSERGE
;
_entity_poly.pdbx_strand_id                 A 
_entity_poly.pdbx_target_identifier         ? 
# 
loop_
_entity_poly_seq.entity_id 
_entity_poly_seq.num 
_entity_poly_seq.mon_id 
_entity_poly_seq.hetero 
1 1   MET n 
1 2   GLY n 
1 3   SER n 
1 4   GLY n 
1 5   MET n 
1 6   ALA n 
1 7   MET n 
1 8   GLU n 
1 9   ASP n 
1 10  PHE n 
1 11  VAL n 
1 12  ARG n 
1 13  GLN n 
1 14  CYS n 
1 15  PHE n 
1 16  ASN n 
1 17  PRO n 
1 18  MET n 
1 19  ILE n 
1 20  VAL n 
1 21  GLU n 
1 22  LEU n 
1 23  ALA n 
1 24  GLU n 
1 25  LYS n 
1 26  ALA n 
1 27  MET n 
1 28  LYS n 
1 29  GLU n 
1 30  TYR n 
1 31  GLY n 
1 32  GLU n 
1 33  ASP n 
1 34  PRO n 
1 35  LYS n 
1 36  ILE n 
1 37  GLU n 
1 38  THR n 
1 39  ASN n 
1 40  LYS n 
1 41  PHE n 
1 42  ALA n 
1 43  ALA n 
1 44  ILE n 
1 45  CYS n 
1 46  THR n 
1 47  HIS n 
1 48  LEU n 
1 49  GLU n 
1 50  VAL n 
1 51  CYS n 
1 52  PHE n 
1 53  MET n 
1 54  TYR n 
1 55  SER n 
1 56  ASP n 
1 57  PHE n 
1 58  GLY n 
1 59  SER n 
1 60  GLY n 
1 61  ASP n 
1 62  PRO n 
1 63  ASN n 
1 64  ALA n 
1 65  LEU n 
1 66  LEU n 
1 67  LYS n 
1 68  HIS n 
1 69  ARG n 
1 70  PHE n 
1 71  GLU n 
1 72  ILE n 
1 73  ILE n 
1 74  GLU n 
1 75  GLY n 
1 76  ARG n 
1 77  ASP n 
1 78  ARG n 
1 79  ILE n 
1 80  MET n 
1 81  ALA n 
1 82  TRP n 
1 83  THR n 
1 84  VAL n 
1 85  VAL n 
1 86  ASN n 
1 87  SER n 
1 88  ILE n 
1 89  CYS n 
1 90  ASN n 
1 91  THR n 
1 92  THR n 
1 93  GLY n 
1 94  VAL n 
1 95  GLU n 
1 96  LYS n 
1 97  PRO n 
1 98  LYS n 
1 99  PHE n 
1 100 LEU n 
1 101 PRO n 
1 102 ASP n 
1 103 LEU n 
1 104 TYR n 
1 105 ASP n 
1 106 TYR n 
1 107 LYS n 
1 108 GLU n 
1 109 ASN n 
1 110 ARG n 
1 111 PHE n 
1 112 ILE n 
1 113 GLU n 
1 114 ILE n 
1 115 GLY n 
1 116 VAL n 
1 117 THR n 
1 118 ARG n 
1 119 ARG n 
1 120 GLU n 
1 121 VAL n 
1 122 HIS n 
1 123 ILE n 
1 124 TYR n 
1 125 TYR n 
1 126 LEU n 
1 127 GLU n 
1 128 LYS n 
1 129 ALA n 
1 130 ASN n 
1 131 LYS n 
1 132 ILE n 
1 133 LYS n 
1 134 SER n 
1 135 GLU n 
1 136 LYS n 
1 137 THR n 
1 138 HIS n 
1 139 ILE n 
1 140 HIS n 
1 141 ILE n 
1 142 PHE n 
1 143 SER n 
1 144 PHE n 
1 145 THR n 
1 146 GLY n 
1 147 GLU n 
1 148 GLU n 
1 149 MET n 
1 150 ALA n 
1 151 THR n 
1 152 LYS n 
1 153 ALA n 
1 154 ASP n 
1 155 TYR n 
1 156 THR n 
1 157 LEU n 
1 158 ASP n 
1 159 GLU n 
1 160 GLU n 
1 161 SER n 
1 162 ARG n 
1 163 ALA n 
1 164 ARG n 
1 165 ILE n 
1 166 LYS n 
1 167 THR n 
1 168 ARG n 
1 169 LEU n 
1 170 PHE n 
1 171 THR n 
1 172 ILE n 
1 173 ARG n 
1 174 GLN n 
1 175 GLU n 
1 176 MET n 
1 177 ALA n 
1 178 SER n 
1 179 ARG n 
1 180 SER n 
1 181 LEU n 
1 182 TRP n 
1 183 ASP n 
1 184 SER n 
1 185 PHE n 
1 186 ARG n 
1 187 GLN n 
1 188 SER n 
1 189 GLU n 
1 190 ARG n 
1 191 GLY n 
1 192 GLU n 
# 
_entity_src_gen.entity_id                          1 
_entity_src_gen.pdbx_src_id                        1 
_entity_src_gen.pdbx_alt_source_flag               sample 
_entity_src_gen.pdbx_seq_type                      'Biological sequence' 
_entity_src_gen.pdbx_beg_seq_num                   1 
_entity_src_gen.pdbx_end_seq_num                   192 
_entity_src_gen.gene_src_common_name               ? 
_entity_src_gen.gene_src_genus                     ? 
_entity_src_gen.pdbx_gene_src_gene                 PA 
_entity_src_gen.gene_src_species                   ? 
_entity_src_gen.gene_src_strain                    'swl A/California/04/2009 H1N1' 
_entity_src_gen.gene_src_tissue                    ? 
_entity_src_gen.gene_src_tissue_fraction           ? 
_entity_src_gen.gene_src_details                   ? 
_entity_src_gen.pdbx_gene_src_fragment             ? 
_entity_src_gen.pdbx_gene_src_scientific_name      'Influenza A virus' 
_entity_src_gen.pdbx_gene_src_ncbi_taxonomy_id     641501 
_entity_src_gen.pdbx_gene_src_variant              ? 
_entity_src_gen.pdbx_gene_src_cell_line            ? 
_entity_src_gen.pdbx_gene_src_atcc                 ? 
_entity_src_gen.pdbx_gene_src_organ                ? 
_entity_src_gen.pdbx_gene_src_organelle            ? 
_entity_src_gen.pdbx_gene_src_cell                 ? 
_entity_src_gen.pdbx_gene_src_cellular_location    ? 
_entity_src_gen.host_org_common_name               ? 
_entity_src_gen.pdbx_host_org_scientific_name      'Escherichia coli BL21' 
_entity_src_gen.pdbx_host_org_ncbi_taxonomy_id     511693 
_entity_src_gen.host_org_genus                     ? 
_entity_src_gen.pdbx_host_org_gene                 ? 
_entity_src_gen.pdbx_host_org_organ                ? 
_entity_src_gen.host_org_species                   ? 
_entity_src_gen.pdbx_host_org_tissue               ? 
_entity_src_gen.pdbx_host_org_tissue_fraction      ? 
_entity_src_gen.pdbx_host_org_strain               ? 
_entity_src_gen.pdbx_host_org_variant              ? 
_entity_src_gen.pdbx_host_org_cell_line            ? 
_entity_src_gen.pdbx_host_org_atcc                 ? 
_entity_src_gen.pdbx_host_org_culture_collection   ? 
_entity_src_gen.pdbx_host_org_cell                 ? 
_entity_src_gen.pdbx_host_org_organelle            ? 
_entity_src_gen.pdbx_host_org_cellular_location    ? 
_entity_src_gen.pdbx_host_org_vector_type          ? 
_entity_src_gen.pdbx_host_org_vector               ? 
_entity_src_gen.host_org_details                   ? 
_entity_src_gen.expression_system_id               ? 
_entity_src_gen.plasmid_name                       ? 
_entity_src_gen.plasmid_details                    ? 
_entity_src_gen.pdbx_description                   ? 
# 
_struct_ref.id                         1 
_struct_ref.db_name                    UNP 
_struct_ref.db_code                    C3W5S0_I09A0 
_struct_ref.pdbx_db_accession          C3W5S0 
_struct_ref.pdbx_db_isoform            ? 
_struct_ref.entity_id                  1 
_struct_ref.pdbx_seq_one_letter_code   
;MEDFVRQCFNPMIVELAEKAMKEYGEDPKIETNKFAAICTHLEVCFMYSDFHFIDERGESIIVESGDPNALLKHRFEIIE
GRDRIMAWTVVNSICNTTGVEKPKFLPDLYDYKENRFIEIGVTRREVHIYYLEKANKIKSEKTHIHIFSFTGEEMATKAD
YTLDEESRARIKTRLFTIRQEMASRSLWDSFRQSERGE
;
_struct_ref.pdbx_align_begin           1 
# 
_struct_ref_seq.align_id                      1 
_struct_ref_seq.ref_id                        1 
_struct_ref_seq.pdbx_PDB_id_code              6E6V 
_struct_ref_seq.pdbx_strand_id                A 
_struct_ref_seq.seq_align_beg                 7 
_struct_ref_seq.pdbx_seq_align_beg_ins_code   ? 
_struct_ref_seq.seq_align_end                 192 
_struct_ref_seq.pdbx_seq_align_end_ins_code   ? 
_struct_ref_seq.pdbx_db_accession             C3W5S0 
_struct_ref_seq.db_align_beg                  1 
_struct_ref_seq.pdbx_db_align_beg_ins_code    ? 
_struct_ref_seq.db_align_end                  198 
_struct_ref_seq.pdbx_db_align_end_ins_code    ? 
_struct_ref_seq.pdbx_auth_seq_align_beg       1 
_struct_ref_seq.pdbx_auth_seq_align_end       198 
# 
loop_
_struct_ref_seq_dif.align_id 
_struct_ref_seq_dif.pdbx_pdb_id_code 
_struct_ref_seq_dif.mon_id 
_struct_ref_seq_dif.pdbx_pdb_strand_id 
_struct_ref_seq_dif.seq_num 
_struct_ref_seq_dif.pdbx_pdb_ins_code 
_struct_ref_seq_dif.pdbx_seq_db_name 
_struct_ref_seq_dif.pdbx_seq_db_accession_code 
_struct_ref_seq_dif.db_mon_id 
_struct_ref_seq_dif.pdbx_seq_db_seq_num 
_struct_ref_seq_dif.details 
_struct_ref_seq_dif.pdbx_auth_seq_num 
_struct_ref_seq_dif.pdbx_ordinal 
1 6E6V MET A 1  ? UNP C3W5S0 ?   ?  'expression tag' -5 1  
1 6E6V GLY A 2  ? UNP C3W5S0 ?   ?  'expression tag' -4 2  
1 6E6V SER A 3  ? UNP C3W5S0 ?   ?  'expression tag' -3 3  
1 6E6V GLY A 4  ? UNP C3W5S0 ?   ?  'expression tag' -2 4  
1 6E6V MET A 5  ? UNP C3W5S0 ?   ?  'expression tag' -1 5  
1 6E6V ALA A 6  ? UNP C3W5S0 ?   ?  'expression tag' 0  6  
1 6E6V GLY A 58 ? UNP C3W5S0 HIS 52 conflict         52 7  
1 6E6V ?   A ?  ? UNP C3W5S0 PHE 53 deletion         ?  8  
1 6E6V ?   A ?  ? UNP C3W5S0 ILE 54 deletion         ?  9  
1 6E6V ?   A ?  ? UNP C3W5S0 ASP 55 deletion         ?  10 
1 6E6V ?   A ?  ? UNP C3W5S0 GLU 56 deletion         ?  11 
1 6E6V ?   A ?  ? UNP C3W5S0 ARG 57 deletion         ?  12 
1 6E6V ?   A ?  ? UNP C3W5S0 GLY 58 deletion         ?  13 
1 6E6V ?   A ?  ? UNP C3W5S0 GLU 59 deletion         ?  14 
1 6E6V ?   A ?  ? UNP C3W5S0 SER 60 deletion         ?  15 
1 6E6V ?   A ?  ? UNP C3W5S0 ILE 61 deletion         ?  16 
1 6E6V ?   A ?  ? UNP C3W5S0 ILE 62 deletion         ?  17 
1 6E6V ?   A ?  ? UNP C3W5S0 VAL 63 deletion         ?  18 
1 6E6V ?   A ?  ? UNP C3W5S0 GLU 64 deletion         ?  19 
# 
loop_
_chem_comp.id 
_chem_comp.type 
_chem_comp.mon_nstd_flag 
_chem_comp.name 
_chem_comp.pdbx_synonyms 
_chem_comp.formula 
_chem_comp.formula_weight 
ALA 'L-peptide linking' y ALANINE                                                          ?                 'C3 H7 N O2'     
89.093  
ARG 'L-peptide linking' y ARGININE                                                         ?                 'C6 H15 N4 O2 1' 
175.209 
ASN 'L-peptide linking' y ASPARAGINE                                                       ?                 'C4 H8 N2 O3'    
132.118 
ASP 'L-peptide linking' y 'ASPARTIC ACID'                                                  ?                 'C4 H7 N O4'     
133.103 
CYS 'L-peptide linking' y CYSTEINE                                                         ?                 'C3 H7 N O2 S'   
121.158 
EDO non-polymer         . 1,2-ETHANEDIOL                                                   'ETHYLENE GLYCOL' 'C2 H6 O2'       
62.068  
GLN 'L-peptide linking' y GLUTAMINE                                                        ?                 'C5 H10 N2 O3'   
146.144 
GLU 'L-peptide linking' y 'GLUTAMIC ACID'                                                  ?                 'C5 H9 N O4'     
147.129 
GLY 'peptide linking'   y GLYCINE                                                          ?                 'C2 H5 N O2'     
75.067  
HIS 'L-peptide linking' y HISTIDINE                                                        ?                 'C6 H10 N3 O2 1' 
156.162 
HOH non-polymer         . WATER                                                            ?                 'H2 O'           
18.015  
HWA non-polymer         . '3-hydroxy-6-methyl-4-oxo-1,4-dihydropyridine-2-carboxylic acid' ?                 'C7 H7 N O4'     
169.135 
ILE 'L-peptide linking' y ISOLEUCINE                                                       ?                 'C6 H13 N O2'    
131.173 
LEU 'L-peptide linking' y LEUCINE                                                          ?                 'C6 H13 N O2'    
131.173 
LYS 'L-peptide linking' y LYSINE                                                           ?                 'C6 H15 N2 O2 1' 
147.195 
MET 'L-peptide linking' y METHIONINE                                                       ?                 'C5 H11 N O2 S'  
149.211 
MN  non-polymer         . 'MANGANESE (II) ION'                                             ?                 'Mn 2'           
54.938  
PHE 'L-peptide linking' y PHENYLALANINE                                                    ?                 'C9 H11 N O2'    
165.189 
PRO 'L-peptide linking' y PROLINE                                                          ?                 'C5 H9 N O2'     
115.130 
SER 'L-peptide linking' y SERINE                                                           ?                 'C3 H7 N O3'     
105.093 
THR 'L-peptide linking' y THREONINE                                                        ?                 'C4 H9 N O3'     
119.119 
TRP 'L-peptide linking' y TRYPTOPHAN                                                       ?                 'C11 H12 N2 O2'  
204.225 
TYR 'L-peptide linking' y TYROSINE                                                         ?                 'C9 H11 N O3'    
181.189 
VAL 'L-peptide linking' y VALINE                                                           ?                 'C5 H11 N O2'    
117.146 
# 
_exptl.absorpt_coefficient_mu     ? 
_exptl.absorpt_correction_T_max   ? 
_exptl.absorpt_correction_T_min   ? 
_exptl.absorpt_correction_type    ? 
_exptl.absorpt_process_details    ? 
_exptl.entry_id                   6E6V 
_exptl.crystals_number            1 
_exptl.details                    ? 
_exptl.method                     'X-RAY DIFFRACTION' 
_exptl.method_details             ? 
# 
_exptl_crystal.colour                      ? 
_exptl_crystal.density_diffrn              ? 
_exptl_crystal.density_Matthews            2.20 
_exptl_crystal.density_method              ? 
_exptl_crystal.density_percent_sol         44.11 
_exptl_crystal.description                 ? 
_exptl_crystal.F_000                       ? 
_exptl_crystal.id                          1 
_exptl_crystal.preparation                 ? 
_exptl_crystal.size_max                    ? 
_exptl_crystal.size_mid                    ? 
_exptl_crystal.size_min                    ? 
_exptl_crystal.size_rad                    ? 
_exptl_crystal.colour_lustre               ? 
_exptl_crystal.colour_modifier             ? 
_exptl_crystal.colour_primary              ? 
_exptl_crystal.density_meas                ? 
_exptl_crystal.density_meas_esd            ? 
_exptl_crystal.density_meas_gt             ? 
_exptl_crystal.density_meas_lt             ? 
_exptl_crystal.density_meas_temp           ? 
_exptl_crystal.density_meas_temp_esd       ? 
_exptl_crystal.density_meas_temp_gt        ? 
_exptl_crystal.density_meas_temp_lt        ? 
_exptl_crystal.pdbx_crystal_image_url      ? 
_exptl_crystal.pdbx_crystal_image_format   ? 
_exptl_crystal.pdbx_mosaicity              ? 
_exptl_crystal.pdbx_mosaicity_esd          ? 
# 
_exptl_crystal_grow.apparatus       ? 
_exptl_crystal_grow.atmosphere      ? 
_exptl_crystal_grow.crystal_id      1 
_exptl_crystal_grow.details         ? 
_exptl_crystal_grow.method          'VAPOR DIFFUSION, HANGING DROP' 
_exptl_crystal_grow.method_ref      ? 
_exptl_crystal_grow.pH              7.8 
_exptl_crystal_grow.pressure        ? 
_exptl_crystal_grow.pressure_esd    ? 
_exptl_crystal_grow.seeding         ? 
_exptl_crystal_grow.seeding_ref     ? 
_exptl_crystal_grow.temp            306 
_exptl_crystal_grow.temp_details    ? 
_exptl_crystal_grow.temp_esd        ? 
_exptl_crystal_grow.time            ? 
_exptl_crystal_grow.pdbx_details    '28% PEG4000, 100 mM Tris, pH 8.35, 200-220 mM sodium acetate' 
_exptl_crystal_grow.pdbx_pH_range   ? 
# 
_diffrn.ambient_environment              ? 
_diffrn.ambient_temp                     100 
_diffrn.ambient_temp_details             ? 
_diffrn.ambient_temp_esd                 ? 
_diffrn.crystal_id                       1 
_diffrn.crystal_support                  ? 
_diffrn.crystal_treatment                ? 
_diffrn.details                          ? 
_diffrn.id                               1 
_diffrn.ambient_pressure                 ? 
_diffrn.ambient_pressure_esd             ? 
_diffrn.ambient_pressure_gt              ? 
_diffrn.ambient_pressure_lt              ? 
_diffrn.ambient_temp_gt                  ? 
_diffrn.ambient_temp_lt                  ? 
_diffrn.pdbx_serial_crystal_experiment   ? 
# 
_diffrn_detector.details                      ? 
_diffrn_detector.detector                     PIXEL 
_diffrn_detector.diffrn_id                    1 
_diffrn_detector.type                         'DECTRIS PILATUS3 6M' 
_diffrn_detector.area_resol_mean              ? 
_diffrn_detector.dtime                        ? 
_diffrn_detector.pdbx_frames_total            ? 
_diffrn_detector.pdbx_collection_time_total   ? 
_diffrn_detector.pdbx_collection_date         2018-06-15 
_diffrn_detector.pdbx_frequency               ? 
# 
_diffrn_radiation.collimation                      ? 
_diffrn_radiation.diffrn_id                        1 
_diffrn_radiation.filter_edge                      ? 
_diffrn_radiation.inhomogeneity                    ? 
_diffrn_radiation.monochromator                    'Single crystal cylindrically bent Si(220)' 
_diffrn_radiation.polarisn_norm                    ? 
_diffrn_radiation.polarisn_ratio                   ? 
_diffrn_radiation.probe                            ? 
_diffrn_radiation.type                             ? 
_diffrn_radiation.xray_symbol                      ? 
_diffrn_radiation.wavelength_id                    1 
_diffrn_radiation.pdbx_monochromatic_or_laue_m_l   M 
_diffrn_radiation.pdbx_wavelength_list             ? 
_diffrn_radiation.pdbx_wavelength                  ? 
_diffrn_radiation.pdbx_diffrn_protocol             'SINGLE WAVELENGTH' 
_diffrn_radiation.pdbx_analyzer                    ? 
_diffrn_radiation.pdbx_scattering_type             x-ray 
# 
_diffrn_radiation_wavelength.id           1 
_diffrn_radiation_wavelength.wavelength   0.97 
_diffrn_radiation_wavelength.wt           1.0 
# 
_diffrn_source.current                     ? 
_diffrn_source.details                     ? 
_diffrn_source.diffrn_id                   1 
_diffrn_source.power                       ? 
_diffrn_source.size                        ? 
_diffrn_source.source                      SYNCHROTRON 
_diffrn_source.target                      ? 
_diffrn_source.type                        'ALS BEAMLINE 5.0.1' 
_diffrn_source.voltage                     ? 
_diffrn_source.take-off_angle              ? 
_diffrn_source.pdbx_wavelength_list        0.97 
_diffrn_source.pdbx_wavelength             ? 
_diffrn_source.pdbx_synchrotron_beamline   5.0.1 
_diffrn_source.pdbx_synchrotron_site       ALS 
# 
_reflns.B_iso_Wilson_estimate            ? 
_reflns.entry_id                         6E6V 
_reflns.data_reduction_details           ? 
_reflns.data_reduction_method            ? 
_reflns.d_resolution_high                2.25 
_reflns.d_resolution_low                 44.24 
_reflns.details                          ? 
_reflns.limit_h_max                      ? 
_reflns.limit_h_min                      ? 
_reflns.limit_k_max                      ? 
_reflns.limit_k_min                      ? 
_reflns.limit_l_max                      ? 
_reflns.limit_l_min                      ? 
_reflns.number_all                       ? 
_reflns.number_obs                       10206 
_reflns.observed_criterion               ? 
_reflns.observed_criterion_F_max         ? 
_reflns.observed_criterion_F_min         ? 
_reflns.observed_criterion_I_max         ? 
_reflns.observed_criterion_I_min         ? 
_reflns.observed_criterion_sigma_F       ? 
_reflns.observed_criterion_sigma_I       ? 
_reflns.percent_possible_obs             100.0 
_reflns.R_free_details                   ? 
_reflns.Rmerge_F_all                     ? 
_reflns.Rmerge_F_obs                     ? 
_reflns.Friedel_coverage                 ? 
_reflns.number_gt                        ? 
_reflns.threshold_expression             ? 
_reflns.pdbx_redundancy                  19.1 
_reflns.pdbx_Rmerge_I_obs                0.048 
_reflns.pdbx_Rmerge_I_all                ? 
_reflns.pdbx_Rsym_value                  ? 
_reflns.pdbx_netI_over_av_sigmaI         ? 
_reflns.pdbx_netI_over_sigmaI            38.9 
_reflns.pdbx_res_netI_over_av_sigmaI_2   ? 
_reflns.pdbx_res_netI_over_sigmaI_2      ? 
_reflns.pdbx_chi_squared                 ? 
_reflns.pdbx_scaling_rejects             ? 
_reflns.pdbx_d_res_high_opt              ? 
_reflns.pdbx_d_res_low_opt               ? 
_reflns.pdbx_d_res_opt_method            ? 
_reflns.phase_calculation_details        ? 
_reflns.pdbx_Rrim_I_all                  0.05 
_reflns.pdbx_Rpim_I_all                  0.015 
_reflns.pdbx_d_opt                       ? 
_reflns.pdbx_number_measured_all         ? 
_reflns.pdbx_diffrn_id                   1 
_reflns.pdbx_ordinal                     1 
_reflns.pdbx_CC_half                     ? 
_reflns.pdbx_R_split                     ? 
# 
_reflns_shell.d_res_high                  2.25 
_reflns_shell.d_res_low                   2.32 
_reflns_shell.meanI_over_sigI_all         ? 
_reflns_shell.meanI_over_sigI_obs         6.4 
_reflns_shell.number_measured_all         ? 
_reflns_shell.number_measured_obs         ? 
_reflns_shell.number_possible             ? 
_reflns_shell.number_unique_all           ? 
_reflns_shell.number_unique_obs           901 
_reflns_shell.percent_possible_all        100.0 
_reflns_shell.percent_possible_obs        ? 
_reflns_shell.Rmerge_F_all                ? 
_reflns_shell.Rmerge_F_obs                ? 
_reflns_shell.Rmerge_I_all                ? 
_reflns_shell.Rmerge_I_obs                0.532 
_reflns_shell.meanI_over_sigI_gt          ? 
_reflns_shell.meanI_over_uI_all           ? 
_reflns_shell.meanI_over_uI_gt            ? 
_reflns_shell.number_measured_gt          ? 
_reflns_shell.number_unique_gt            ? 
_reflns_shell.percent_possible_gt         ? 
_reflns_shell.Rmerge_F_gt                 ? 
_reflns_shell.Rmerge_I_gt                 ? 
_reflns_shell.pdbx_redundancy             19.0 
_reflns_shell.pdbx_Rsym_value             ? 
_reflns_shell.pdbx_chi_squared            ? 
_reflns_shell.pdbx_netI_over_sigmaI_all   ? 
_reflns_shell.pdbx_netI_over_sigmaI_obs   ? 
_reflns_shell.pdbx_Rrim_I_all             0.56 
_reflns_shell.pdbx_Rpim_I_all             0.175 
_reflns_shell.pdbx_rejects                ? 
_reflns_shell.pdbx_ordinal                1 
_reflns_shell.pdbx_diffrn_id              1 
_reflns_shell.pdbx_CC_half                ? 
_reflns_shell.pdbx_R_split                ? 
# 
_refine.aniso_B[1][1]                            -0.19 
_refine.aniso_B[1][2]                            -0.09 
_refine.aniso_B[1][3]                            -0.00 
_refine.aniso_B[2][2]                            -0.19 
_refine.aniso_B[2][3]                            0.00 
_refine.aniso_B[3][3]                            0.61 
_refine.B_iso_max                                ? 
_refine.B_iso_mean                               48.644 
_refine.B_iso_min                                ? 
_refine.correlation_coeff_Fo_to_Fc               0.952 
_refine.correlation_coeff_Fo_to_Fc_free          0.932 
_refine.details                                  'HYDROGENS HAVE BEEN ADDED IN THE RIDING POSITIONS' 
_refine.diff_density_max                         ? 
_refine.diff_density_max_esd                     ? 
_refine.diff_density_min                         ? 
_refine.diff_density_min_esd                     ? 
_refine.diff_density_rms                         ? 
_refine.diff_density_rms_esd                     ? 
_refine.entry_id                                 6E6V 
_refine.pdbx_refine_id                           'X-RAY DIFFRACTION' 
_refine.ls_abs_structure_details                 ? 
_refine.ls_abs_structure_Flack                   ? 
_refine.ls_abs_structure_Flack_esd               ? 
_refine.ls_abs_structure_Rogers                  ? 
_refine.ls_abs_structure_Rogers_esd              ? 
_refine.ls_d_res_high                            2.25 
_refine.ls_d_res_low                             44.24 
_refine.ls_extinction_coef                       ? 
_refine.ls_extinction_coef_esd                   ? 
_refine.ls_extinction_expression                 ? 
_refine.ls_extinction_method                     ? 
_refine.ls_goodness_of_fit_all                   ? 
_refine.ls_goodness_of_fit_all_esd               ? 
_refine.ls_goodness_of_fit_obs                   ? 
_refine.ls_goodness_of_fit_obs_esd               ? 
_refine.ls_hydrogen_treatment                    ? 
_refine.ls_matrix_type                           ? 
_refine.ls_number_constraints                    ? 
_refine.ls_number_parameters                     ? 
_refine.ls_number_reflns_all                     ? 
_refine.ls_number_reflns_obs                     9651 
_refine.ls_number_reflns_R_free                  520 
_refine.ls_number_reflns_R_work                  ? 
_refine.ls_number_restraints                     ? 
_refine.ls_percent_reflns_obs                    99.96 
_refine.ls_percent_reflns_R_free                 5.1 
_refine.ls_R_factor_all                          ? 
_refine.ls_R_factor_obs                          0.21390 
_refine.ls_R_factor_R_free                       0.25707 
_refine.ls_R_factor_R_free_error                 ? 
_refine.ls_R_factor_R_free_error_details         ? 
_refine.ls_R_factor_R_work                       0.21158 
_refine.ls_R_Fsqd_factor_obs                     ? 
_refine.ls_R_I_factor_obs                        ? 
_refine.ls_redundancy_reflns_all                 ? 
_refine.ls_redundancy_reflns_obs                 ? 
_refine.ls_restrained_S_all                      ? 
_refine.ls_restrained_S_obs                      ? 
_refine.ls_shift_over_esd_max                    ? 
_refine.ls_shift_over_esd_mean                   ? 
_refine.ls_structure_factor_coef                 ? 
_refine.ls_weighting_details                     ? 
_refine.ls_weighting_scheme                      ? 
_refine.ls_wR_factor_all                         ? 
_refine.ls_wR_factor_obs                         ? 
_refine.ls_wR_factor_R_free                      ? 
_refine.ls_wR_factor_R_work                      ? 
_refine.occupancy_max                            ? 
_refine.occupancy_min                            ? 
_refine.solvent_model_details                    ? 
_refine.solvent_model_param_bsol                 ? 
_refine.solvent_model_param_ksol                 ? 
_refine.ls_R_factor_gt                           ? 
_refine.ls_goodness_of_fit_gt                    ? 
_refine.ls_goodness_of_fit_ref                   ? 
_refine.ls_shift_over_su_max                     ? 
_refine.ls_shift_over_su_max_lt                  ? 
_refine.ls_shift_over_su_mean                    ? 
_refine.ls_shift_over_su_mean_lt                 ? 
_refine.pdbx_ls_sigma_I                          ? 
_refine.pdbx_ls_sigma_F                          ? 
_refine.pdbx_ls_sigma_Fsqd                       ? 
_refine.pdbx_data_cutoff_high_absF               ? 
_refine.pdbx_data_cutoff_high_rms_absF           ? 
_refine.pdbx_data_cutoff_low_absF                ? 
_refine.pdbx_isotropic_thermal_model             ? 
_refine.pdbx_ls_cross_valid_method               THROUGHOUT 
_refine.pdbx_method_to_determine_struct          'MOLECULAR REPLACEMENT' 
_refine.pdbx_starting_model                      'PDB entry 4AWM' 
_refine.pdbx_stereochemistry_target_values       ? 
_refine.pdbx_R_Free_selection_details            RANDOM 
_refine.pdbx_stereochem_target_val_spec_case     ? 
_refine.pdbx_overall_ESU_R                       0.317 
_refine.pdbx_overall_ESU_R_Free                  0.234 
_refine.pdbx_solvent_vdw_probe_radii             1.20 
_refine.pdbx_solvent_ion_probe_radii             0.80 
_refine.pdbx_solvent_shrinkage_radii             0.80 
_refine.pdbx_real_space_R                        ? 
_refine.pdbx_density_correlation                 ? 
_refine.pdbx_pd_number_of_powder_patterns        ? 
_refine.pdbx_pd_number_of_points                 ? 
_refine.pdbx_pd_meas_number_of_points            ? 
_refine.pdbx_pd_proc_ls_prof_R_factor            ? 
_refine.pdbx_pd_proc_ls_prof_wR_factor           ? 
_refine.pdbx_pd_Marquardt_correlation_coeff      ? 
_refine.pdbx_pd_Fsqrd_R_factor                   ? 
_refine.pdbx_pd_ls_matrix_band_width             ? 
_refine.pdbx_overall_phase_error                 ? 
_refine.pdbx_overall_SU_R_free_Cruickshank_DPI   ? 
_refine.pdbx_overall_SU_R_free_Blow_DPI          ? 
_refine.pdbx_overall_SU_R_Blow_DPI               ? 
_refine.pdbx_TLS_residual_ADP_flag               ? 
_refine.pdbx_diffrn_id                           1 
_refine.overall_SU_B                             7.832 
_refine.overall_SU_ML                            0.188 
_refine.overall_SU_R_Cruickshank_DPI             ? 
_refine.overall_SU_R_free                        ? 
_refine.overall_FOM_free_R_set                   ? 
_refine.overall_FOM_work_R_set                   ? 
_refine.pdbx_average_fsc_overall                 ? 
_refine.pdbx_average_fsc_work                    ? 
_refine.pdbx_average_fsc_free                    ? 
# 
_refine_hist.pdbx_refine_id                   'X-RAY DIFFRACTION' 
_refine_hist.cycle_id                         1 
_refine_hist.pdbx_number_atoms_protein        1487 
_refine_hist.pdbx_number_atoms_nucleic_acid   0 
_refine_hist.pdbx_number_atoms_ligand         22 
_refine_hist.number_atoms_solvent             13 
_refine_hist.number_atoms_total               1522 
_refine_hist.d_res_high                       2.25 
_refine_hist.d_res_low                        44.24 
# 
loop_
_refine_ls_restr.pdbx_refine_id 
_refine_ls_restr.criterion 
_refine_ls_restr.dev_ideal 
_refine_ls_restr.dev_ideal_target 
_refine_ls_restr.number 
_refine_ls_restr.rejects 
_refine_ls_restr.type 
_refine_ls_restr.weight 
_refine_ls_restr.pdbx_restraint_function 
'X-RAY DIFFRACTION' ? 0.010  0.014  1535 ? r_bond_refined_d             ? ? 
'X-RAY DIFFRACTION' ? 0.001  0.018  1361 ? r_bond_other_d               ? ? 
'X-RAY DIFFRACTION' ? 1.316  1.677  2055 ? r_angle_refined_deg          ? ? 
'X-RAY DIFFRACTION' ? 0.927  1.652  3194 ? r_angle_other_deg            ? ? 
'X-RAY DIFFRACTION' ? 5.950  5.000  177  ? r_dihedral_angle_1_deg       ? ? 
'X-RAY DIFFRACTION' ? 34.414 21.277 94   ? r_dihedral_angle_2_deg       ? ? 
'X-RAY DIFFRACTION' ? 17.559 15.000 288  ? r_dihedral_angle_3_deg       ? ? 
'X-RAY DIFFRACTION' ? 19.346 15.000 14   ? r_dihedral_angle_4_deg       ? ? 
'X-RAY DIFFRACTION' ? 0.062  0.200  199  ? r_chiral_restr               ? ? 
'X-RAY DIFFRACTION' ? 0.006  0.020  1705 ? r_gen_planes_refined         ? ? 
'X-RAY DIFFRACTION' ? 0.001  0.020  299  ? r_gen_planes_other           ? ? 
'X-RAY DIFFRACTION' ? ?      ?      ?    ? r_nbd_refined                ? ? 
'X-RAY DIFFRACTION' ? ?      ?      ?    ? r_nbd_other                  ? ? 
'X-RAY DIFFRACTION' ? ?      ?      ?    ? r_nbtor_refined              ? ? 
'X-RAY DIFFRACTION' ? ?      ?      ?    ? r_nbtor_other                ? ? 
'X-RAY DIFFRACTION' ? ?      ?      ?    ? r_xyhbond_nbd_refined        ? ? 
'X-RAY DIFFRACTION' ? ?      ?      ?    ? r_xyhbond_nbd_other          ? ? 
'X-RAY DIFFRACTION' ? ?      ?      ?    ? r_metal_ion_refined          ? ? 
'X-RAY DIFFRACTION' ? ?      ?      ?    ? r_metal_ion_other            ? ? 
'X-RAY DIFFRACTION' ? ?      ?      ?    ? r_symmetry_vdw_refined       ? ? 
'X-RAY DIFFRACTION' ? ?      ?      ?    ? r_symmetry_vdw_other         ? ? 
'X-RAY DIFFRACTION' ? ?      ?      ?    ? r_symmetry_hbond_refined     ? ? 
'X-RAY DIFFRACTION' ? ?      ?      ?    ? r_symmetry_hbond_other       ? ? 
'X-RAY DIFFRACTION' ? ?      ?      ?    ? r_symmetry_metal_ion_refined ? ? 
'X-RAY DIFFRACTION' ? ?      ?      ?    ? r_symmetry_metal_ion_other   ? ? 
'X-RAY DIFFRACTION' ? 3.652  4.770  714  ? r_mcbond_it                  ? ? 
'X-RAY DIFFRACTION' ? 3.652  4.770  713  ? r_mcbond_other               ? ? 
'X-RAY DIFFRACTION' ? 5.083  7.150  889  ? r_mcangle_it                 ? ? 
'X-RAY DIFFRACTION' ? 5.081  7.150  890  ? r_mcangle_other              ? ? 
'X-RAY DIFFRACTION' ? 4.225  5.187  821  ? r_scbond_it                  ? ? 
'X-RAY DIFFRACTION' ? 4.222  5.189  822  ? r_scbond_other               ? ? 
'X-RAY DIFFRACTION' ? ?      ?      ?    ? r_scangle_it                 ? ? 
'X-RAY DIFFRACTION' ? 6.294  7.594  1167 ? r_scangle_other              ? ? 
'X-RAY DIFFRACTION' ? 7.703  54.295 1766 ? r_long_range_B_refined       ? ? 
'X-RAY DIFFRACTION' ? 7.683  54.302 1765 ? r_long_range_B_other         ? ? 
'X-RAY DIFFRACTION' ? ?      ?      ?    ? r_rigid_bond_restr           ? ? 
'X-RAY DIFFRACTION' ? ?      ?      ?    ? r_sphericity_free            ? ? 
'X-RAY DIFFRACTION' ? ?      ?      ?    ? r_sphericity_bonded          ? ? 
# 
_refine_ls_shell.pdbx_refine_id                   'X-RAY DIFFRACTION' 
_refine_ls_shell.d_res_high                       2.250 
_refine_ls_shell.d_res_low                        2.308 
_refine_ls_shell.number_reflns_all                ? 
_refine_ls_shell.number_reflns_obs                ? 
_refine_ls_shell.number_reflns_R_free             39 
_refine_ls_shell.number_reflns_R_work             680 
_refine_ls_shell.percent_reflns_obs               100.00 
_refine_ls_shell.percent_reflns_R_free            ? 
_refine_ls_shell.R_factor_all                     ? 
_refine_ls_shell.R_factor_obs                     ? 
_refine_ls_shell.R_factor_R_free                  0.318 
_refine_ls_shell.R_factor_R_free_error            ? 
_refine_ls_shell.R_factor_R_work                  0.247 
_refine_ls_shell.redundancy_reflns_all            ? 
_refine_ls_shell.redundancy_reflns_obs            ? 
_refine_ls_shell.wR_factor_all                    ? 
_refine_ls_shell.wR_factor_obs                    ? 
_refine_ls_shell.wR_factor_R_free                 ? 
_refine_ls_shell.wR_factor_R_work                 ? 
_refine_ls_shell.pdbx_total_number_of_bins_used   20 
_refine_ls_shell.pdbx_phase_error                 ? 
_refine_ls_shell.pdbx_fsc_work                    ? 
_refine_ls_shell.pdbx_fsc_free                    ? 
# 
_struct.entry_id                     6E6V 
_struct.title                        
;The N-terminal domain of PA endonuclease from the influenza H1N1 virus in complex with 3-hydroxy-6-methyl-4-oxo-1,4-dihydropyridine-2-carboxylic acid
;
_struct.pdbx_model_details           ? 
_struct.pdbx_formula_weight          ? 
_struct.pdbx_formula_weight_method   ? 
_struct.pdbx_model_type_details      ? 
_struct.pdbx_CASP_flag               N 
# 
_struct_keywords.entry_id        6E6V 
_struct_keywords.text            'PA endonuclease, inhibitor, influenza, H1N1, HYDROLASE-HYDROLASE INHIBITOR complex' 
_struct_keywords.pdbx_keywords   'HYDROLASE/HYDROLASE INHIBITOR' 
# 
loop_
_struct_asym.id 
_struct_asym.pdbx_blank_PDB_chainid_flag 
_struct_asym.pdbx_modified 
_struct_asym.entity_id 
_struct_asym.details 
A N N 1 ? 
B N N 2 ? 
C N N 2 ? 
D N N 3 ? 
E N N 4 ? 
F N N 4 ? 
G N N 5 ? 
# 
loop_
_struct_conf.conf_type_id 
_struct_conf.id 
_struct_conf.pdbx_PDB_helix_id 
_struct_conf.beg_label_comp_id 
_struct_conf.beg_label_asym_id 
_struct_conf.beg_label_seq_id 
_struct_conf.pdbx_beg_PDB_ins_code 
_struct_conf.end_label_comp_id 
_struct_conf.end_label_asym_id 
_struct_conf.end_label_seq_id 
_struct_conf.pdbx_end_PDB_ins_code 
_struct_conf.beg_auth_comp_id 
_struct_conf.beg_auth_asym_id 
_struct_conf.beg_auth_seq_id 
_struct_conf.end_auth_comp_id 
_struct_conf.end_auth_asym_id 
_struct_conf.end_auth_seq_id 
_struct_conf.pdbx_PDB_helix_class 
_struct_conf.details 
_struct_conf.pdbx_PDB_helix_length 
HELX_P HELX_P1 AA1 MET A 5   ? PHE A 15  ? MET A -1  PHE A 9   1 ? 11 
HELX_P HELX_P2 AA2 ASN A 16  ? TYR A 30  ? ASN A 10  TYR A 24  1 ? 15 
HELX_P HELX_P3 AA3 GLU A 37  ? PHE A 57  ? GLU A 31  PHE A 51  1 ? 21 
HELX_P HELX_P4 AA4 ASP A 77  ? GLY A 93  ? ASP A 83  GLY A 99  1 ? 17 
HELX_P HELX_P5 AA5 GLU A 120 ? ILE A 132 ? GLU A 126 ILE A 138 1 ? 13 
HELX_P HELX_P6 AA6 LYS A 152 ? ASP A 154 ? LYS A 158 ASP A 160 5 ? 3  
HELX_P HELX_P7 AA7 ASP A 158 ? ARG A 179 ? ASP A 164 ARG A 185 1 ? 22 
HELX_P HELX_P8 AA8 LEU A 181 ? SER A 188 ? LEU A 187 SER A 194 1 ? 8  
# 
_struct_conf_type.id          HELX_P 
_struct_conf_type.criteria    ? 
_struct_conf_type.reference   ? 
# 
loop_
_struct_conn.id 
_struct_conn.conn_type_id 
_struct_conn.pdbx_leaving_atom_flag 
_struct_conn.pdbx_PDB_id 
_struct_conn.ptnr1_label_asym_id 
_struct_conn.ptnr1_label_comp_id 
_struct_conn.ptnr1_label_seq_id 
_struct_conn.ptnr1_label_atom_id 
_struct_conn.pdbx_ptnr1_label_alt_id 
_struct_conn.pdbx_ptnr1_PDB_ins_code 
_struct_conn.pdbx_ptnr1_standard_comp_id 
_struct_conn.ptnr1_symmetry 
_struct_conn.ptnr2_label_asym_id 
_struct_conn.ptnr2_label_comp_id 
_struct_conn.ptnr2_label_seq_id 
_struct_conn.ptnr2_label_atom_id 
_struct_conn.pdbx_ptnr2_label_alt_id 
_struct_conn.pdbx_ptnr2_PDB_ins_code 
_struct_conn.ptnr1_auth_asym_id 
_struct_conn.ptnr1_auth_comp_id 
_struct_conn.ptnr1_auth_seq_id 
_struct_conn.ptnr2_auth_asym_id 
_struct_conn.ptnr2_auth_comp_id 
_struct_conn.ptnr2_auth_seq_id 
_struct_conn.ptnr2_symmetry 
_struct_conn.pdbx_ptnr3_label_atom_id 
_struct_conn.pdbx_ptnr3_label_seq_id 
_struct_conn.pdbx_ptnr3_label_comp_id 
_struct_conn.pdbx_ptnr3_label_asym_id 
_struct_conn.pdbx_ptnr3_label_alt_id 
_struct_conn.pdbx_ptnr3_PDB_ins_code 
_struct_conn.details 
_struct_conn.pdbx_dist_value 
_struct_conn.pdbx_value_order 
_struct_conn.pdbx_role 
metalc1  metalc ? ? A HIS 47  NE2 ? ? ? 1_555 C MN  . MN  ? ? A HIS 41  A MN  202 1_555 ? ? ? ? ? ? ? 2.325 ? ? 
metalc2  metalc ? ? A GLU 74  OE2 ? ? ? 1_555 B MN  . MN  ? ? A GLU 80  A MN  201 1_555 ? ? ? ? ? ? ? 2.018 ? ? 
metalc3  metalc ? ? A ASP 102 OD1 ? ? ? 1_555 B MN  . MN  ? ? A ASP 108 A MN  201 1_555 ? ? ? ? ? ? ? 2.080 ? ? 
metalc4  metalc ? ? A ASP 102 OD2 ? ? ? 1_555 C MN  . MN  ? ? A ASP 108 A MN  202 1_555 ? ? ? ? ? ? ? 2.104 ? ? 
metalc5  metalc ? ? A GLU 113 OE2 ? ? ? 1_555 C MN  . MN  ? ? A GLU 119 A MN  202 1_555 ? ? ? ? ? ? ? 2.124 ? ? 
metalc6  metalc ? ? A ILE 114 O   ? ? ? 1_555 C MN  . MN  ? ? A ILE 120 A MN  202 1_555 ? ? ? ? ? ? ? 2.184 ? ? 
metalc7  metalc ? ? B MN  .   MN  ? ? ? 1_555 D HWA . OAK ? ? A MN  201 A HWA 203 1_555 ? ? ? ? ? ? ? 1.909 ? ? 
metalc8  metalc ? ? B MN  .   MN  ? ? ? 1_555 D HWA . OAJ ? ? A MN  201 A HWA 203 1_555 ? ? ? ? ? ? ? 2.031 ? ? 
metalc9  metalc ? ? B MN  .   MN  ? ? ? 1_555 G HOH . O   ? ? A MN  201 A HOH 301 1_555 ? ? ? ? ? ? ? 2.321 ? ? 
metalc10 metalc ? ? B MN  .   MN  ? ? ? 1_555 G HOH . O   ? ? A MN  201 A HOH 307 1_555 ? ? ? ? ? ? ? 2.391 ? ? 
metalc11 metalc ? ? C MN  .   MN  ? ? ? 1_555 D HWA . OAL ? ? A MN  202 A HWA 203 1_555 ? ? ? ? ? ? ? 2.195 ? ? 
metalc12 metalc ? ? C MN  .   MN  ? ? ? 1_555 D HWA . OAJ ? ? A MN  202 A HWA 203 1_555 ? ? ? ? ? ? ? 2.082 ? ? 
# 
_struct_conn_type.id          metalc 
_struct_conn_type.criteria    ? 
_struct_conn_type.reference   ? 
# 
_struct_sheet.id               AA1 
_struct_sheet.type             ? 
_struct_sheet.number_strands   5 
_struct_sheet.details          ? 
# 
loop_
_struct_sheet_order.sheet_id 
_struct_sheet_order.range_id_1 
_struct_sheet_order.range_id_2 
_struct_sheet_order.offset 
_struct_sheet_order.sense 
AA1 1 2 ? anti-parallel 
AA1 2 3 ? anti-parallel 
AA1 3 4 ? parallel      
AA1 4 5 ? anti-parallel 
# 
loop_
_struct_sheet_range.sheet_id 
_struct_sheet_range.id 
_struct_sheet_range.beg_label_comp_id 
_struct_sheet_range.beg_label_asym_id 
_struct_sheet_range.beg_label_seq_id 
_struct_sheet_range.pdbx_beg_PDB_ins_code 
_struct_sheet_range.end_label_comp_id 
_struct_sheet_range.end_label_asym_id 
_struct_sheet_range.end_label_seq_id 
_struct_sheet_range.pdbx_end_PDB_ins_code 
_struct_sheet_range.beg_auth_comp_id 
_struct_sheet_range.beg_auth_asym_id 
_struct_sheet_range.beg_auth_seq_id 
_struct_sheet_range.end_auth_comp_id 
_struct_sheet_range.end_auth_asym_id 
_struct_sheet_range.end_auth_seq_id 
AA1 1 PHE A 70  ? ILE A 72  ? PHE A 76  ILE A 78  
AA1 2 LEU A 103 ? ASP A 105 ? LEU A 109 ASP A 111 
AA1 3 ARG A 110 ? THR A 117 ? ARG A 116 THR A 123 
AA1 4 HIS A 138 ? SER A 143 ? HIS A 144 SER A 149 
AA1 5 GLU A 148 ? ALA A 150 ? GLU A 154 ALA A 156 
# 
loop_
_pdbx_struct_sheet_hbond.sheet_id 
_pdbx_struct_sheet_hbond.range_id_1 
_pdbx_struct_sheet_hbond.range_id_2 
_pdbx_struct_sheet_hbond.range_1_label_atom_id 
_pdbx_struct_sheet_hbond.range_1_label_comp_id 
_pdbx_struct_sheet_hbond.range_1_label_asym_id 
_pdbx_struct_sheet_hbond.range_1_label_seq_id 
_pdbx_struct_sheet_hbond.range_1_PDB_ins_code 
_pdbx_struct_sheet_hbond.range_1_auth_atom_id 
_pdbx_struct_sheet_hbond.range_1_auth_comp_id 
_pdbx_struct_sheet_hbond.range_1_auth_asym_id 
_pdbx_struct_sheet_hbond.range_1_auth_seq_id 
_pdbx_struct_sheet_hbond.range_2_label_atom_id 
_pdbx_struct_sheet_hbond.range_2_label_comp_id 
_pdbx_struct_sheet_hbond.range_2_label_asym_id 
_pdbx_struct_sheet_hbond.range_2_label_seq_id 
_pdbx_struct_sheet_hbond.range_2_PDB_ins_code 
_pdbx_struct_sheet_hbond.range_2_auth_atom_id 
_pdbx_struct_sheet_hbond.range_2_auth_comp_id 
_pdbx_struct_sheet_hbond.range_2_auth_asym_id 
_pdbx_struct_sheet_hbond.range_2_auth_seq_id 
AA1 1 2 N GLU A 71  ? N GLU A 77  O TYR A 104 ? O TYR A 110 
AA1 2 3 N LEU A 103 ? N LEU A 109 O ILE A 112 ? O ILE A 118 
AA1 3 4 N GLU A 113 ? N GLU A 119 O HIS A 138 ? O HIS A 144 
AA1 4 5 N ILE A 141 ? N ILE A 147 O MET A 149 ? O MET A 155 
# 
loop_
_struct_site.id 
_struct_site.pdbx_evidence_code 
_struct_site.pdbx_auth_asym_id 
_struct_site.pdbx_auth_comp_id 
_struct_site.pdbx_auth_seq_id 
_struct_site.pdbx_auth_ins_code 
_struct_site.pdbx_num_residues 
_struct_site.details 
AC1 Software A MN  201 ? 6  'binding site for residue MN A 201'  
AC2 Software A MN  202 ? 6  'binding site for residue MN A 202'  
AC3 Software A HWA 203 ? 15 'binding site for residue HWA A 203' 
AC4 Software A EDO 204 ? 5  'binding site for residue EDO A 204' 
AC5 Software A EDO 205 ? 4  'binding site for residue EDO A 205' 
# 
loop_
_struct_site_gen.id 
_struct_site_gen.site_id 
_struct_site_gen.pdbx_num_res 
_struct_site_gen.label_comp_id 
_struct_site_gen.label_asym_id 
_struct_site_gen.label_seq_id 
_struct_site_gen.pdbx_auth_ins_code 
_struct_site_gen.auth_comp_id 
_struct_site_gen.auth_asym_id 
_struct_site_gen.auth_seq_id 
_struct_site_gen.label_atom_id 
_struct_site_gen.label_alt_id 
_struct_site_gen.symmetry 
_struct_site_gen.details 
1  AC1 6  GLU A 74  ? GLU A 80  . ? 1_555 ? 
2  AC1 6  ASP A 102 ? ASP A 108 . ? 1_555 ? 
3  AC1 6  MN  C .   ? MN  A 202 . ? 1_555 ? 
4  AC1 6  HWA D .   ? HWA A 203 . ? 1_555 ? 
5  AC1 6  HOH G .   ? HOH A 301 . ? 1_555 ? 
6  AC1 6  HOH G .   ? HOH A 307 . ? 1_555 ? 
7  AC2 6  HIS A 47  ? HIS A 41  . ? 1_555 ? 
8  AC2 6  ASP A 102 ? ASP A 108 . ? 1_555 ? 
9  AC2 6  GLU A 113 ? GLU A 119 . ? 1_555 ? 
10 AC2 6  ILE A 114 ? ILE A 120 . ? 1_555 ? 
11 AC2 6  MN  B .   ? MN  A 201 . ? 1_555 ? 
12 AC2 6  HWA D .   ? HWA A 203 . ? 1_555 ? 
13 AC3 15 HIS A 47  ? HIS A 41  . ? 1_555 ? 
14 AC3 15 GLU A 74  ? GLU A 80  . ? 1_555 ? 
15 AC3 15 ASP A 102 ? ASP A 108 . ? 1_555 ? 
16 AC3 15 GLU A 113 ? GLU A 119 . ? 1_555 ? 
17 AC3 15 ILE A 114 ? ILE A 120 . ? 1_555 ? 
18 AC3 15 LYS A 128 ? LYS A 134 . ? 1_555 ? 
19 AC3 15 GLY A 191 ? GLY A 197 . ? 1_555 ? 
20 AC3 15 GLU A 192 ? GLU A 198 . ? 1_555 ? 
21 AC3 15 MN  B .   ? MN  A 201 . ? 1_555 ? 
22 AC3 15 MN  C .   ? MN  A 202 . ? 1_555 ? 
23 AC3 15 EDO E .   ? EDO A 204 . ? 1_555 ? 
24 AC3 15 EDO F .   ? EDO A 205 . ? 1_555 ? 
25 AC3 15 HOH G .   ? HOH A 301 . ? 1_555 ? 
26 AC3 15 HOH G .   ? HOH A 306 . ? 1_555 ? 
27 AC3 15 HOH G .   ? HOH A 307 . ? 1_555 ? 
28 AC4 5  GLU A 74  ? GLU A 80  . ? 1_555 ? 
29 AC4 5  LEU A 100 ? LEU A 106 . ? 1_555 ? 
30 AC4 5  HWA D .   ? HWA A 203 . ? 1_555 ? 
31 AC4 5  HOH G .   ? HOH A 302 . ? 1_555 ? 
32 AC4 5  HOH G .   ? HOH A 307 . ? 1_555 ? 
33 AC5 4  GLY A 191 ? GLY A 197 . ? 1_555 ? 
34 AC5 4  HWA D .   ? HWA A 203 . ? 1_555 ? 
35 AC5 4  HOH G .   ? HOH A 304 . ? 1_555 ? 
36 AC5 4  HOH G .   ? HOH A 309 . ? 1_555 ? 
# 
_atom_sites.entry_id                    6E6V 
_atom_sites.fract_transf_matrix[1][1]   -0.00032802 
_atom_sites.fract_transf_matrix[1][2]   -0.01428391 
_atom_sites.fract_transf_matrix[1][3]   0.00544984 
_atom_sites.fract_transf_matrix[2][1]   -0.00532472 
_atom_sites.fract_transf_matrix[2][2]   -0.01138617 
_atom_sites.fract_transf_matrix[2][3]   -0.00870906 
_atom_sites.fract_transf_matrix[3][1]   0.00766204 
_atom_sites.fract_transf_matrix[3][2]   -0.00130989 
_atom_sites.fract_transf_matrix[3][3]   -0.00297203 
_atom_sites.fract_transf_vector[1]      -0.189352 
_atom_sites.fract_transf_vector[2]      0.222826 
_atom_sites.fract_transf_vector[3]      0.080102 
# 
loop_
_atom_type.symbol 
C  
MN 
N  
O  
S  
# 
loop_
_atom_site.group_PDB 
_atom_site.id 
_atom_site.type_symbol 
_atom_site.label_atom_id 
_atom_site.label_alt_id 
_atom_site.label_comp_id 
_atom_site.label_asym_id 
_atom_site.label_entity_id 
_atom_site.label_seq_id 
_atom_site.pdbx_PDB_ins_code 
_atom_site.Cartn_x 
_atom_site.Cartn_y 
_atom_site.Cartn_z 
_atom_site.occupancy 
_atom_site.B_iso_or_equiv 
_atom_site.pdbx_formal_charge 
_atom_site.auth_seq_id 
_atom_site.auth_comp_id 
_atom_site.auth_asym_id 
_atom_site.auth_atom_id 
_atom_site.pdbx_PDB_model_num 
ATOM   1    N  N   . MET A 1 5   ? 13.228  13.999  -15.488 1.00 75.07 ? -1  MET A N   1 
ATOM   2    C  CA  . MET A 1 5   ? 11.901  13.299  -15.515 1.00 74.53 ? -1  MET A CA  1 
ATOM   3    C  C   . MET A 1 5   ? 10.908  14.087  -14.649 1.00 67.14 ? -1  MET A C   1 
ATOM   4    O  O   . MET A 1 5   ? 11.166  14.343  -13.471 1.00 64.97 ? -1  MET A O   1 
ATOM   5    C  CB  . MET A 1 5   ? 12.012  11.853  -15.009 1.00 73.80 ? -1  MET A CB  1 
ATOM   6    C  CG  . MET A 1 5   ? 10.715  11.063  -15.093 1.00 79.39 ? -1  MET A CG  1 
ATOM   7    S  SD  . MET A 1 5   ? 10.173  10.529  -16.765 1.00 94.18 ? -1  MET A SD  1 
ATOM   8    C  CE  . MET A 1 5   ? 9.255   11.955  -17.353 1.00 85.81 ? -1  MET A CE  1 
ATOM   9    N  N   . ALA A 1 6   ? 9.799   14.508  -15.275 1.00 66.09 ? 0   ALA A N   1 
ATOM   10   C  CA  . ALA A 1 6   ? 8.616   15.053  -14.601 1.00 58.74 ? 0   ALA A CA  1 
ATOM   11   C  C   . ALA A 1 6   ? 8.201   14.118  -13.458 1.00 57.68 ? 0   ALA A C   1 
ATOM   12   O  O   . ALA A 1 6   ? 7.917   14.579  -12.348 1.00 61.68 ? 0   ALA A O   1 
ATOM   13   C  CB  . ALA A 1 6   ? 7.500   15.240  -15.600 1.00 54.68 ? 0   ALA A CB  1 
ATOM   14   N  N   . MET A 1 7   ? 8.204   12.806  -13.728 1.00 57.03 ? 1   MET A N   1 
ATOM   15   C  CA  . MET A 1 7   ? 7.725   11.794  -12.768 1.00 56.63 ? 1   MET A CA  1 
ATOM   16   C  C   . MET A 1 7   ? 8.500   11.906  -11.452 1.00 52.76 ? 1   MET A C   1 
ATOM   17   O  O   . MET A 1 7   ? 7.918   11.942  -10.358 1.00 53.98 ? 1   MET A O   1 
ATOM   18   C  CB  . MET A 1 7   ? 7.824   10.367  -13.330 1.00 57.10 ? 1   MET A CB  1 
ATOM   19   C  CG  . MET A 1 7   ? 7.175   9.301   -12.436 1.00 54.62 ? 1   MET A CG  1 
ATOM   20   S  SD  . MET A 1 7   ? 5.553   9.813   -11.803 1.00 48.99 ? 1   MET A SD  1 
ATOM   21   C  CE  . MET A 1 7   ? 4.449   8.938   -12.906 1.00 44.33 ? 1   MET A CE  1 
ATOM   22   N  N   . GLU A 1 8   ? 9.817   12.012  -11.555 1.00 51.19 ? 2   GLU A N   1 
ATOM   23   C  CA  . GLU A 1 8   ? 10.619  12.156  -10.369 1.00 52.05 ? 2   GLU A CA  1 
ATOM   24   C  C   . GLU A 1 8   ? 10.200  13.421  -9.603  1.00 48.04 ? 2   GLU A C   1 
ATOM   25   O  O   . GLU A 1 8   ? 10.009  13.379  -8.401  1.00 50.65 ? 2   GLU A O   1 
ATOM   26   C  CB  . GLU A 1 8   ? 12.095  12.172  -10.744 1.00 56.43 ? 2   GLU A CB  1 
ATOM   27   C  CG  . GLU A 1 8   ? 12.967  12.571  -9.579  1.00 59.76 ? 2   GLU A CG  1 
ATOM   28   C  CD  . GLU A 1 8   ? 14.424  12.204  -9.729  1.00 59.24 ? 2   GLU A CD  1 
ATOM   29   O  OE1 . GLU A 1 8   ? 14.786  11.643  -10.776 1.00 58.74 ? 2   GLU A OE1 1 
ATOM   30   O  OE2 . GLU A 1 8   ? 15.180  12.474  -8.787  1.00 62.83 ? 2   GLU A OE2 1 
ATOM   31   N  N   . ASP A 1 9   ? 10.017  14.528  -10.328 1.00 47.84 ? 3   ASP A N   1 
ATOM   32   C  CA  . ASP A 1 9   ? 9.608   15.802  -9.752  1.00 51.25 ? 3   ASP A CA  1 
ATOM   33   C  C   . ASP A 1 9   ? 8.215   15.685  -9.127  1.00 52.50 ? 3   ASP A C   1 
ATOM   34   O  O   . ASP A 1 9   ? 7.981   16.208  -8.031  1.00 56.20 ? 3   ASP A O   1 
ATOM   35   C  CB  . ASP A 1 9   ? 9.599   16.910  -10.805 1.00 54.05 ? 3   ASP A CB  1 
ATOM   36   C  CG  . ASP A 1 9   ? 10.970  17.268  -11.343 1.00 56.63 ? 3   ASP A CG  1 
ATOM   37   O  OD1 . ASP A 1 9   ? 11.972  16.782  -10.783 1.00 57.90 ? 3   ASP A OD1 1 
ATOM   38   O  OD2 . ASP A 1 9   ? 11.023  18.033  -12.317 1.00 57.68 ? 3   ASP A OD2 1 
ATOM   39   N  N   . PHE A 1 10  ? 7.295   15.009  -9.830  1.00 48.72 ? 4   PHE A N   1 
ATOM   40   C  CA  . PHE A 1 10  ? 5.910   14.856  -9.354  1.00 47.08 ? 4   PHE A CA  1 
ATOM   41   C  C   . PHE A 1 10  ? 5.915   14.212  -7.968  1.00 39.92 ? 4   PHE A C   1 
ATOM   42   O  O   . PHE A 1 10  ? 5.280   14.706  -7.053  1.00 43.66 ? 4   PHE A O   1 
ATOM   43   C  CB  . PHE A 1 10  ? 5.060   14.035  -10.326 1.00 48.83 ? 4   PHE A CB  1 
ATOM   44   C  CG  . PHE A 1 10  ? 3.803   13.513  -9.683  1.00 49.83 ? 4   PHE A CG  1 
ATOM   45   C  CD1 . PHE A 1 10  ? 2.760   14.372  -9.378  1.00 46.39 ? 4   PHE A CD1 1 
ATOM   46   C  CD2 . PHE A 1 10  ? 3.696   12.188  -9.313  1.00 44.85 ? 4   PHE A CD2 1 
ATOM   47   C  CE1 . PHE A 1 10  ? 1.620   13.905  -8.745  1.00 45.69 ? 4   PHE A CE1 1 
ATOM   48   C  CE2 . PHE A 1 10  ? 2.553   11.727  -8.678  1.00 46.47 ? 4   PHE A CE2 1 
ATOM   49   C  CZ  . PHE A 1 10  ? 1.520   12.587  -8.389  1.00 43.50 ? 4   PHE A CZ  1 
ATOM   50   N  N   . VAL A 1 11  ? 6.707   13.146  -7.835  1.00 42.50 ? 5   VAL A N   1 
ATOM   51   C  CA  . VAL A 1 11  ? 6.833   12.369  -6.619  1.00 40.79 ? 5   VAL A CA  1 
ATOM   52   C  C   . VAL A 1 11  ? 7.340   13.261  -5.475  1.00 50.05 ? 5   VAL A C   1 
ATOM   53   O  O   . VAL A 1 11  ? 6.813   13.243  -4.361  1.00 49.85 ? 5   VAL A O   1 
ATOM   54   C  CB  . VAL A 1 11  ? 7.774   11.181  -6.844  1.00 42.17 ? 5   VAL A CB  1 
ATOM   55   C  CG1 . VAL A 1 11  ? 8.070   10.449  -5.547  1.00 47.47 ? 5   VAL A CG1 1 
ATOM   56   C  CG2 . VAL A 1 11  ? 7.240   10.211  -7.882  1.00 44.68 ? 5   VAL A CG2 1 
ATOM   57   N  N   . ARG A 1 12  ? 8.383   14.043  -5.751  1.00 56.16 ? 6   ARG A N   1 
ATOM   58   C  CA  . ARG A 1 12  ? 8.991   14.866  -4.719  1.00 55.23 ? 6   ARG A CA  1 
ATOM   59   C  C   . ARG A 1 12  ? 8.025   15.973  -4.302  1.00 49.34 ? 6   ARG A C   1 
ATOM   60   O  O   . ARG A 1 12  ? 8.135   16.489  -3.232  1.00 54.17 ? 6   ARG A O   1 
ATOM   61   C  CB  . ARG A 1 12  ? 10.331  15.424  -5.206  1.00 57.38 ? 6   ARG A CB  1 
ATOM   62   C  CG  . ARG A 1 12  ? 11.336  14.328  -5.525  1.00 60.41 ? 6   ARG A CG  1 
ATOM   63   C  CD  . ARG A 1 12  ? 12.787  14.720  -5.333  1.00 65.32 ? 6   ARG A CD  1 
ATOM   64   N  NE  . ARG A 1 12  ? 13.588  13.729  -6.037  1.00 64.37 ? 6   ARG A NE  1 
ATOM   65   C  CZ  . ARG A 1 12  ? 13.992  12.575  -5.518  1.00 67.30 ? 6   ARG A CZ  1 
ATOM   66   N  NH1 . ARG A 1 12  ? 14.378  11.595  -6.320  1.00 68.94 ? 6   ARG A NH1 1 
ATOM   67   N  NH2 . ARG A 1 12  ? 14.004  12.404  -4.206  1.00 58.62 ? 6   ARG A NH2 1 
ATOM   68   N  N   . GLN A 1 13  ? 7.083   16.327  -5.168  1.00 55.91 ? 7   GLN A N   1 
ATOM   69   C  CA  . GLN A 1 13  ? 6.252   17.476  -4.933  1.00 56.95 ? 7   GLN A CA  1 
ATOM   70   C  C   . GLN A 1 13  ? 4.853   17.071  -4.474  1.00 57.77 ? 7   GLN A C   1 
ATOM   71   O  O   . GLN A 1 13  ? 4.114   17.936  -4.076  1.00 65.27 ? 7   GLN A O   1 
ATOM   72   C  CB  . GLN A 1 13  ? 6.208   18.325  -6.199  1.00 63.68 ? 7   GLN A CB  1 
ATOM   73   C  CG  . GLN A 1 13  ? 7.497   19.112  -6.405  1.00 71.91 ? 7   GLN A CG  1 
ATOM   74   C  CD  . GLN A 1 13  ? 7.900   19.309  -7.844  1.00 68.20 ? 7   GLN A CD  1 
ATOM   75   O  OE1 . GLN A 1 13  ? 7.064   19.407  -8.740  1.00 75.56 ? 7   GLN A OE1 1 
ATOM   76   N  NE2 . GLN A 1 13  ? 9.200   19.364  -8.073  1.00 68.28 ? 7   GLN A NE2 1 
ATOM   77   N  N   . CYS A 1 14  ? 4.482   15.784  -4.533  1.00 58.59 ? 8   CYS A N   1 
ATOM   78   C  CA  . CYS A 1 14  ? 3.100   15.395  -4.155  1.00 53.01 ? 8   CYS A CA  1 
ATOM   79   C  C   . CYS A 1 14  ? 3.073   14.416  -2.966  1.00 51.81 ? 8   CYS A C   1 
ATOM   80   O  O   . CYS A 1 14  ? 2.007   14.067  -2.486  1.00 60.42 ? 8   CYS A O   1 
ATOM   81   C  CB  . CYS A 1 14  ? 2.341   14.827  -5.350  1.00 59.71 ? 8   CYS A CB  1 
ATOM   82   S  SG  . CYS A 1 14  ? 0.726   15.606  -5.615  1.00 61.29 ? 8   CYS A SG  1 
ATOM   83   N  N   . PHE A 1 15  ? 4.236   13.973  -2.481  1.00 45.18 ? 9   PHE A N   1 
ATOM   84   C  CA  . PHE A 1 15  ? 4.303   13.129  -1.306  1.00 45.35 ? 9   PHE A CA  1 
ATOM   85   C  C   . PHE A 1 15  ? 5.194   13.798  -0.255  1.00 45.20 ? 9   PHE A C   1 
ATOM   86   O  O   . PHE A 1 15  ? 6.145   14.474  -0.624  1.00 47.41 ? 9   PHE A O   1 
ATOM   87   C  CB  . PHE A 1 15  ? 4.859   11.755  -1.676  1.00 41.96 ? 9   PHE A CB  1 
ATOM   88   C  CG  . PHE A 1 15  ? 3.947   10.966  -2.572  1.00 42.66 ? 9   PHE A CG  1 
ATOM   89   C  CD1 . PHE A 1 15  ? 2.862   10.280  -2.050  1.00 43.15 ? 9   PHE A CD1 1 
ATOM   90   C  CD2 . PHE A 1 15  ? 4.159   10.930  -3.935  1.00 41.96 ? 9   PHE A CD2 1 
ATOM   91   C  CE1 . PHE A 1 15  ? 2.018   9.556   -2.877  1.00 39.78 ? 9   PHE A CE1 1 
ATOM   92   C  CE2 . PHE A 1 15  ? 3.311   10.205  -4.756  1.00 43.68 ? 9   PHE A CE2 1 
ATOM   93   C  CZ  . PHE A 1 15  ? 2.245   9.526   -4.227  1.00 37.97 ? 9   PHE A CZ  1 
ATOM   94   N  N   . ASN A 1 16  ? 4.902   13.577  1.031   1.00 45.34 ? 10  ASN A N   1 
ATOM   95   C  CA  . ASN A 1 16  ? 5.668   14.214  2.083   1.00 53.64 ? 10  ASN A CA  1 
ATOM   96   C  C   . ASN A 1 16  ? 7.041   13.547  2.163   1.00 56.36 ? 10  ASN A C   1 
ATOM   97   O  O   . ASN A 1 16  ? 7.207   12.362  1.874   1.00 51.87 ? 10  ASN A O   1 
ATOM   98   C  CB  . ASN A 1 16  ? 4.937   14.272  3.425   1.00 57.92 ? 10  ASN A CB  1 
ATOM   99   C  CG  . ASN A 1 16  ? 5.102   13.027  4.260   1.00 65.95 ? 10  ASN A CG  1 
ATOM   100  O  OD1 . ASN A 1 16  ? 6.218   12.644  4.610   1.00 67.36 ? 10  ASN A OD1 1 
ATOM   101  N  ND2 . ASN A 1 16  ? 3.983   12.412  4.612   1.00 72.53 ? 10  ASN A ND2 1 
ATOM   102  N  N   . PRO A 1 17  ? 8.081   14.325  2.532   1.00 54.42 ? 11  PRO A N   1 
ATOM   103  C  CA  . PRO A 1 17  ? 9.459   13.837  2.518   1.00 49.04 ? 11  PRO A CA  1 
ATOM   104  C  C   . PRO A 1 17  ? 9.774   12.529  3.256   1.00 43.20 ? 11  PRO A C   1 
ATOM   105  O  O   . PRO A 1 17  ? 10.687  11.845  2.852   1.00 50.82 ? 11  PRO A O   1 
ATOM   106  C  CB  . PRO A 1 17  ? 10.220  15.003  3.167   1.00 52.29 ? 11  PRO A CB  1 
ATOM   107  C  CG  . PRO A 1 17  ? 9.423   16.208  2.749   1.00 54.79 ? 11  PRO A CG  1 
ATOM   108  C  CD  . PRO A 1 17  ? 7.988   15.753  2.887   1.00 54.78 ? 11  PRO A CD  1 
ATOM   109  N  N   . MET A 1 18  ? 9.070   12.192  4.341   1.00 45.25 ? 12  MET A N   1 
ATOM   110  C  CA  . MET A 1 18  ? 9.325   10.894  4.975   1.00 50.06 ? 12  MET A CA  1 
ATOM   111  C  C   . MET A 1 18  ? 8.955   9.778   3.984   1.00 44.14 ? 12  MET A C   1 
ATOM   112  O  O   . MET A 1 18  ? 9.684   8.802   3.859   1.00 45.60 ? 12  MET A O   1 
ATOM   113  C  CB  . MET A 1 18  ? 8.549   10.687  6.277   1.00 52.24 ? 12  MET A CB  1 
ATOM   114  C  CG  . MET A 1 18  ? 9.059   9.493   7.060   1.00 65.21 ? 12  MET A CG  1 
ATOM   115  S  SD  . MET A 1 18  ? 7.947   8.949   8.391   1.00 90.55 ? 12  MET A SD  1 
ATOM   116  C  CE  . MET A 1 18  ? 9.043   7.882   9.335   1.00 81.84 ? 12  MET A CE  1 
ATOM   117  N  N   . ILE A 1 19  ? 7.848   9.949   3.254   1.00 47.93 ? 13  ILE A N   1 
ATOM   118  C  CA  . ILE A 1 19  ? 7.375   8.885   2.340   1.00 49.34 ? 13  ILE A CA  1 
ATOM   119  C  C   . ILE A 1 19  ? 8.404   8.715   1.216   1.00 41.56 ? 13  ILE A C   1 
ATOM   120  O  O   . ILE A 1 19  ? 8.939   7.640   1.025   1.00 38.57 ? 13  ILE A O   1 
ATOM   121  C  CB  . ILE A 1 19  ? 5.941   9.154   1.840   1.00 48.82 ? 13  ILE A CB  1 
ATOM   122  C  CG1 . ILE A 1 19  ? 4.945   8.993   2.999   1.00 46.91 ? 13  ILE A CG1 1 
ATOM   123  C  CG2 . ILE A 1 19  ? 5.611   8.223   0.670   1.00 50.58 ? 13  ILE A CG2 1 
ATOM   124  C  CD1 . ILE A 1 19  ? 3.536   9.450   2.703   1.00 47.19 ? 13  ILE A CD1 1 
ATOM   125  N  N   . VAL A 1 20  ? 8.755   9.824   0.576   1.00 40.65 ? 14  VAL A N   1 
ATOM   126  C  CA  . VAL A 1 20  ? 9.767   9.827   -0.470  1.00 46.91 ? 14  VAL A CA  1 
ATOM   127  C  C   . VAL A 1 20  ? 11.050  9.128   0.023   1.00 48.38 ? 14  VAL A C   1 
ATOM   128  O  O   . VAL A 1 20  ? 11.609  8.271   -0.668  1.00 45.50 ? 14  VAL A O   1 
ATOM   129  C  CB  . VAL A 1 20  ? 10.078  11.259  -0.949  1.00 46.06 ? 14  VAL A CB  1 
ATOM   130  C  CG1 . VAL A 1 20  ? 11.142  11.258  -2.038  1.00 46.26 ? 14  VAL A CG1 1 
ATOM   131  C  CG2 . VAL A 1 20  ? 8.836   11.999  -1.420  1.00 45.72 ? 14  VAL A CG2 1 
ATOM   132  N  N   . GLU A 1 21  ? 11.543  9.536   1.196   1.00 45.75 ? 15  GLU A N   1 
ATOM   133  C  CA  . GLU A 1 21  ? 12.788  9.002   1.749   1.00 48.29 ? 15  GLU A CA  1 
ATOM   134  C  C   . GLU A 1 21  ? 12.709  7.486   1.889   1.00 43.11 ? 15  GLU A C   1 
ATOM   135  O  O   . GLU A 1 21  ? 13.627  6.756   1.510   1.00 41.80 ? 15  GLU A O   1 
ATOM   136  C  CB  . GLU A 1 21  ? 13.037  9.533   3.157   1.00 54.28 ? 15  GLU A CB  1 
ATOM   137  C  CG  . GLU A 1 21  ? 13.904  10.762  3.187   1.00 62.81 ? 15  GLU A CG  1 
ATOM   138  C  CD  . GLU A 1 21  ? 14.872  10.775  4.356   1.00 65.74 ? 15  GLU A CD  1 
ATOM   139  O  OE1 . GLU A 1 21  ? 15.197  11.878  4.821   1.00 71.02 ? 15  GLU A OE1 1 
ATOM   140  O  OE2 . GLU A 1 21  ? 15.306  9.681   4.784   1.00 69.85 ? 15  GLU A OE2 1 
ATOM   141  N  N   . LEU A 1 22  ? 11.625  7.043   2.523   1.00 43.52 ? 16  LEU A N   1 
ATOM   142  C  CA  . LEU A 1 22  ? 11.357  5.637   2.730   1.00 44.69 ? 16  LEU A CA  1 
ATOM   143  C  C   . LEU A 1 22  ? 11.310  4.897   1.382   1.00 48.15 ? 16  LEU A C   1 
ATOM   144  O  O   . LEU A 1 22  ? 12.001  3.868   1.213   1.00 47.84 ? 16  LEU A O   1 
ATOM   145  C  CB  . LEU A 1 22  ? 10.068  5.518   3.550   1.00 44.57 ? 16  LEU A CB  1 
ATOM   146  C  CG  . LEU A 1 22  ? 10.256  5.819   5.044   1.00 45.72 ? 16  LEU A CG  1 
ATOM   147  C  CD1 . LEU A 1 22  ? 8.932   5.997   5.766   1.00 47.48 ? 16  LEU A CD1 1 
ATOM   148  C  CD2 . LEU A 1 22  ? 11.061  4.724   5.724   1.00 45.93 ? 16  LEU A CD2 1 
ATOM   149  N  N   . ALA A 1 23  ? 10.583  5.452   0.398   1.00 49.81 ? 17  ALA A N   1 
ATOM   150  C  CA  . ALA A 1 23  ? 10.509  4.834   -0.936  1.00 49.68 ? 17  ALA A CA  1 
ATOM   151  C  C   . ALA A 1 23  ? 11.911  4.744   -1.557  1.00 46.67 ? 17  ALA A C   1 
ATOM   152  O  O   . ALA A 1 23  ? 12.339  3.667   -1.992  1.00 42.22 ? 17  ALA A O   1 
ATOM   153  C  CB  . ALA A 1 23  ? 9.552   5.592   -1.822  1.00 49.92 ? 17  ALA A CB  1 
ATOM   154  N  N   . GLU A 1 24  ? 12.619  5.875   -1.596  1.00 48.48 ? 18  GLU A N   1 
ATOM   155  C  CA  . GLU A 1 24  ? 13.978  5.922   -2.150  1.00 52.74 ? 18  GLU A CA  1 
ATOM   156  C  C   . GLU A 1 24  ? 14.866  4.882   -1.467  1.00 51.73 ? 18  GLU A C   1 
ATOM   157  O  O   . GLU A 1 24  ? 15.561  4.140   -2.143  1.00 58.50 ? 18  GLU A O   1 
ATOM   158  C  CB  . GLU A 1 24  ? 14.621  7.300   -2.004  1.00 54.42 ? 18  GLU A CB  1 
ATOM   159  C  CG  . GLU A 1 24  ? 14.484  8.121   -3.262  1.00 61.11 ? 18  GLU A CG  1 
ATOM   160  C  CD  . GLU A 1 24  ? 14.986  9.551   -3.207  1.00 65.09 ? 18  GLU A CD  1 
ATOM   161  O  OE1 . GLU A 1 24  ? 14.852  10.187  -2.144  1.00 60.58 ? 18  GLU A OE1 1 
ATOM   162  O  OE2 . GLU A 1 24  ? 15.466  10.037  -4.256  1.00 74.35 ? 18  GLU A OE2 1 
ATOM   163  N  N   . LYS A 1 25  ? 14.845  4.857   -0.133  1.00 54.88 ? 19  LYS A N   1 
ATOM   164  C  CA  . LYS A 1 25  ? 15.714  3.981   0.629   1.00 56.54 ? 19  LYS A CA  1 
ATOM   165  C  C   . LYS A 1 25  ? 15.500  2.553   0.123   1.00 56.31 ? 19  LYS A C   1 
ATOM   166  O  O   . LYS A 1 25  ? 16.435  1.923   -0.383  1.00 58.88 ? 19  LYS A O   1 
ATOM   167  C  CB  . LYS A 1 25  ? 15.452  4.147   2.130   1.00 64.78 ? 19  LYS A CB  1 
ATOM   168  C  CG  . LYS A 1 25  ? 15.980  3.021   3.014   1.00 75.98 ? 19  LYS A CG  1 
ATOM   169  C  CD  . LYS A 1 25  ? 15.975  3.332   4.510   1.00 80.86 ? 19  LYS A CD  1 
ATOM   170  C  CE  . LYS A 1 25  ? 17.357  3.542   5.096   1.00 82.25 ? 19  LYS A CE  1 
ATOM   171  N  NZ  . LYS A 1 25  ? 18.137  2.282   5.102   1.00 86.90 ? 19  LYS A NZ  1 
ATOM   172  N  N   . ALA A 1 26  ? 14.247  2.090   0.196   1.00 53.77 ? 20  ALA A N   1 
ATOM   173  C  CA  . ALA A 1 26  ? 13.857  0.744   -0.209  1.00 51.39 ? 20  ALA A CA  1 
ATOM   174  C  C   . ALA A 1 26  ? 14.388  0.448   -1.623  1.00 54.95 ? 20  ALA A C   1 
ATOM   175  O  O   . ALA A 1 26  ? 15.024  -0.572  -1.856  1.00 53.17 ? 20  ALA A O   1 
ATOM   176  C  CB  . ALA A 1 26  ? 12.352  0.604   -0.131  1.00 50.59 ? 20  ALA A CB  1 
ATOM   177  N  N   . MET A 1 27  ? 14.159  1.367   -2.562  1.00 50.25 ? 21  MET A N   1 
ATOM   178  C  CA  . MET A 1 27  ? 14.590  1.146   -3.937  1.00 52.71 ? 21  MET A CA  1 
ATOM   179  C  C   . MET A 1 27  ? 16.112  0.962   -3.990  1.00 54.49 ? 21  MET A C   1 
ATOM   180  O  O   . MET A 1 27  ? 16.592  -0.021  -4.567  1.00 53.24 ? 21  MET A O   1 
ATOM   181  C  CB  . MET A 1 27  ? 14.169  2.298   -4.846  1.00 49.94 ? 21  MET A CB  1 
ATOM   182  C  CG  . MET A 1 27  ? 12.703  2.254   -5.163  1.00 49.41 ? 21  MET A CG  1 
ATOM   183  S  SD  . MET A 1 27  ? 12.252  3.565   -6.298  1.00 47.17 ? 21  MET A SD  1 
ATOM   184  C  CE  . MET A 1 27  ? 12.462  2.654   -7.830  1.00 47.51 ? 21  MET A CE  1 
ATOM   185  N  N   . LYS A 1 28  ? 16.851  1.872   -3.347  1.00 56.05 ? 22  LYS A N   1 
ATOM   186  C  CA  . LYS A 1 28  ? 18.313  1.918   -3.474  1.00 64.68 ? 22  LYS A CA  1 
ATOM   187  C  C   . LYS A 1 28  ? 18.982  0.731   -2.754  1.00 65.95 ? 22  LYS A C   1 
ATOM   188  O  O   . LYS A 1 28  ? 20.039  0.303   -3.174  1.00 72.34 ? 22  LYS A O   1 
ATOM   189  C  CB  . LYS A 1 28  ? 18.827  3.292   -3.033  1.00 70.92 ? 22  LYS A CB  1 
ATOM   190  C  CG  . LYS A 1 28  ? 18.366  4.439   -3.934  1.00 76.95 ? 22  LYS A CG  1 
ATOM   191  C  CD  . LYS A 1 28  ? 19.042  5.767   -3.669  1.00 80.51 ? 22  LYS A CD  1 
ATOM   192  C  CE  . LYS A 1 28  ? 18.576  6.433   -2.391  1.00 90.77 ? 22  LYS A CE  1 
ATOM   193  N  NZ  . LYS A 1 28  ? 19.432  7.588   -2.027  1.00 94.73 ? 22  LYS A NZ  1 
ATOM   194  N  N   . GLU A 1 29  ? 18.358  0.166   -1.716  1.00 64.94 ? 23  GLU A N   1 
ATOM   195  C  CA  . GLU A 1 29  ? 18.875  -1.059  -1.067  1.00 66.47 ? 23  GLU A CA  1 
ATOM   196  C  C   . GLU A 1 29  ? 18.782  -2.274  -2.000  1.00 62.49 ? 23  GLU A C   1 
ATOM   197  O  O   . GLU A 1 29  ? 19.619  -3.165  -1.950  1.00 59.76 ? 23  GLU A O   1 
ATOM   198  C  CB  . GLU A 1 29  ? 18.099  -1.389  0.203   1.00 69.29 ? 23  GLU A CB  1 
ATOM   199  C  CG  . GLU A 1 29  ? 18.529  -0.582  1.408   1.00 72.15 ? 23  GLU A CG  1 
ATOM   200  C  CD  . GLU A 1 29  ? 17.818  -1.059  2.655   1.00 74.26 ? 23  GLU A CD  1 
ATOM   201  O  OE1 . GLU A 1 29  ? 18.500  -1.507  3.587   1.00 76.77 ? 23  GLU A OE1 1 
ATOM   202  O  OE2 . GLU A 1 29  ? 16.575  -1.017  2.660   1.00 81.94 ? 23  GLU A OE2 1 
ATOM   203  N  N   . TYR A 1 30  ? 17.756  -2.316  -2.843  1.00 64.22 ? 24  TYR A N   1 
ATOM   204  C  CA  . TYR A 1 30  ? 17.599  -3.431  -3.763  1.00 73.13 ? 24  TYR A CA  1 
ATOM   205  C  C   . TYR A 1 30  ? 18.022  -2.996  -5.178  1.00 71.02 ? 24  TYR A C   1 
ATOM   206  O  O   . TYR A 1 30  ? 17.570  -3.553  -6.160  1.00 73.46 ? 24  TYR A O   1 
ATOM   207  C  CB  . TYR A 1 30  ? 16.187  -3.997  -3.591  1.00 78.53 ? 24  TYR A CB  1 
ATOM   208  C  CG  . TYR A 1 30  ? 15.871  -4.270  -2.139  1.00 88.04 ? 24  TYR A CG  1 
ATOM   209  C  CD1 . TYR A 1 30  ? 16.461  -5.330  -1.465  1.00 90.21 ? 24  TYR A CD1 1 
ATOM   210  C  CD2 . TYR A 1 30  ? 15.037  -3.436  -1.409  1.00 95.57 ? 24  TYR A CD2 1 
ATOM   211  C  CE1 . TYR A 1 30  ? 16.211  -5.570  -0.122  1.00 90.39 ? 24  TYR A CE1 1 
ATOM   212  C  CE2 . TYR A 1 30  ? 14.774  -3.659  -0.064  1.00 90.78 ? 24  TYR A CE2 1 
ATOM   213  C  CZ  . TYR A 1 30  ? 15.367  -4.729  0.584   1.00 87.98 ? 24  TYR A CZ  1 
ATOM   214  O  OH  . TYR A 1 30  ? 15.113  -4.961  1.906   1.00 77.22 ? 24  TYR A OH  1 
ATOM   215  N  N   . GLY A 1 31  ? 18.932  -2.014  -5.257  1.00 70.17 ? 25  GLY A N   1 
ATOM   216  C  CA  . GLY A 1 31  ? 19.691  -1.691  -6.470  1.00 65.17 ? 25  GLY A CA  1 
ATOM   217  C  C   . GLY A 1 31  ? 18.872  -0.988  -7.543  1.00 69.70 ? 25  GLY A C   1 
ATOM   218  O  O   . GLY A 1 31  ? 19.258  -0.983  -8.714  1.00 65.09 ? 25  GLY A O   1 
ATOM   219  N  N   . GLU A 1 32  ? 17.766  -0.353  -7.141  1.00 69.22 ? 26  GLU A N   1 
ATOM   220  C  CA  . GLU A 1 32  ? 16.848  0.274   -8.064  1.00 62.60 ? 26  GLU A CA  1 
ATOM   221  C  C   . GLU A 1 32  ? 17.048  1.787   -8.029  1.00 56.78 ? 26  GLU A C   1 
ATOM   222  O  O   . GLU A 1 32  ? 17.123  2.383   -6.965  1.00 58.27 ? 26  GLU A O   1 
ATOM   223  C  CB  . GLU A 1 32  ? 15.415  -0.085  -7.687  1.00 64.09 ? 26  GLU A CB  1 
ATOM   224  C  CG  . GLU A 1 32  ? 15.229  -1.570  -7.491  1.00 67.20 ? 26  GLU A CG  1 
ATOM   225  C  CD  . GLU A 1 32  ? 13.958  -2.147  -8.083  1.00 71.67 ? 26  GLU A CD  1 
ATOM   226  O  OE1 . GLU A 1 32  ? 13.389  -3.047  -7.441  1.00 64.26 ? 26  GLU A OE1 1 
ATOM   227  O  OE2 . GLU A 1 32  ? 13.557  -1.719  -9.195  1.00 83.21 ? 26  GLU A OE2 1 
ATOM   228  N  N   . ASP A 1 33  ? 17.090  2.400   -9.210  1.00 53.01 ? 27  ASP A N   1 
ATOM   229  C  CA  . ASP A 1 33  ? 17.277  3.827   -9.310  1.00 54.72 ? 27  ASP A CA  1 
ATOM   230  C  C   . ASP A 1 33  ? 15.925  4.504   -9.513  1.00 49.33 ? 27  ASP A C   1 
ATOM   231  O  O   . ASP A 1 33  ? 15.284  4.316   -10.546 1.00 46.54 ? 27  ASP A O   1 
ATOM   232  C  CB  . ASP A 1 33  ? 18.258  4.180   -10.427 1.00 50.89 ? 27  ASP A CB  1 
ATOM   233  C  CG  . ASP A 1 33  ? 18.653  5.644   -10.453 1.00 52.79 ? 27  ASP A CG  1 
ATOM   234  O  OD1 . ASP A 1 33  ? 18.117  6.417   -9.645  1.00 56.46 ? 27  ASP A OD1 1 
ATOM   235  O  OD2 . ASP A 1 33  ? 19.487  6.005   -11.302 1.00 64.79 ? 27  ASP A OD2 1 
ATOM   236  N  N   . PRO A 1 34  ? 15.497  5.364   -8.563  1.00 50.05 ? 28  PRO A N   1 
ATOM   237  C  CA  . PRO A 1 34  ? 14.221  6.074   -8.665  1.00 51.22 ? 28  PRO A CA  1 
ATOM   238  C  C   . PRO A 1 34  ? 14.124  7.026   -9.859  1.00 49.99 ? 28  PRO A C   1 
ATOM   239  O  O   . PRO A 1 34  ? 13.022  7.352   -10.300 1.00 50.06 ? 28  PRO A O   1 
ATOM   240  C  CB  . PRO A 1 34  ? 14.146  6.899   -7.377  1.00 47.36 ? 28  PRO A CB  1 
ATOM   241  C  CG  . PRO A 1 34  ? 15.074  6.183   -6.428  1.00 49.16 ? 28  PRO A CG  1 
ATOM   242  C  CD  . PRO A 1 34  ? 16.196  5.674   -7.304  1.00 49.15 ? 28  PRO A CD  1 
ATOM   243  N  N   . LYS A 1 35  ? 15.281  7.441   -10.379 1.00 51.05 ? 29  LYS A N   1 
ATOM   244  C  CA  . LYS A 1 35  ? 15.321  8.350   -11.519 1.00 46.59 ? 29  LYS A CA  1 
ATOM   245  C  C   . LYS A 1 35  ? 15.064  7.542   -12.795 1.00 42.85 ? 29  LYS A C   1 
ATOM   246  O  O   . LYS A 1 35  ? 14.706  8.102   -13.814 1.00 51.12 ? 29  LYS A O   1 
ATOM   247  C  CB  . LYS A 1 35  ? 16.671  9.073   -11.567 1.00 51.58 ? 29  LYS A CB  1 
ATOM   248  C  CG  . LYS A 1 35  ? 17.169  9.608   -10.228 1.00 56.68 ? 29  LYS A CG  1 
ATOM   249  C  CD  . LYS A 1 35  ? 18.466  10.373  -10.333 1.00 65.98 ? 29  LYS A CD  1 
ATOM   250  C  CE  . LYS A 1 35  ? 18.286  11.794  -10.833 1.00 70.59 ? 29  LYS A CE  1 
ATOM   251  N  NZ  . LYS A 1 35  ? 18.085  12.734  -9.704  1.00 70.42 ? 29  LYS A NZ  1 
ATOM   252  N  N   . ILE A 1 36  ? 15.278  6.224   -12.727 1.00 45.05 ? 30  ILE A N   1 
ATOM   253  C  CA  . ILE A 1 36  ? 15.043  5.313   -13.865 1.00 50.17 ? 30  ILE A CA  1 
ATOM   254  C  C   . ILE A 1 36  ? 13.681  4.626   -13.733 1.00 48.63 ? 30  ILE A C   1 
ATOM   255  O  O   . ILE A 1 36  ? 12.914  4.586   -14.707 1.00 45.41 ? 30  ILE A O   1 
ATOM   256  C  CB  . ILE A 1 36  ? 16.173  4.268   -13.986 1.00 49.78 ? 30  ILE A CB  1 
ATOM   257  C  CG1 . ILE A 1 36  ? 17.550  4.933   -14.067 1.00 54.01 ? 30  ILE A CG1 1 
ATOM   258  C  CG2 . ILE A 1 36  ? 15.926  3.343   -15.165 1.00 48.41 ? 30  ILE A CG2 1 
ATOM   259  C  CD1 . ILE A 1 36  ? 17.622  6.100   -15.029 1.00 54.60 ? 30  ILE A CD1 1 
ATOM   260  N  N   . GLU A 1 37  ? 13.424  4.016   -12.569 1.00 46.15 ? 31  GLU A N   1 
ATOM   261  C  CA  . GLU A 1 37  ? 12.189  3.274   -12.356 1.00 44.23 ? 31  GLU A CA  1 
ATOM   262  C  C   . GLU A 1 37  ? 11.180  4.229   -11.700 1.00 43.14 ? 31  GLU A C   1 
ATOM   263  O  O   . GLU A 1 37  ? 10.785  4.050   -10.564 1.00 43.24 ? 31  GLU A O   1 
ATOM   264  C  CB  . GLU A 1 37  ? 12.482  1.998   -11.561 1.00 46.15 ? 31  GLU A CB  1 
ATOM   265  C  CG  . GLU A 1 37  ? 13.192  0.916   -12.379 1.00 54.14 ? 31  GLU A CG  1 
ATOM   266  C  CD  . GLU A 1 37  ? 12.443  0.485   -13.643 1.00 61.51 ? 31  GLU A CD  1 
ATOM   267  O  OE1 . GLU A 1 37  ? 12.943  0.775   -14.757 1.00 66.74 ? 31  GLU A OE1 1 
ATOM   268  O  OE2 . GLU A 1 37  ? 11.344  -0.117  -13.522 1.00 59.60 ? 31  GLU A OE2 1 
ATOM   269  N  N   . THR A 1 38  ? 10.814  5.277   -12.441 1.00 42.90 ? 32  THR A N   1 
ATOM   270  C  CA  . THR A 1 38  ? 10.092  6.406   -11.900 1.00 43.02 ? 32  THR A CA  1 
ATOM   271  C  C   . THR A 1 38  ? 8.634   6.010   -11.635 1.00 46.30 ? 32  THR A C   1 
ATOM   272  O  O   . THR A 1 38  ? 8.024   6.567   -10.710 1.00 42.45 ? 32  THR A O   1 
ATOM   273  C  CB  . THR A 1 38  ? 10.199  7.640   -12.806 1.00 44.46 ? 32  THR A CB  1 
ATOM   274  O  OG1 . THR A 1 38  ? 9.529   7.279   -14.012 1.00 48.33 ? 32  THR A OG1 1 
ATOM   275  C  CG2 . THR A 1 38  ? 11.624  8.104   -13.042 1.00 43.07 ? 32  THR A CG2 1 
ATOM   276  N  N   . ASN A 1 39  ? 8.099   5.063   -12.426 1.00 38.41 ? 33  ASN A N   1 
ATOM   277  C  CA  . ASN A 1 39  ? 6.749   4.545   -12.239 1.00 44.12 ? 33  ASN A CA  1 
ATOM   278  C  C   . ASN A 1 39  ? 6.704   3.709   -10.960 1.00 44.18 ? 33  ASN A C   1 
ATOM   279  O  O   . ASN A 1 39  ? 5.748   3.801   -10.189 1.00 40.01 ? 33  ASN A O   1 
ATOM   280  C  CB  . ASN A 1 39  ? 6.229   3.720   -13.423 1.00 46.07 ? 33  ASN A CB  1 
ATOM   281  C  CG  . ASN A 1 39  ? 5.793   4.566   -14.601 1.00 48.69 ? 33  ASN A CG  1 
ATOM   282  O  OD1 . ASN A 1 39  ? 5.713   5.790   -14.493 1.00 51.86 ? 33  ASN A OD1 1 
ATOM   283  N  ND2 . ASN A 1 39  ? 5.511   3.925   -15.731 1.00 49.25 ? 33  ASN A ND2 1 
ATOM   284  N  N   . LYS A 1 40  ? 7.760   2.924   -10.742 1.00 42.79 ? 34  LYS A N   1 
ATOM   285  C  CA  . LYS A 1 40  ? 7.918   2.094   -9.539  1.00 45.85 ? 34  LYS A CA  1 
ATOM   286  C  C   . LYS A 1 40  ? 7.941   2.960   -8.267  1.00 44.76 ? 34  LYS A C   1 
ATOM   287  O  O   . LYS A 1 40  ? 7.340   2.632   -7.251  1.00 45.88 ? 34  LYS A O   1 
ATOM   288  C  CB  . LYS A 1 40  ? 9.211   1.284   -9.641  1.00 48.09 ? 34  LYS A CB  1 
ATOM   289  C  CG  . LYS A 1 40  ? 9.380   0.217   -8.570  1.00 52.33 ? 34  LYS A CG  1 
ATOM   290  C  CD  . LYS A 1 40  ? 10.033  -1.022  -9.107  1.00 56.66 ? 34  LYS A CD  1 
ATOM   291  C  CE  . LYS A 1 40  ? 9.931   -2.193  -8.165  1.00 56.41 ? 34  LYS A CE  1 
ATOM   292  N  NZ  . LYS A 1 40  ? 10.817  -3.278  -8.635  1.00 60.36 ? 34  LYS A NZ  1 
ATOM   293  N  N   . PHE A 1 41  ? 8.677   4.059   -8.357  1.00 44.81 ? 35  PHE A N   1 
ATOM   294  C  CA  . PHE A 1 41  ? 8.871   5.017   -7.301  1.00 43.91 ? 35  PHE A CA  1 
ATOM   295  C  C   . PHE A 1 41  ? 7.506   5.618   -6.922  1.00 38.23 ? 35  PHE A C   1 
ATOM   296  O  O   . PHE A 1 41  ? 7.141   5.633   -5.752  1.00 41.18 ? 35  PHE A O   1 
ATOM   297  C  CB  . PHE A 1 41  ? 9.915   6.008   -7.826  1.00 44.24 ? 35  PHE A CB  1 
ATOM   298  C  CG  . PHE A 1 41  ? 10.396  7.102   -6.913  1.00 41.28 ? 35  PHE A CG  1 
ATOM   299  C  CD1 . PHE A 1 41  ? 10.532  6.897   -5.551  1.00 42.20 ? 35  PHE A CD1 1 
ATOM   300  C  CD2 . PHE A 1 41  ? 10.793  8.317   -7.455  1.00 42.76 ? 35  PHE A CD2 1 
ATOM   301  C  CE1 . PHE A 1 41  ? 11.033  7.906   -4.741  1.00 43.02 ? 35  PHE A CE1 1 
ATOM   302  C  CE2 . PHE A 1 41  ? 11.289  9.330   -6.647  1.00 43.41 ? 35  PHE A CE2 1 
ATOM   303  C  CZ  . PHE A 1 41  ? 11.410  9.118   -5.291  1.00 48.45 ? 35  PHE A CZ  1 
ATOM   304  N  N   . ALA A 1 42  ? 6.796   6.154   -7.923  1.00 36.08 ? 36  ALA A N   1 
ATOM   305  C  CA  . ALA A 1 42  ? 5.482   6.721   -7.762  1.00 34.42 ? 36  ALA A CA  1 
ATOM   306  C  C   . ALA A 1 42  ? 4.561   5.697   -7.095  1.00 35.69 ? 36  ALA A C   1 
ATOM   307  O  O   . ALA A 1 42  ? 3.814   6.050   -6.202  1.00 35.30 ? 36  ALA A O   1 
ATOM   308  C  CB  . ALA A 1 42  ? 4.938   7.168   -9.091  1.00 36.05 ? 36  ALA A CB  1 
ATOM   309  N  N   . ALA A 1 43  ? 4.665   4.420   -7.498  1.00 37.51 ? 37  ALA A N   1 
ATOM   310  C  CA  . ALA A 1 43  ? 3.783   3.373   -6.978  1.00 34.78 ? 37  ALA A CA  1 
ATOM   311  C  C   . ALA A 1 43  ? 4.136   3.078   -5.525  1.00 32.81 ? 37  ALA A C   1 
ATOM   312  O  O   . ALA A 1 43  ? 3.243   2.878   -4.720  1.00 28.79 ? 37  ALA A O   1 
ATOM   313  C  CB  . ALA A 1 43  ? 3.842   2.120   -7.810  1.00 36.40 ? 37  ALA A CB  1 
ATOM   314  N  N   . ILE A 1 44  ? 5.431   3.048   -5.199  1.00 38.05 ? 38  ILE A N   1 
ATOM   315  C  CA  . ILE A 1 44  ? 5.868   2.712   -3.825  1.00 41.46 ? 38  ILE A CA  1 
ATOM   316  C  C   . ILE A 1 44  ? 5.370   3.800   -2.851  1.00 38.48 ? 38  ILE A C   1 
ATOM   317  O  O   . ILE A 1 44  ? 4.739   3.507   -1.830  1.00 37.40 ? 38  ILE A O   1 
ATOM   318  C  CB  . ILE A 1 44  ? 7.391   2.508   -3.761  1.00 43.69 ? 38  ILE A CB  1 
ATOM   319  C  CG1 . ILE A 1 44  ? 7.800   1.179   -4.400  1.00 46.46 ? 38  ILE A CG1 1 
ATOM   320  C  CG2 . ILE A 1 44  ? 7.877   2.603   -2.324  1.00 44.97 ? 38  ILE A CG2 1 
ATOM   321  C  CD1 . ILE A 1 44  ? 9.242   1.102   -4.813  1.00 46.06 ? 38  ILE A CD1 1 
ATOM   322  N  N   . CYS A 1 45  ? 5.608   5.050   -3.219  1.00 36.16 ? 39  CYS A N   1 
ATOM   323  C  CA  . CYS A 1 45  ? 5.163   6.214   -2.454  1.00 37.68 ? 39  CYS A CA  1 
ATOM   324  C  C   . CYS A 1 45  ? 3.645   6.147   -2.279  1.00 38.83 ? 39  CYS A C   1 
ATOM   325  O  O   . CYS A 1 45  ? 3.134   6.334   -1.157  1.00 34.56 ? 39  CYS A O   1 
ATOM   326  C  CB  . CYS A 1 45  ? 5.519   7.519   -3.152  1.00 37.81 ? 39  CYS A CB  1 
ATOM   327  S  SG  . CYS A 1 45  ? 7.296   7.883   -3.161  1.00 41.64 ? 39  CYS A SG  1 
ATOM   328  N  N   . THR A 1 46  ? 2.945   5.865   -3.393  1.00 37.19 ? 40  THR A N   1 
ATOM   329  C  CA  . THR A 1 46  ? 1.507   5.909   -3.406  1.00 35.11 ? 40  THR A CA  1 
ATOM   330  C  C   . THR A 1 46  ? 0.995   4.901   -2.382  1.00 34.24 ? 40  THR A C   1 
ATOM   331  O  O   . THR A 1 46  ? 0.236   5.259   -1.511  1.00 34.88 ? 40  THR A O   1 
ATOM   332  C  CB  . THR A 1 46  ? 0.926   5.718   -4.814  1.00 38.71 ? 40  THR A CB  1 
ATOM   333  O  OG1 . THR A 1 46  ? 1.149   6.905   -5.588  1.00 36.01 ? 40  THR A OG1 1 
ATOM   334  C  CG2 . THR A 1 46  ? -0.571  5.491   -4.792  1.00 41.55 ? 40  THR A CG2 1 
ATOM   335  N  N   . HIS A 1 47  ? 1.475   3.659   -2.483  1.00 36.35 ? 41  HIS A N   1 
ATOM   336  C  CA  . HIS A 1 47  ? 1.104   2.569   -1.605  1.00 35.74 ? 41  HIS A CA  1 
ATOM   337  C  C   . HIS A 1 47  ? 1.506   2.828   -0.137  1.00 40.25 ? 41  HIS A C   1 
ATOM   338  O  O   . HIS A 1 47  ? 0.793   2.379   0.820   1.00 29.96 ? 41  HIS A O   1 
ATOM   339  C  CB  . HIS A 1 47  ? 1.786   1.294   -2.094  1.00 34.50 ? 41  HIS A CB  1 
ATOM   340  C  CG  . HIS A 1 47  ? 1.530   0.100   -1.242  1.00 33.89 ? 41  HIS A CG  1 
ATOM   341  N  ND1 . HIS A 1 47  ? 2.419   -0.313  -0.268  1.00 34.30 ? 41  HIS A ND1 1 
ATOM   342  C  CD2 . HIS A 1 47  ? 0.516   -0.785  -1.232  1.00 35.32 ? 41  HIS A CD2 1 
ATOM   343  C  CE1 . HIS A 1 47  ? 1.950   -1.392  0.328   1.00 33.80 ? 41  HIS A CE1 1 
ATOM   344  N  NE2 . HIS A 1 47  ? 0.790   -1.717  -0.259  1.00 35.18 ? 41  HIS A NE2 1 
ATOM   345  N  N   . LEU A 1 48  ? 2.678   3.455   0.062   1.00 37.91 ? 42  LEU A N   1 
ATOM   346  C  CA  . LEU A 1 48  ? 3.102   3.799   1.410   1.00 41.49 ? 42  LEU A CA  1 
ATOM   347  C  C   . LEU A 1 48  ? 2.075   4.764   2.017   1.00 40.36 ? 42  LEU A C   1 
ATOM   348  O  O   . LEU A 1 48  ? 1.642   4.604   3.149   1.00 37.91 ? 42  LEU A O   1 
ATOM   349  C  CB  . LEU A 1 48  ? 4.481   4.460   1.405   1.00 48.86 ? 42  LEU A CB  1 
ATOM   350  C  CG  . LEU A 1 48  ? 5.605   3.696   2.100   1.00 52.39 ? 42  LEU A CG  1 
ATOM   351  C  CD1 . LEU A 1 48  ? 6.840   4.584   2.250   1.00 55.17 ? 42  LEU A CD1 1 
ATOM   352  C  CD2 . LEU A 1 48  ? 5.173   3.181   3.463   1.00 50.22 ? 42  LEU A CD2 1 
ATOM   353  N  N   . GLU A 1 49  ? 1.709   5.779   1.240   1.00 36.93 ? 43  GLU A N   1 
ATOM   354  C  CA  . GLU A 1 49  ? 0.856   6.790   1.738   1.00 38.18 ? 43  GLU A CA  1 
ATOM   355  C  C   . GLU A 1 49  ? -0.501  6.203   2.136   1.00 40.90 ? 43  GLU A C   1 
ATOM   356  O  O   . GLU A 1 49  ? -1.083  6.612   3.154   1.00 40.22 ? 43  GLU A O   1 
ATOM   357  C  CB  . GLU A 1 49  ? 0.647   7.887   0.712   1.00 40.66 ? 43  GLU A CB  1 
ATOM   358  C  CG  . GLU A 1 49  ? -0.054  9.068   1.344   1.00 44.93 ? 43  GLU A CG  1 
ATOM   359  C  CD  . GLU A 1 49  ? -0.070  10.299  0.485   1.00 46.32 ? 43  GLU A CD  1 
ATOM   360  O  OE1 . GLU A 1 49  ? 0.068   10.155  -0.739  1.00 53.09 ? 43  GLU A OE1 1 
ATOM   361  O  OE2 . GLU A 1 49  ? -0.260  11.376  1.040   1.00 52.81 ? 43  GLU A OE2 1 
ATOM   362  N  N   . VAL A 1 50  ? -0.989  5.244   1.347   1.00 35.41 ? 44  VAL A N   1 
ATOM   363  C  CA  . VAL A 1 50  ? -2.251  4.606   1.637   1.00 32.79 ? 44  VAL A CA  1 
ATOM   364  C  C   . VAL A 1 50  ? -2.118  3.842   2.943   1.00 30.72 ? 44  VAL A C   1 
ATOM   365  O  O   . VAL A 1 50  ? -3.016  3.873   3.751   1.00 37.45 ? 44  VAL A O   1 
ATOM   366  C  CB  . VAL A 1 50  ? -2.752  3.682   0.505   1.00 31.66 ? 44  VAL A CB  1 
ATOM   367  C  CG1 . VAL A 1 50  ? -3.892  2.793   0.966   1.00 32.57 ? 44  VAL A CG1 1 
ATOM   368  C  CG2 . VAL A 1 50  ? -3.191  4.467   -0.704  1.00 33.49 ? 44  VAL A CG2 1 
ATOM   369  N  N   . CYS A 1 51  ? -1.035  3.095   3.106   1.00 33.61 ? 45  CYS A N   1 
ATOM   370  C  CA  . CYS A 1 51  ? -0.803  2.373   4.346   1.00 36.27 ? 45  CYS A CA  1 
ATOM   371  C  C   . CYS A 1 51  ? -0.852  3.312   5.570   1.00 41.29 ? 45  CYS A C   1 
ATOM   372  O  O   . CYS A 1 51  ? -1.485  2.997   6.597   1.00 37.72 ? 45  CYS A O   1 
ATOM   373  C  CB  . CYS A 1 51  ? 0.517   1.635   4.257   1.00 35.66 ? 45  CYS A CB  1 
ATOM   374  S  SG  . CYS A 1 51  ? 0.321   0.154   3.233   1.00 39.37 ? 45  CYS A SG  1 
ATOM   375  N  N   . PHE A 1 52  ? -0.180  4.458   5.461   1.00 39.74 ? 46  PHE A N   1 
ATOM   376  C  CA  . PHE A 1 52  ? -0.083  5.424   6.552   1.00 40.80 ? 46  PHE A CA  1 
ATOM   377  C  C   . PHE A 1 52  ? -1.470  6.001   6.819   1.00 41.54 ? 46  PHE A C   1 
ATOM   378  O  O   . PHE A 1 52  ? -1.904  6.032   7.965   1.00 47.05 ? 46  PHE A O   1 
ATOM   379  C  CB  . PHE A 1 52  ? 0.929   6.523   6.218   1.00 39.42 ? 46  PHE A CB  1 
ATOM   380  C  CG  . PHE A 1 52  ? 2.367   6.090   6.279   1.00 41.77 ? 46  PHE A CG  1 
ATOM   381  C  CD1 . PHE A 1 52  ? 2.733   4.854   6.793   1.00 46.51 ? 46  PHE A CD1 1 
ATOM   382  C  CD2 . PHE A 1 52  ? 3.372   6.936   5.842   1.00 47.16 ? 46  PHE A CD2 1 
ATOM   383  C  CE1 . PHE A 1 52  ? 4.065   4.462   6.829   1.00 46.97 ? 46  PHE A CE1 1 
ATOM   384  C  CE2 . PHE A 1 52  ? 4.705   6.555   5.911   1.00 43.51 ? 46  PHE A CE2 1 
ATOM   385  C  CZ  . PHE A 1 52  ? 5.050   5.322   6.401   1.00 43.23 ? 46  PHE A CZ  1 
ATOM   386  N  N   . MET A 1 53  ? -2.171  6.387   5.744   1.00 40.23 ? 47  MET A N   1 
ATOM   387  C  CA  . MET A 1 53  ? -3.482  6.948   5.865   1.00 40.18 ? 47  MET A CA  1 
ATOM   388  C  C   . MET A 1 53  ? -4.435  5.954   6.549   1.00 46.18 ? 47  MET A C   1 
ATOM   389  O  O   . MET A 1 53  ? -5.277  6.392   7.341   1.00 43.66 ? 47  MET A O   1 
ATOM   390  C  CB  . MET A 1 53  ? -4.076  7.312   4.509   1.00 42.69 ? 47  MET A CB  1 
ATOM   391  C  CG  . MET A 1 53  ? -3.612  8.612   3.970   1.00 41.02 ? 47  MET A CG  1 
ATOM   392  S  SD  . MET A 1 53  ? -4.304  8.854   2.327   1.00 43.66 ? 47  MET A SD  1 
ATOM   393  C  CE  . MET A 1 53  ? -5.941  9.464   2.731   1.00 47.03 ? 47  MET A CE  1 
ATOM   394  N  N   . TYR A 1 54  ? -4.333  4.655   6.199   1.00 38.55 ? 48  TYR A N   1 
ATOM   395  C  CA  . TYR A 1 54  ? -5.183  3.602   6.738   1.00 39.17 ? 48  TYR A CA  1 
ATOM   396  C  C   . TYR A 1 54  ? -4.971  3.490   8.258   1.00 40.36 ? 48  TYR A C   1 
ATOM   397  O  O   . TYR A 1 54  ? -5.930  3.500   9.013   1.00 37.53 ? 48  TYR A O   1 
ATOM   398  C  CB  . TYR A 1 54  ? -4.878  2.282   6.025   1.00 40.33 ? 48  TYR A CB  1 
ATOM   399  C  CG  . TYR A 1 54  ? -5.973  1.247   5.954   1.00 38.91 ? 48  TYR A CG  1 
ATOM   400  C  CD1 . TYR A 1 54  ? -6.360  0.506   7.062   1.00 42.98 ? 48  TYR A CD1 1 
ATOM   401  C  CD2 . TYR A 1 54  ? -6.521  0.898   4.731   1.00 40.67 ? 48  TYR A CD2 1 
ATOM   402  C  CE1 . TYR A 1 54  ? -7.295  -0.517  6.972   1.00 39.44 ? 48  TYR A CE1 1 
ATOM   403  C  CE2 . TYR A 1 54  ? -7.477  -0.104  4.624   1.00 42.70 ? 48  TYR A CE2 1 
ATOM   404  C  CZ  . TYR A 1 54  ? -7.870  -0.810  5.747   1.00 41.86 ? 48  TYR A CZ  1 
ATOM   405  O  OH  . TYR A 1 54  ? -8.816  -1.788  5.618   1.00 42.57 ? 48  TYR A OH  1 
ATOM   406  N  N   . SER A 1 55  ? -3.715  3.401   8.705   1.00 44.59 ? 49  SER A N   1 
ATOM   407  C  CA  . SER A 1 55  ? -3.401  3.337   10.150  1.00 47.80 ? 49  SER A CA  1 
ATOM   408  C  C   . SER A 1 55  ? -3.838  4.621   10.886  1.00 43.59 ? 49  SER A C   1 
ATOM   409  O  O   . SER A 1 55  ? -4.315  4.571   12.008  1.00 52.97 ? 49  SER A O   1 
ATOM   410  C  CB  . SER A 1 55  ? -1.946  3.052   10.366  1.00 48.29 ? 49  SER A CB  1 
ATOM   411  O  OG  . SER A 1 55  ? -1.168  4.115   9.857   1.00 57.14 ? 49  SER A OG  1 
ATOM   412  N  N   . ASP A 1 56  ? -3.697  5.779   10.250  1.00 45.97 ? 50  ASP A N   1 
ATOM   413  C  CA  . ASP A 1 56  ? -4.040  7.028   10.885  1.00 53.39 ? 50  ASP A CA  1 
ATOM   414  C  C   . ASP A 1 56  ? -5.527  7.027   11.233  1.00 59.64 ? 50  ASP A C   1 
ATOM   415  O  O   . ASP A 1 56  ? -5.899  7.497   12.284  1.00 65.74 ? 50  ASP A O   1 
ATOM   416  C  CB  . ASP A 1 56  ? -3.675  8.230   10.015  1.00 55.62 ? 50  ASP A CB  1 
ATOM   417  C  CG  . ASP A 1 56  ? -2.181  8.510   9.978   1.00 62.30 ? 50  ASP A CG  1 
ATOM   418  O  OD1 . ASP A 1 56  ? -1.419  7.849   10.738  1.00 68.50 ? 50  ASP A OD1 1 
ATOM   419  O  OD2 . ASP A 1 56  ? -1.782  9.378   9.185   1.00 67.60 ? 50  ASP A OD2 1 
ATOM   420  N  N   . PHE A 1 57  ? -6.355  6.416   10.386  1.00 66.96 ? 51  PHE A N   1 
ATOM   421  C  CA  . PHE A 1 57  ? -7.804  6.459   10.572  1.00 67.52 ? 51  PHE A CA  1 
ATOM   422  C  C   . PHE A 1 57  ? -8.247  5.511   11.696  1.00 67.19 ? 51  PHE A C   1 
ATOM   423  O  O   . PHE A 1 57  ? -9.425  5.231   11.820  1.00 69.00 ? 51  PHE A O   1 
ATOM   424  C  CB  . PHE A 1 57  ? -8.517  6.208   9.240   1.00 68.37 ? 51  PHE A CB  1 
ATOM   425  C  CG  . PHE A 1 57  ? -8.292  7.282   8.204   1.00 68.91 ? 51  PHE A CG  1 
ATOM   426  C  CD1 . PHE A 1 57  ? -8.414  8.627   8.526   1.00 75.44 ? 51  PHE A CD1 1 
ATOM   427  C  CD2 . PHE A 1 57  ? -7.973  6.954   6.895   1.00 72.02 ? 51  PHE A CD2 1 
ATOM   428  C  CE1 . PHE A 1 57  ? -8.203  9.612   7.572   1.00 78.39 ? 51  PHE A CE1 1 
ATOM   429  C  CE2 . PHE A 1 57  ? -7.765  7.943   5.941   1.00 69.19 ? 51  PHE A CE2 1 
ATOM   430  C  CZ  . PHE A 1 57  ? -7.877  9.270   6.280   1.00 72.82 ? 51  PHE A CZ  1 
ATOM   431  N  N   . GLY A 1 58  ? -7.311  5.085   12.550  1.00 69.81 ? 52  GLY A N   1 
ATOM   432  C  CA  . GLY A 1 58  ? -7.632  4.369   13.776  1.00 69.43 ? 52  GLY A CA  1 
ATOM   433  C  C   . GLY A 1 58  ? -6.461  4.382   14.740  1.00 75.73 ? 52  GLY A C   1 
ATOM   434  O  O   . GLY A 1 58  ? -6.288  5.337   15.496  1.00 82.67 ? 52  GLY A O   1 
ATOM   435  N  N   . HIS A 1 68  ? -5.105  3.883   18.473  1.00 77.04 ? 74  HIS A N   1 
ATOM   436  C  CA  . HIS A 1 68  ? -4.152  2.834   18.115  1.00 72.83 ? 74  HIS A CA  1 
ATOM   437  C  C   . HIS A 1 68  ? -4.909  1.566   17.679  1.00 67.77 ? 74  HIS A C   1 
ATOM   438  O  O   . HIS A 1 68  ? -4.702  0.485   18.241  1.00 69.00 ? 74  HIS A O   1 
ATOM   439  C  CB  . HIS A 1 68  ? -3.191  2.593   19.297  1.00 78.77 ? 74  HIS A CB  1 
ATOM   440  C  CG  . HIS A 1 68  ? -1.922  1.876   18.951  1.00 85.84 ? 74  HIS A CG  1 
ATOM   441  N  ND1 . HIS A 1 68  ? -1.107  2.260   17.893  1.00 87.43 ? 74  HIS A ND1 1 
ATOM   442  C  CD2 . HIS A 1 68  ? -1.301  0.826   19.536  1.00 90.12 ? 74  HIS A CD2 1 
ATOM   443  C  CE1 . HIS A 1 68  ? -0.058  1.462   17.834  1.00 87.29 ? 74  HIS A CE1 1 
ATOM   444  N  NE2 . HIS A 1 68  ? -0.150  0.576   18.832  1.00 86.35 ? 74  HIS A NE2 1 
ATOM   445  N  N   . ARG A 1 69  ? -5.796  1.693   16.681  1.00 59.03 ? 75  ARG A N   1 
ATOM   446  C  CA  . ARG A 1 69  ? -6.502  0.525   16.137  1.00 52.01 ? 75  ARG A CA  1 
ATOM   447  C  C   . ARG A 1 69  ? -5.529  -0.346  15.335  1.00 51.95 ? 75  ARG A C   1 
ATOM   448  O  O   . ARG A 1 69  ? -5.622  -1.549  15.398  1.00 49.56 ? 75  ARG A O   1 
ATOM   449  C  CB  . ARG A 1 69  ? -7.696  0.860   15.239  1.00 48.74 ? 75  ARG A CB  1 
ATOM   450  C  CG  . ARG A 1 69  ? -8.308  -0.399  14.640  1.00 48.92 ? 75  ARG A CG  1 
ATOM   451  C  CD  . ARG A 1 69  ? -9.624  -0.252  13.907  1.00 49.87 ? 75  ARG A CD  1 
ATOM   452  N  NE  . ARG A 1 69  ? -10.069 -1.561  13.431  1.00 46.26 ? 75  ARG A NE  1 
ATOM   453  C  CZ  . ARG A 1 69  ? -11.173 -1.771  12.730  1.00 46.14 ? 75  ARG A CZ  1 
ATOM   454  N  NH1 . ARG A 1 69  ? -11.929 -0.752  12.374  1.00 48.34 ? 75  ARG A NH1 1 
ATOM   455  N  NH2 . ARG A 1 69  ? -11.533 -2.996  12.402  1.00 49.76 ? 75  ARG A NH2 1 
ATOM   456  N  N   . PHE A 1 70  ? -4.591  0.282   14.614  1.00 53.74 ? 76  PHE A N   1 
ATOM   457  C  CA  . PHE A 1 70  ? -3.763  -0.402  13.646  1.00 46.10 ? 76  PHE A CA  1 
ATOM   458  C  C   . PHE A 1 70  ? -2.289  -0.335  14.032  1.00 48.48 ? 76  PHE A C   1 
ATOM   459  O  O   . PHE A 1 70  ? -1.811  0.682   14.479  1.00 57.07 ? 76  PHE A O   1 
ATOM   460  C  CB  . PHE A 1 70  ? -3.983  0.212   12.269  1.00 45.60 ? 76  PHE A CB  1 
ATOM   461  C  CG  . PHE A 1 70  ? -5.387  0.027   11.758  1.00 46.26 ? 76  PHE A CG  1 
ATOM   462  C  CD1 . PHE A 1 70  ? -5.852  -1.234  11.425  1.00 44.38 ? 76  PHE A CD1 1 
ATOM   463  C  CD2 . PHE A 1 70  ? -6.242  1.110   11.616  1.00 47.14 ? 76  PHE A CD2 1 
ATOM   464  C  CE1 . PHE A 1 70  ? -7.135  -1.408  10.931  1.00 46.24 ? 76  PHE A CE1 1 
ATOM   465  C  CE2 . PHE A 1 70  ? -7.535  0.930   11.147  1.00 48.79 ? 76  PHE A CE2 1 
ATOM   466  C  CZ  . PHE A 1 70  ? -7.977  -0.326  10.800  1.00 49.15 ? 76  PHE A CZ  1 
ATOM   467  N  N   . GLU A 1 71  ? -1.579  -1.445  13.837  1.00 45.96 ? 77  GLU A N   1 
ATOM   468  C  CA  . GLU A 1 71  ? -0.133  -1.458  13.872  1.00 46.89 ? 77  GLU A CA  1 
ATOM   469  C  C   . GLU A 1 71  ? 0.399   -1.366  12.434  1.00 49.05 ? 77  GLU A C   1 
ATOM   470  O  O   . GLU A 1 71  ? 0.008   -2.122  11.574  1.00 48.51 ? 77  GLU A O   1 
ATOM   471  C  CB  . GLU A 1 71  ? 0.370   -2.743  14.524  1.00 51.59 ? 77  GLU A CB  1 
ATOM   472  C  CG  . GLU A 1 71  ? 1.831   -2.672  14.917  1.00 54.59 ? 77  GLU A CG  1 
ATOM   473  C  CD  . GLU A 1 71  ? 2.057   -1.614  15.975  1.00 55.92 ? 77  GLU A CD  1 
ATOM   474  O  OE1 . GLU A 1 71  ? 1.396   -1.689  17.058  1.00 49.90 ? 77  GLU A OE1 1 
ATOM   475  O  OE2 . GLU A 1 71  ? 2.809   -0.685  15.673  1.00 51.98 ? 77  GLU A OE2 1 
ATOM   476  N  N   . ILE A 1 72  ? 1.330   -0.445  12.196  1.00 49.03 ? 78  ILE A N   1 
ATOM   477  C  CA  . ILE A 1 72  ? 1.894   -0.252  10.886  1.00 46.66 ? 78  ILE A CA  1 
ATOM   478  C  C   . ILE A 1 72  ? 3.096   -1.191  10.732  1.00 49.63 ? 78  ILE A C   1 
ATOM   479  O  O   . ILE A 1 72  ? 4.024   -1.158  11.544  1.00 48.45 ? 78  ILE A O   1 
ATOM   480  C  CB  . ILE A 1 72  ? 2.270   1.222   10.656  1.00 49.93 ? 78  ILE A CB  1 
ATOM   481  C  CG1 . ILE A 1 72  ? 2.904   1.397   9.278   1.00 56.23 ? 78  ILE A CG1 1 
ATOM   482  C  CG2 . ILE A 1 72  ? 3.171   1.774   11.751  1.00 53.54 ? 78  ILE A CG2 1 
ATOM   483  C  CD1 . ILE A 1 72  ? 2.015   0.958   8.131   1.00 58.34 ? 78  ILE A CD1 1 
ATOM   484  N  N   . ILE A 1 73  ? 3.077   -2.035  9.694   1.00 44.53 ? 79  ILE A N   1 
ATOM   485  C  CA  . ILE A 1 73  ? 4.186   -2.968  9.445   1.00 42.98 ? 79  ILE A CA  1 
ATOM   486  C  C   . ILE A 1 73  ? 4.979   -2.498  8.224   1.00 40.48 ? 79  ILE A C   1 
ATOM   487  O  O   . ILE A 1 73  ? 6.206   -2.536  8.206   1.00 40.14 ? 79  ILE A O   1 
ATOM   488  C  CB  . ILE A 1 73  ? 3.645   -4.399  9.291   1.00 45.53 ? 79  ILE A CB  1 
ATOM   489  C  CG1 . ILE A 1 73  ? 2.959   -4.848  10.581  1.00 48.55 ? 79  ILE A CG1 1 
ATOM   490  C  CG2 . ILE A 1 73  ? 4.744   -5.372  8.875   1.00 45.11 ? 79  ILE A CG2 1 
ATOM   491  C  CD1 . ILE A 1 73  ? 1.840   -5.816  10.353  1.00 52.20 ? 79  ILE A CD1 1 
ATOM   492  N  N   . GLU A 1 74  ? 4.252   -2.070  7.196   1.00 41.12 ? 80  GLU A N   1 
ATOM   493  C  CA  . GLU A 1 74  ? 4.837   -1.528  5.995   1.00 41.17 ? 80  GLU A CA  1 
ATOM   494  C  C   . GLU A 1 74  ? 5.564   -0.234  6.379   1.00 44.73 ? 80  GLU A C   1 
ATOM   495  O  O   . GLU A 1 74  ? 5.084   0.513   7.238   1.00 41.27 ? 80  GLU A O   1 
ATOM   496  C  CB  . GLU A 1 74  ? 3.738   -1.296  4.955   1.00 40.29 ? 80  GLU A CB  1 
ATOM   497  C  CG  . GLU A 1 74  ? 4.238   -0.824  3.597   1.00 42.61 ? 80  GLU A CG  1 
ATOM   498  C  CD  . GLU A 1 74  ? 5.111   -1.820  2.863   1.00 44.55 ? 80  GLU A CD  1 
ATOM   499  O  OE1 . GLU A 1 74  ? 6.337   -1.651  2.934   1.00 49.89 ? 80  GLU A OE1 1 
ATOM   500  O  OE2 . GLU A 1 74  ? 4.571   -2.745  2.203   1.00 43.25 ? 80  GLU A OE2 1 
ATOM   501  N  N   . GLY A 1 75  ? 6.719   0.007   5.751   1.00 42.66 ? 81  GLY A N   1 
ATOM   502  C  CA  . GLY A 1 75  ? 7.468   1.231   5.972   1.00 48.81 ? 81  GLY A CA  1 
ATOM   503  C  C   . GLY A 1 75  ? 8.597   1.098   6.993   1.00 49.06 ? 81  GLY A C   1 
ATOM   504  O  O   . GLY A 1 75  ? 9.327   2.059   7.206   1.00 59.71 ? 81  GLY A O   1 
ATOM   505  N  N   . ARG A 1 76  ? 8.745   -0.070  7.621   1.00 46.84 ? 82  ARG A N   1 
ATOM   506  C  CA  . ARG A 1 76  ? 9.855   -0.344  8.533   1.00 47.97 ? 82  ARG A CA  1 
ATOM   507  C  C   . ARG A 1 76  ? 10.842  -1.273  7.840   1.00 47.20 ? 82  ARG A C   1 
ATOM   508  O  O   . ARG A 1 76  ? 10.467  -1.974  6.918   1.00 46.32 ? 82  ARG A O   1 
ATOM   509  C  CB  . ARG A 1 76  ? 9.405   -1.064  9.804   1.00 48.79 ? 82  ARG A CB  1 
ATOM   510  C  CG  . ARG A 1 76  ? 8.121   -0.536  10.417  1.00 52.33 ? 82  ARG A CG  1 
ATOM   511  C  CD  . ARG A 1 76  ? 7.749   -1.453  11.561  1.00 55.06 ? 82  ARG A CD  1 
ATOM   512  N  NE  . ARG A 1 76  ? 6.580   -0.973  12.274  1.00 61.01 ? 82  ARG A NE  1 
ATOM   513  C  CZ  . ARG A 1 76  ? 6.575   -0.440  13.492  1.00 60.42 ? 82  ARG A CZ  1 
ATOM   514  N  NH1 . ARG A 1 76  ? 7.705   -0.244  14.155  1.00 55.37 ? 82  ARG A NH1 1 
ATOM   515  N  NH2 . ARG A 1 76  ? 5.417   -0.135  14.052  1.00 60.52 ? 82  ARG A NH2 1 
ATOM   516  N  N   . ASP A 1 77  ? 12.076  -1.329  8.352   1.00 55.54 ? 83  ASP A N   1 
ATOM   517  C  CA  . ASP A 1 77  ? 13.052  -2.311  7.871   1.00 53.07 ? 83  ASP A CA  1 
ATOM   518  C  C   . ASP A 1 77  ? 12.571  -3.706  8.303   1.00 53.67 ? 83  ASP A C   1 
ATOM   519  O  O   . ASP A 1 77  ? 11.714  -3.856  9.194   1.00 52.85 ? 83  ASP A O   1 
ATOM   520  C  CB  . ASP A 1 77  ? 14.471  -1.972  8.330   1.00 56.05 ? 83  ASP A CB  1 
ATOM   521  C  CG  . ASP A 1 77  ? 14.708  -2.267  9.796   1.00 55.59 ? 83  ASP A CG  1 
ATOM   522  O  OD1 . ASP A 1 77  ? 14.485  -1.374  10.598  1.00 66.03 ? 83  ASP A OD1 1 
ATOM   523  O  OD2 . ASP A 1 77  ? 15.050  -3.408  10.114  1.00 66.03 ? 83  ASP A OD2 1 
ATOM   524  N  N   . ARG A 1 78  ? 13.114  -4.731  7.643   1.00 53.36 ? 84  ARG A N   1 
ATOM   525  C  CA  . ARG A 1 78  ? 12.602  -6.093  7.756   1.00 57.44 ? 84  ARG A CA  1 
ATOM   526  C  C   . ARG A 1 78  ? 12.741  -6.619  9.192   1.00 53.27 ? 84  ARG A C   1 
ATOM   527  O  O   . ARG A 1 78  ? 11.853  -7.336  9.685   1.00 50.39 ? 84  ARG A O   1 
ATOM   528  C  CB  . ARG A 1 78  ? 13.298  -7.004  6.738   1.00 59.67 ? 84  ARG A CB  1 
ATOM   529  C  CG  . ARG A 1 78  ? 12.532  -7.136  5.431   1.00 58.75 ? 84  ARG A CG  1 
ATOM   530  C  CD  . ARG A 1 78  ? 13.425  -7.057  4.221   1.00 61.98 ? 84  ARG A CD  1 
ATOM   531  N  NE  . ARG A 1 78  ? 12.617  -7.166  3.021   1.00 64.68 ? 84  ARG A NE  1 
ATOM   532  C  CZ  . ARG A 1 78  ? 13.107  -7.338  1.802   1.00 73.29 ? 84  ARG A CZ  1 
ATOM   533  N  NH1 . ARG A 1 78  ? 12.290  -7.388  0.766   1.00 82.29 ? 84  ARG A NH1 1 
ATOM   534  N  NH2 . ARG A 1 78  ? 14.409  -7.467  1.620   1.00 78.66 ? 84  ARG A NH2 1 
ATOM   535  N  N   . ILE A 1 79  ? 13.836  -6.239  9.855   1.00 49.53 ? 85  ILE A N   1 
ATOM   536  C  CA  . ILE A 1 79  ? 14.116  -6.641  11.236  1.00 49.52 ? 85  ILE A CA  1 
ATOM   537  C  C   . ILE A 1 79  ? 12.990  -6.131  12.141  1.00 46.62 ? 85  ILE A C   1 
ATOM   538  O  O   . ILE A 1 79  ? 12.438  -6.890  12.924  1.00 43.69 ? 85  ILE A O   1 
ATOM   539  C  CB  . ILE A 1 79  ? 15.505  -6.141  11.684  1.00 52.17 ? 85  ILE A CB  1 
ATOM   540  C  CG1 . ILE A 1 79  ? 16.621  -6.858  10.916  1.00 53.38 ? 85  ILE A CG1 1 
ATOM   541  C  CG2 . ILE A 1 79  ? 15.688  -6.276  13.191  1.00 50.63 ? 85  ILE A CG2 1 
ATOM   542  C  CD1 . ILE A 1 79  ? 17.934  -6.121  10.892  1.00 56.10 ? 85  ILE A CD1 1 
ATOM   543  N  N   . MET A 1 80  ? 12.649  -4.850  11.997  1.00 48.85 ? 86  MET A N   1 
ATOM   544  C  CA  . MET A 1 80  ? 11.633  -4.238  12.840  1.00 52.10 ? 86  MET A CA  1 
ATOM   545  C  C   . MET A 1 80  ? 10.250  -4.798  12.479  1.00 48.43 ? 86  MET A C   1 
ATOM   546  O  O   . MET A 1 80  ? 9.428   -5.036  13.363  1.00 50.29 ? 86  MET A O   1 
ATOM   547  C  CB  . MET A 1 80  ? 11.632  -2.709  12.718  1.00 52.39 ? 86  MET A CB  1 
ATOM   548  C  CG  . MET A 1 80  ? 12.651  -2.030  13.615  1.00 58.28 ? 86  MET A CG  1 
ATOM   549  S  SD  . MET A 1 80  ? 12.628  -2.634  15.337  1.00 72.02 ? 86  MET A SD  1 
ATOM   550  C  CE  . MET A 1 80  ? 10.911  -2.441  15.811  1.00 59.03 ? 86  MET A CE  1 
ATOM   551  N  N   . ALA A 1 81  ? 9.998   -4.992  11.183  1.00 46.82 ? 87  ALA A N   1 
ATOM   552  C  CA  . ALA A 1 81  ? 8.710   -5.517  10.708  1.00 47.32 ? 87  ALA A CA  1 
ATOM   553  C  C   . ALA A 1 81  ? 8.433   -6.895  11.318  1.00 42.72 ? 87  ALA A C   1 
ATOM   554  O  O   . ALA A 1 81  ? 7.326   -7.158  11.821  1.00 44.31 ? 87  ALA A O   1 
ATOM   555  C  CB  . ALA A 1 81  ? 8.707   -5.577  9.201   1.00 49.75 ? 87  ALA A CB  1 
ATOM   556  N  N   . TRP A 1 82  ? 9.451   -7.762  11.271  1.00 43.12 ? 88  TRP A N   1 
ATOM   557  C  CA  . TRP A 1 82  ? 9.346   -9.122  11.758  1.00 41.64 ? 88  TRP A CA  1 
ATOM   558  C  C   . TRP A 1 82  ? 9.279   -9.118  13.286  1.00 45.49 ? 88  TRP A C   1 
ATOM   559  O  O   . TRP A 1 82  ? 8.494   -9.863  13.844  1.00 46.47 ? 88  TRP A O   1 
ATOM   560  C  CB  . TRP A 1 82  ? 10.482  -9.995  11.209  1.00 42.85 ? 88  TRP A CB  1 
ATOM   561  C  CG  . TRP A 1 82  ? 10.184  -10.513 9.833   1.00 42.82 ? 88  TRP A CG  1 
ATOM   562  C  CD1 . TRP A 1 82  ? 10.859  -10.254 8.676   1.00 42.33 ? 88  TRP A CD1 1 
ATOM   563  C  CD2 . TRP A 1 82  ? 9.063   -11.332 9.459   1.00 42.02 ? 88  TRP A CD2 1 
ATOM   564  N  NE1 . TRP A 1 82  ? 10.264  -10.889 7.621   1.00 43.17 ? 88  TRP A NE1 1 
ATOM   565  C  CE2 . TRP A 1 82  ? 9.158   -11.555 8.069   1.00 42.02 ? 88  TRP A CE2 1 
ATOM   566  C  CE3 . TRP A 1 82  ? 8.019   -11.926 10.171  1.00 44.03 ? 88  TRP A CE3 1 
ATOM   567  C  CZ2 . TRP A 1 82  ? 8.242   -12.338 7.376   1.00 42.07 ? 88  TRP A CZ2 1 
ATOM   568  C  CZ3 . TRP A 1 82  ? 7.105   -12.695 9.484   1.00 49.04 ? 88  TRP A CZ3 1 
ATOM   569  C  CH2 . TRP A 1 82  ? 7.215   -12.888 8.104   1.00 46.54 ? 88  TRP A CH2 1 
ATOM   570  N  N   . THR A 1 83  ? 10.052  -8.237  13.938  1.00 42.59 ? 89  THR A N   1 
ATOM   571  C  CA  . THR A 1 83  ? 9.946   -8.013  15.388  1.00 44.27 ? 89  THR A CA  1 
ATOM   572  C  C   . THR A 1 83  ? 8.497   -7.672  15.776  1.00 41.10 ? 89  THR A C   1 
ATOM   573  O  O   . THR A 1 83  ? 7.962   -8.242  16.694  1.00 44.26 ? 89  THR A O   1 
ATOM   574  C  CB  . THR A 1 83  ? 10.926  -6.928  15.864  1.00 49.04 ? 89  THR A CB  1 
ATOM   575  O  OG1 . THR A 1 83  ? 12.220  -7.315  15.409  1.00 43.17 ? 89  THR A OG1 1 
ATOM   576  C  CG2 . THR A 1 83  ? 10.961  -6.753  17.370  1.00 47.44 ? 89  THR A CG2 1 
ATOM   577  N  N   . VAL A 1 84  ? 7.854   -6.758  15.038  1.00 44.46 ? 90  VAL A N   1 
ATOM   578  C  CA  . VAL A 1 84  ? 6.477   -6.357  15.338  1.00 43.22 ? 90  VAL A CA  1 
ATOM   579  C  C   . VAL A 1 84  ? 5.535   -7.554  15.119  1.00 43.39 ? 90  VAL A C   1 
ATOM   580  O  O   . VAL A 1 84  ? 4.671   -7.857  15.951  1.00 41.46 ? 90  VAL A O   1 
ATOM   581  C  CB  . VAL A 1 84  ? 6.069   -5.125  14.511  1.00 44.37 ? 90  VAL A CB  1 
ATOM   582  C  CG1 . VAL A 1 84  ? 4.605   -4.766  14.717  1.00 47.22 ? 90  VAL A CG1 1 
ATOM   583  C  CG2 . VAL A 1 84  ? 6.942   -3.916  14.822  1.00 45.16 ? 90  VAL A CG2 1 
ATOM   584  N  N   . VAL A 1 85  ? 5.695   -8.238  13.984  1.00 48.22 ? 91  VAL A N   1 
ATOM   585  C  CA  . VAL A 1 85  ? 4.833   -9.369  13.644  1.00 50.63 ? 91  VAL A CA  1 
ATOM   586  C  C   . VAL A 1 85  ? 4.980   -10.459 14.717  1.00 48.06 ? 91  VAL A C   1 
ATOM   587  O  O   . VAL A 1 85  ? 3.989   -10.925 15.279  1.00 47.22 ? 91  VAL A O   1 
ATOM   588  C  CB  . VAL A 1 85  ? 5.127   -9.879  12.217  1.00 54.47 ? 91  VAL A CB  1 
ATOM   589  C  CG1 . VAL A 1 85  ? 4.563   -11.266 11.967  1.00 55.25 ? 91  VAL A CG1 1 
ATOM   590  C  CG2 . VAL A 1 85  ? 4.620   -8.902  11.162  1.00 54.16 ? 91  VAL A CG2 1 
ATOM   591  N  N   . ASN A 1 86  ? 6.220   -10.822 15.049  1.00 49.57 ? 92  ASN A N   1 
ATOM   592  C  CA  . ASN A 1 86  ? 6.449   -11.898 15.994  1.00 58.97 ? 92  ASN A CA  1 
ATOM   593  C  C   . ASN A 1 86  ? 5.821   -11.503 17.328  1.00 64.03 ? 92  ASN A C   1 
ATOM   594  O  O   . ASN A 1 86  ? 5.161   -12.316 17.976  1.00 70.05 ? 92  ASN A O   1 
ATOM   595  C  CB  . ASN A 1 86  ? 7.927   -12.275 16.099  1.00 63.38 ? 92  ASN A CB  1 
ATOM   596  C  CG  . ASN A 1 86  ? 8.465   -12.880 14.816  1.00 71.45 ? 92  ASN A CG  1 
ATOM   597  O  OD1 . ASN A 1 86  ? 9.628   -13.261 14.748  1.00 85.52 ? 92  ASN A OD1 1 
ATOM   598  N  ND2 . ASN A 1 86  ? 7.642   -12.963 13.783  1.00 66.59 ? 92  ASN A ND2 1 
ATOM   599  N  N   . SER A 1 87  ? 5.958   -10.228 17.685  1.00 60.19 ? 93  SER A N   1 
ATOM   600  C  CA  . SER A 1 87  ? 5.451   -9.755  18.939  1.00 56.47 ? 93  SER A CA  1 
ATOM   601  C  C   . SER A 1 87  ? 3.918   -9.848  18.965  1.00 54.63 ? 93  SER A C   1 
ATOM   602  O  O   . SER A 1 87  ? 3.316   -10.267 19.960  1.00 52.50 ? 93  SER A O   1 
ATOM   603  C  CB  . SER A 1 87  ? 5.938   -8.370  19.206  1.00 57.72 ? 93  SER A CB  1 
ATOM   604  O  OG  . SER A 1 87  ? 5.340   -7.869  20.387  1.00 59.50 ? 93  SER A OG  1 
ATOM   605  N  N   . ILE A 1 88  ? 3.279   -9.465  17.864  1.00 49.11 ? 94  ILE A N   1 
ATOM   606  C  CA  . ILE A 1 88  ? 1.831   -9.524  17.798  1.00 47.07 ? 94  ILE A CA  1 
ATOM   607  C  C   . ILE A 1 88  ? 1.373   -10.982 17.924  1.00 45.97 ? 94  ILE A C   1 
ATOM   608  O  O   . ILE A 1 88  ? 0.352   -11.251 18.553  1.00 47.81 ? 94  ILE A O   1 
ATOM   609  C  CB  . ILE A 1 88  ? 1.291   -8.889  16.503  1.00 46.15 ? 94  ILE A CB  1 
ATOM   610  C  CG1 . ILE A 1 88  ? 1.364   -7.364  16.570  1.00 46.84 ? 94  ILE A CG1 1 
ATOM   611  C  CG2 . ILE A 1 88  ? -0.127  -9.368  16.209  1.00 43.05 ? 94  ILE A CG2 1 
ATOM   612  C  CD1 . ILE A 1 88  ? 1.458   -6.702  15.213  1.00 46.70 ? 94  ILE A CD1 1 
ATOM   613  N  N   . CYS A 1 89  ? 2.125   -11.893 17.306  1.00 46.16 ? 95  CYS A N   1 
ATOM   614  C  CA  . CYS A 1 89  ? 1.749   -13.316 17.237  1.00 56.13 ? 95  CYS A CA  1 
ATOM   615  C  C   . CYS A 1 89  ? 1.813   -13.932 18.649  1.00 62.52 ? 95  CYS A C   1 
ATOM   616  O  O   . CYS A 1 89  ? 0.819   -14.508 19.120  1.00 63.61 ? 95  CYS A O   1 
ATOM   617  C  CB  . CYS A 1 89  ? 2.613   -14.048 16.211  1.00 58.55 ? 95  CYS A CB  1 
ATOM   618  S  SG  . CYS A 1 89  ? 2.174   -13.643 14.494  1.00 61.16 ? 95  CYS A SG  1 
ATOM   619  N  N   . ASN A 1 90  ? 2.942   -13.725 19.348  1.00 62.08 ? 96  ASN A N   1 
ATOM   620  C  CA  . ASN A 1 90  ? 3.173   -14.224 20.717  1.00 62.59 ? 96  ASN A CA  1 
ATOM   621  C  C   . ASN A 1 90  ? 2.059   -13.798 21.677  1.00 63.26 ? 96  ASN A C   1 
ATOM   622  O  O   . ASN A 1 90  ? 1.645   -14.578 22.531  1.00 68.75 ? 96  ASN A O   1 
ATOM   623  C  CB  . ASN A 1 90  ? 4.510   -13.751 21.277  1.00 64.03 ? 96  ASN A CB  1 
ATOM   624  C  CG  . ASN A 1 90  ? 5.659   -14.212 20.410  1.00 64.00 ? 96  ASN A CG  1 
ATOM   625  O  OD1 . ASN A 1 90  ? 5.518   -15.173 19.658  1.00 64.71 ? 96  ASN A OD1 1 
ATOM   626  N  ND2 . ASN A 1 90  ? 6.782   -13.519 20.480  1.00 66.22 ? 96  ASN A ND2 1 
ATOM   627  N  N   . THR A 1 91  ? 1.570   -12.570 21.533  1.00 59.46 ? 97  THR A N   1 
ATOM   628  C  CA  . THR A 1 91  ? 0.669   -12.030 22.508  1.00 59.32 ? 97  THR A CA  1 
ATOM   629  C  C   . THR A 1 91  ? -0.793  -12.229 22.099  1.00 60.68 ? 97  THR A C   1 
ATOM   630  O  O   . THR A 1 91  ? -1.658  -11.996 22.917  1.00 73.72 ? 97  THR A O   1 
ATOM   631  C  CB  . THR A 1 91  ? 1.005   -10.562 22.771  1.00 58.10 ? 97  THR A CB  1 
ATOM   632  O  OG1 . THR A 1 91  ? 0.533   -9.782  21.676  1.00 59.58 ? 97  THR A OG1 1 
ATOM   633  C  CG2 . THR A 1 91  ? 2.491   -10.360 22.966  1.00 61.19 ? 97  THR A CG2 1 
ATOM   634  N  N   . THR A 1 92  ? -1.074  -12.630 20.853  1.00 60.92 ? 98  THR A N   1 
ATOM   635  C  CA  . THR A 1 92  ? -2.475  -12.802 20.418  1.00 60.23 ? 98  THR A CA  1 
ATOM   636  C  C   . THR A 1 92  ? -2.817  -14.274 20.148  1.00 62.55 ? 98  THR A C   1 
ATOM   637  O  O   . THR A 1 92  ? -3.969  -14.670 20.323  1.00 72.27 ? 98  THR A O   1 
ATOM   638  C  CB  . THR A 1 92  ? -2.786  -11.967 19.176  1.00 61.10 ? 98  THR A CB  1 
ATOM   639  O  OG1 . THR A 1 92  ? -1.924  -12.422 18.130  1.00 51.64 ? 98  THR A OG1 1 
ATOM   640  C  CG2 . THR A 1 92  ? -2.616  -10.487 19.441  1.00 65.47 ? 98  THR A CG2 1 
ATOM   641  N  N   . GLY A 1 93  ? -1.822  -15.062 19.725  1.00 55.80 ? 99  GLY A N   1 
ATOM   642  C  CA  . GLY A 1 93  ? -2.010  -16.428 19.294  1.00 60.53 ? 99  GLY A CA  1 
ATOM   643  C  C   . GLY A 1 93  ? -2.040  -16.537 17.776  1.00 66.75 ? 99  GLY A C   1 
ATOM   644  O  O   . GLY A 1 93  ? -1.817  -17.619 17.242  1.00 68.55 ? 99  GLY A O   1 
ATOM   645  N  N   . VAL A 1 94  ? -2.297  -15.405 17.098  1.00 69.90 ? 100 VAL A N   1 
ATOM   646  C  CA  . VAL A 1 94  ? -2.440  -15.301 15.633  1.00 62.37 ? 100 VAL A CA  1 
ATOM   647  C  C   . VAL A 1 94  ? -1.235  -15.963 14.952  1.00 59.53 ? 100 VAL A C   1 
ATOM   648  O  O   . VAL A 1 94  ? -0.075  -15.710 15.295  1.00 54.65 ? 100 VAL A O   1 
ATOM   649  C  CB  . VAL A 1 94  ? -2.597  -13.833 15.188  1.00 67.05 ? 100 VAL A CB  1 
ATOM   650  C  CG1 . VAL A 1 94  ? -2.578  -13.688 13.670  1.00 72.95 ? 100 VAL A CG1 1 
ATOM   651  C  CG2 . VAL A 1 94  ? -3.854  -13.187 15.760  1.00 62.60 ? 100 VAL A CG2 1 
ATOM   652  N  N   . GLU A 1 95  ? -1.535  -16.823 13.975  1.00 58.42 ? 101 GLU A N   1 
ATOM   653  C  CA  . GLU A 1 95  ? -0.546  -17.518 13.154  1.00 53.40 ? 101 GLU A CA  1 
ATOM   654  C  C   . GLU A 1 95  ? 0.332   -16.487 12.442  1.00 49.04 ? 101 GLU A C   1 
ATOM   655  O  O   . GLU A 1 95  ? -0.124  -15.410 12.111  1.00 48.43 ? 101 GLU A O   1 
ATOM   656  C  CB  . GLU A 1 95  ? -1.279  -18.407 12.147  1.00 62.27 ? 101 GLU A CB  1 
ATOM   657  C  CG  . GLU A 1 95  ? -0.379  -19.236 11.242  1.00 63.28 ? 101 GLU A CG  1 
ATOM   658  C  CD  . GLU A 1 95  ? -1.192  -20.105 10.300  1.00 66.94 ? 101 GLU A CD  1 
ATOM   659  O  OE1 . GLU A 1 95  ? -1.241  -19.795 9.088   1.00 63.83 ? 101 GLU A OE1 1 
ATOM   660  O  OE2 . GLU A 1 95  ? -1.820  -21.059 10.794  1.00 69.32 ? 101 GLU A OE2 1 
ATOM   661  N  N   . LYS A 1 96  ? 1.593   -16.851 12.212  1.00 53.42 ? 102 LYS A N   1 
ATOM   662  C  CA  . LYS A 1 96  ? 2.566   -15.981 11.581  1.00 60.19 ? 102 LYS A CA  1 
ATOM   663  C  C   . LYS A 1 96  ? 2.409   -16.059 10.068  1.00 61.33 ? 102 LYS A C   1 
ATOM   664  O  O   . LYS A 1 96  ? 2.423   -17.146 9.508   1.00 55.57 ? 102 LYS A O   1 
ATOM   665  C  CB  . LYS A 1 96  ? 3.990   -16.389 11.969  1.00 61.52 ? 102 LYS A CB  1 
ATOM   666  C  CG  . LYS A 1 96  ? 4.440   -15.906 13.341  1.00 66.26 ? 102 LYS A CG  1 
ATOM   667  C  CD  . LYS A 1 96  ? 5.774   -16.463 13.776  1.00 69.15 ? 102 LYS A CD  1 
ATOM   668  C  CE  . LYS A 1 96  ? 6.835   -16.278 12.712  1.00 76.73 ? 102 LYS A CE  1 
ATOM   669  N  NZ  . LYS A 1 96  ? 8.199   -16.265 13.288  1.00 80.64 ? 102 LYS A NZ  1 
ATOM   670  N  N   . PRO A 1 97  ? 2.319   -14.917 9.355   1.00 62.75 ? 103 PRO A N   1 
ATOM   671  C  CA  . PRO A 1 97  ? 2.300   -14.930 7.894   1.00 61.28 ? 103 PRO A CA  1 
ATOM   672  C  C   . PRO A 1 97  ? 3.703   -15.223 7.347   1.00 60.77 ? 103 PRO A C   1 
ATOM   673  O  O   . PRO A 1 97  ? 4.682   -15.046 8.063   1.00 61.33 ? 103 PRO A O   1 
ATOM   674  C  CB  . PRO A 1 97  ? 1.870   -13.497 7.567   1.00 64.73 ? 103 PRO A CB  1 
ATOM   675  C  CG  . PRO A 1 97  ? 2.512   -12.684 8.673   1.00 62.93 ? 103 PRO A CG  1 
ATOM   676  C  CD  . PRO A 1 97  ? 2.313   -13.549 9.904   1.00 63.58 ? 103 PRO A CD  1 
ATOM   677  N  N   . LYS A 1 98  ? 3.782   -15.656 6.087   1.00 62.33 ? 104 LYS A N   1 
ATOM   678  C  CA  . LYS A 1 98  ? 5.061   -15.939 5.436   1.00 66.10 ? 104 LYS A CA  1 
ATOM   679  C  C   . LYS A 1 98  ? 5.618   -14.660 4.823   1.00 64.25 ? 104 LYS A C   1 
ATOM   680  O  O   . LYS A 1 98  ? 6.820   -14.491 4.705   1.00 67.94 ? 104 LYS A O   1 
ATOM   681  C  CB  . LYS A 1 98  ? 4.912   -16.980 4.326   1.00 68.82 ? 104 LYS A CB  1 
ATOM   682  C  CG  . LYS A 1 98  ? 4.776   -18.412 4.816   1.00 75.52 ? 104 LYS A CG  1 
ATOM   683  C  CD  . LYS A 1 98  ? 3.352   -18.816 5.155   1.00 80.10 ? 104 LYS A CD  1 
ATOM   684  C  CE  . LYS A 1 98  ? 3.023   -20.239 4.737   1.00 79.42 ? 104 LYS A CE  1 
ATOM   685  N  NZ  . LYS A 1 98  ? 1.577   -20.541 4.863   1.00 73.32 ? 104 LYS A NZ  1 
ATOM   686  N  N   . PHE A 1 99  ? 4.706   -13.801 4.379   1.00 62.66 ? 105 PHE A N   1 
ATOM   687  C  CA  . PHE A 1 99  ? 5.028   -12.520 3.839   1.00 58.82 ? 105 PHE A CA  1 
ATOM   688  C  C   . PHE A 1 99  ? 4.712   -11.461 4.903   1.00 55.38 ? 105 PHE A C   1 
ATOM   689  O  O   . PHE A 1 99  ? 3.774   -11.600 5.676   1.00 52.06 ? 105 PHE A O   1 
ATOM   690  C  CB  . PHE A 1 99  ? 4.227   -12.308 2.553   1.00 65.43 ? 105 PHE A CB  1 
ATOM   691  C  CG  . PHE A 1 99  ? 4.702   -13.099 1.355   1.00 74.45 ? 105 PHE A CG  1 
ATOM   692  C  CD1 . PHE A 1 99  ? 5.831   -12.709 0.647   1.00 78.46 ? 105 PHE A CD1 1 
ATOM   693  C  CD2 . PHE A 1 99  ? 3.994   -14.203 0.897   1.00 77.29 ? 105 PHE A CD2 1 
ATOM   694  C  CE1 . PHE A 1 99  ? 6.250   -13.409 -0.477  1.00 80.35 ? 105 PHE A CE1 1 
ATOM   695  C  CE2 . PHE A 1 99  ? 4.417   -14.903 -0.225  1.00 77.07 ? 105 PHE A CE2 1 
ATOM   696  C  CZ  . PHE A 1 99  ? 5.544   -14.506 -0.911  1.00 73.70 ? 105 PHE A CZ  1 
ATOM   697  N  N   . LEU A 1 100 ? 5.514   -10.405 4.936   1.00 46.36 ? 106 LEU A N   1 
ATOM   698  C  CA  . LEU A 1 100 ? 5.205   -9.269  5.732   1.00 43.20 ? 106 LEU A CA  1 
ATOM   699  C  C   . LEU A 1 100 ? 3.932   -8.623  5.204   1.00 39.12 ? 106 LEU A C   1 
ATOM   700  O  O   . LEU A 1 100 ? 3.882   -8.190  4.070   1.00 39.27 ? 106 LEU A O   1 
ATOM   701  C  CB  . LEU A 1 100 ? 6.381   -8.300  5.662   1.00 43.74 ? 106 LEU A CB  1 
ATOM   702  C  CG  . LEU A 1 100 ? 7.544   -8.680  6.570   1.00 46.00 ? 106 LEU A CG  1 
ATOM   703  C  CD1 . LEU A 1 100 ? 8.704   -7.730  6.360   1.00 43.63 ? 106 LEU A CD1 1 
ATOM   704  C  CD2 . LEU A 1 100 ? 7.130   -8.704  8.036   1.00 48.90 ? 106 LEU A CD2 1 
ATOM   705  N  N   . PRO A 1 101 ? 2.849   -8.545  5.997   1.00 38.41 ? 107 PRO A N   1 
ATOM   706  C  CA  . PRO A 1 101 ? 1.666   -7.801  5.606   1.00 35.54 ? 107 PRO A CA  1 
ATOM   707  C  C   . PRO A 1 101 ? 1.937   -6.309  5.806   1.00 34.67 ? 107 PRO A C   1 
ATOM   708  O  O   . PRO A 1 101 ? 3.047   -5.947  6.108   1.00 29.15 ? 107 PRO A O   1 
ATOM   709  C  CB  . PRO A 1 101 ? 0.575   -8.295  6.572   1.00 37.68 ? 107 PRO A CB  1 
ATOM   710  C  CG  . PRO A 1 101 ? 1.182   -9.452  7.290   1.00 41.33 ? 107 PRO A CG  1 
ATOM   711  C  CD  . PRO A 1 101 ? 2.671   -9.212  7.291   1.00 41.30 ? 107 PRO A CD  1 
ATOM   712  N  N   . ASP A 1 102 ? 0.893   -5.485  5.674   1.00 36.13 ? 108 ASP A N   1 
ATOM   713  C  CA  . ASP A 1 102 ? 1.032   -4.041  5.687   1.00 38.12 ? 108 ASP A CA  1 
ATOM   714  C  C   . ASP A 1 102 ? 0.665   -3.471  7.065   1.00 41.91 ? 108 ASP A C   1 
ATOM   715  O  O   . ASP A 1 102 ? 1.331   -2.574  7.515   1.00 40.63 ? 108 ASP A O   1 
ATOM   716  C  CB  . ASP A 1 102 ? 0.187   -3.431  4.579   1.00 38.25 ? 108 ASP A CB  1 
ATOM   717  C  CG  . ASP A 1 102 ? 0.785   -3.634  3.196   1.00 40.62 ? 108 ASP A CG  1 
ATOM   718  O  OD1 . ASP A 1 102 ? 2.001   -3.412  3.041   1.00 39.57 ? 108 ASP A OD1 1 
ATOM   719  O  OD2 . ASP A 1 102 ? 0.032   -4.000  2.285   1.00 42.52 ? 108 ASP A OD2 1 
ATOM   720  N  N   . LEU A 1 103 ? -0.417  -3.973  7.680   1.00 41.42 ? 109 LEU A N   1 
ATOM   721  C  CA  . LEU A 1 103 ? -0.930  -3.515  9.001   1.00 44.77 ? 109 LEU A CA  1 
ATOM   722  C  C   . LEU A 1 103 ? -1.395  -4.731  9.806   1.00 47.55 ? 109 LEU A C   1 
ATOM   723  O  O   . LEU A 1 103 ? -1.600  -5.836  9.266   1.00 45.85 ? 109 LEU A O   1 
ATOM   724  C  CB  . LEU A 1 103 ? -2.134  -2.565  8.873   1.00 45.56 ? 109 LEU A CB  1 
ATOM   725  C  CG  . LEU A 1 103 ? -2.049  -1.429  7.852   1.00 50.05 ? 109 LEU A CG  1 
ATOM   726  C  CD1 . LEU A 1 103 ? -3.426  -0.938  7.471   1.00 52.61 ? 109 LEU A CD1 1 
ATOM   727  C  CD2 . LEU A 1 103 ? -1.232  -0.272  8.377   1.00 51.94 ? 109 LEU A CD2 1 
ATOM   728  N  N   . TYR A 1 104 ? -1.599  -4.497  11.108  1.00 54.17 ? 110 TYR A N   1 
ATOM   729  C  CA  . TYR A 1 104 ? -2.378  -5.397  11.963  1.00 49.71 ? 110 TYR A CA  1 
ATOM   730  C  C   . TYR A 1 104 ? -3.532  -4.586  12.554  1.00 50.46 ? 110 TYR A C   1 
ATOM   731  O  O   . TYR A 1 104 ? -3.354  -3.414  12.838  1.00 45.57 ? 110 TYR A O   1 
ATOM   732  C  CB  . TYR A 1 104 ? -1.492  -6.051  13.021  1.00 50.44 ? 110 TYR A CB  1 
ATOM   733  C  CG  . TYR A 1 104 ? -2.220  -7.035  13.897  1.00 53.56 ? 110 TYR A CG  1 
ATOM   734  C  CD1 . TYR A 1 104 ? -2.478  -8.321  13.460  1.00 56.22 ? 110 TYR A CD1 1 
ATOM   735  C  CD2 . TYR A 1 104 ? -2.667  -6.682  15.164  1.00 52.40 ? 110 TYR A CD2 1 
ATOM   736  C  CE1 . TYR A 1 104 ? -3.156  -9.234  14.254  1.00 55.73 ? 110 TYR A CE1 1 
ATOM   737  C  CE2 . TYR A 1 104 ? -3.333  -7.587  15.975  1.00 51.56 ? 110 TYR A CE2 1 
ATOM   738  C  CZ  . TYR A 1 104 ? -3.590  -8.869  15.515  1.00 51.52 ? 110 TYR A CZ  1 
ATOM   739  O  OH  . TYR A 1 104 ? -4.253  -9.777  16.297  1.00 52.53 ? 110 TYR A OH  1 
ATOM   740  N  N   . ASP A 1 105 ? -4.707  -5.223  12.653  1.00 48.68 ? 111 ASP A N   1 
ATOM   741  C  CA  . ASP A 1 105 ? -5.923  -4.639  13.174  1.00 49.45 ? 111 ASP A CA  1 
ATOM   742  C  C   . ASP A 1 105 ? -6.166  -5.257  14.551  1.00 52.68 ? 111 ASP A C   1 
ATOM   743  O  O   . ASP A 1 105 ? -6.447  -6.448  14.655  1.00 48.40 ? 111 ASP A O   1 
ATOM   744  C  CB  . ASP A 1 105 ? -7.079  -4.901  12.209  1.00 50.54 ? 111 ASP A CB  1 
ATOM   745  C  CG  . ASP A 1 105 ? -8.397  -4.228  12.557  1.00 52.89 ? 111 ASP A CG  1 
ATOM   746  O  OD1 . ASP A 1 105 ? -8.559  -3.786  13.708  1.00 55.55 ? 111 ASP A OD1 1 
ATOM   747  O  OD2 . ASP A 1 105 ? -9.268  -4.169  11.671  1.00 52.94 ? 111 ASP A OD2 1 
ATOM   748  N  N   . TYR A 1 106 ? -6.013  -4.456  15.610  1.00 57.29 ? 112 TYR A N   1 
ATOM   749  C  CA  . TYR A 1 106 ? -6.165  -4.959  16.991  1.00 55.81 ? 112 TYR A CA  1 
ATOM   750  C  C   . TYR A 1 106 ? -7.651  -5.140  17.351  1.00 51.06 ? 112 TYR A C   1 
ATOM   751  O  O   . TYR A 1 106 ? -7.986  -5.877  18.270  1.00 67.74 ? 112 TYR A O   1 
ATOM   752  C  CB  . TYR A 1 106 ? -5.500  -4.014  17.989  1.00 50.99 ? 112 TYR A CB  1 
ATOM   753  C  CG  . TYR A 1 106 ? -3.995  -3.952  17.950  1.00 45.67 ? 112 TYR A CG  1 
ATOM   754  C  CD1 . TYR A 1 106 ? -3.218  -5.005  18.403  1.00 43.84 ? 112 TYR A CD1 1 
ATOM   755  C  CD2 . TYR A 1 106 ? -3.353  -2.790  17.566  1.00 41.79 ? 112 TYR A CD2 1 
ATOM   756  C  CE1 . TYR A 1 106 ? -1.836  -4.933  18.406  1.00 42.38 ? 112 TYR A CE1 1 
ATOM   757  C  CE2 . TYR A 1 106 ? -1.975  -2.704  17.561  1.00 43.14 ? 112 TYR A CE2 1 
ATOM   758  C  CZ  . TYR A 1 106 ? -1.215  -3.775  17.981  1.00 42.77 ? 112 TYR A CZ  1 
ATOM   759  O  OH  . TYR A 1 106 ? 0.140   -3.654  17.956  1.00 45.07 ? 112 TYR A OH  1 
ATOM   760  N  N   . LYS A 1 107 ? -8.545  -4.483  16.615  1.00 49.19 ? 113 LYS A N   1 
ATOM   761  C  CA  . LYS A 1 107 ? -9.980  -4.632  16.831  1.00 50.52 ? 113 LYS A CA  1 
ATOM   762  C  C   . LYS A 1 107 ? -10.514 -5.939  16.232  1.00 54.62 ? 113 LYS A C   1 
ATOM   763  O  O   . LYS A 1 107 ? -11.291 -6.614  16.875  1.00 61.24 ? 113 LYS A O   1 
ATOM   764  C  CB  . LYS A 1 107 ? -10.719 -3.448  16.222  1.00 51.94 ? 113 LYS A CB  1 
ATOM   765  C  CG  . LYS A 1 107 ? -12.229 -3.541  16.249  1.00 54.37 ? 113 LYS A CG  1 
ATOM   766  C  CD  . LYS A 1 107 ? -12.860 -2.219  15.945  1.00 56.57 ? 113 LYS A CD  1 
ATOM   767  C  CE  . LYS A 1 107 ? -14.213 -2.348  15.279  1.00 62.66 ? 113 LYS A CE  1 
ATOM   768  N  NZ  . LYS A 1 107 ? -14.996 -1.102  15.464  1.00 66.38 ? 113 LYS A NZ  1 
ATOM   769  N  N   . GLU A 1 108 ? -10.132 -6.264  14.990  1.00 55.03 ? 114 GLU A N   1 
ATOM   770  C  CA  . GLU A 1 108 ? -10.555 -7.505  14.320  1.00 50.90 ? 114 GLU A CA  1 
ATOM   771  C  C   . GLU A 1 108 ? -9.531  -8.621  14.553  1.00 52.37 ? 114 GLU A C   1 
ATOM   772  O  O   . GLU A 1 108 ? -9.794  -9.784  14.257  1.00 53.32 ? 114 GLU A O   1 
ATOM   773  C  CB  . GLU A 1 108 ? -10.735 -7.257  12.825  1.00 51.66 ? 114 GLU A CB  1 
ATOM   774  C  CG  . GLU A 1 108 ? -11.688 -6.125  12.514  1.00 51.66 ? 114 GLU A CG  1 
ATOM   775  C  CD  . GLU A 1 108 ? -13.092 -6.317  13.063  1.00 61.55 ? 114 GLU A CD  1 
ATOM   776  O  OE1 . GLU A 1 108 ? -13.549 -7.472  13.130  1.00 58.98 ? 114 GLU A OE1 1 
ATOM   777  O  OE2 . GLU A 1 108 ? -13.722 -5.303  13.455  1.00 75.98 ? 114 GLU A OE2 1 
ATOM   778  N  N   . ASN A 1 109 ? -8.357  -8.255  15.074  1.00 53.42 ? 115 ASN A N   1 
ATOM   779  C  CA  . ASN A 1 109 ? -7.286  -9.196  15.421  1.00 57.42 ? 115 ASN A CA  1 
ATOM   780  C  C   . ASN A 1 109 ? -6.904  -10.022 14.188  1.00 54.15 ? 115 ASN A C   1 
ATOM   781  O  O   . ASN A 1 109 ? -6.914  -11.239 14.214  1.00 56.62 ? 115 ASN A O   1 
ATOM   782  C  CB  . ASN A 1 109 ? -7.673  -10.054 16.627  1.00 58.34 ? 115 ASN A CB  1 
ATOM   783  C  CG  . ASN A 1 109 ? -7.662  -9.253  17.912  1.00 66.48 ? 115 ASN A CG  1 
ATOM   784  O  OD1 . ASN A 1 109 ? -6.592  -8.922  18.431  1.00 64.26 ? 115 ASN A OD1 1 
ATOM   785  N  ND2 . ASN A 1 109 ? -8.843  -8.923  18.413  1.00 63.72 ? 115 ASN A ND2 1 
ATOM   786  N  N   . ARG A 1 110 ? -6.551  -9.326  13.107  1.00 50.96 ? 116 ARG A N   1 
ATOM   787  C  CA  . ARG A 1 110 ? -6.082  -9.951  11.883  1.00 44.38 ? 116 ARG A CA  1 
ATOM   788  C  C   . ARG A 1 110 ? -5.115  -8.989  11.221  1.00 41.56 ? 116 ARG A C   1 
ATOM   789  O  O   . ARG A 1 110 ? -5.315  -7.799  11.315  1.00 49.60 ? 116 ARG A O   1 
ATOM   790  C  CB  . ARG A 1 110 ? -7.245  -10.253 10.930  1.00 45.53 ? 116 ARG A CB  1 
ATOM   791  C  CG  . ARG A 1 110 ? -8.020  -9.035  10.438  1.00 45.92 ? 116 ARG A CG  1 
ATOM   792  C  CD  . ARG A 1 110 ? -9.454  -9.355  10.051  1.00 45.88 ? 116 ARG A CD  1 
ATOM   793  N  NE  . ARG A 1 110 ? -10.176 -8.149  9.686   1.00 47.81 ? 116 ARG A NE  1 
ATOM   794  C  CZ  . ARG A 1 110 ? -11.470 -8.081  9.387   1.00 49.49 ? 116 ARG A CZ  1 
ATOM   795  N  NH1 . ARG A 1 110 ? -12.254 -9.129  9.536   1.00 53.10 ? 116 ARG A NH1 1 
ATOM   796  N  NH2 . ARG A 1 110 ? -11.988 -6.956  8.931   1.00 47.31 ? 116 ARG A NH2 1 
ATOM   797  N  N   . PHE A 1 111 ? -4.099  -9.527  10.551  1.00 42.22 ? 117 PHE A N   1 
ATOM   798  C  CA  . PHE A 1 111 ? -3.282  -8.741  9.646   1.00 42.65 ? 117 PHE A CA  1 
ATOM   799  C  C   . PHE A 1 111 ? -4.083  -8.332  8.414   1.00 44.24 ? 117 PHE A C   1 
ATOM   800  O  O   . PHE A 1 111 ? -5.065  -8.992  8.026   1.00 46.76 ? 117 PHE A O   1 
ATOM   801  C  CB  . PHE A 1 111 ? -2.051  -9.515  9.207   1.00 41.65 ? 117 PHE A CB  1 
ATOM   802  C  CG  . PHE A 1 111 ? -1.139  -9.825  10.352  1.00 44.86 ? 117 PHE A CG  1 
ATOM   803  C  CD1 . PHE A 1 111 ? -0.161  -8.925  10.732  1.00 49.12 ? 117 PHE A CD1 1 
ATOM   804  C  CD2 . PHE A 1 111 ? -1.266  -11.008 11.048  1.00 45.08 ? 117 PHE A CD2 1 
ATOM   805  C  CE1 . PHE A 1 111 ? 0.687   -9.218  11.785  1.00 50.56 ? 117 PHE A CE1 1 
ATOM   806  C  CE2 . PHE A 1 111 ? -0.422  -11.295 12.105  1.00 49.77 ? 117 PHE A CE2 1 
ATOM   807  C  CZ  . PHE A 1 111 ? 0.548   -10.396 12.475  1.00 50.42 ? 117 PHE A CZ  1 
ATOM   808  N  N   . ILE A 1 112 ? -3.627  -7.232  7.802   1.00 41.52 ? 118 ILE A N   1 
ATOM   809  C  CA  . ILE A 1 112 ? -4.222  -6.685  6.606   1.00 43.78 ? 118 ILE A CA  1 
ATOM   810  C  C   . ILE A 1 112 ? -3.128  -6.539  5.548   1.00 42.78 ? 118 ILE A C   1 
ATOM   811  O  O   . ILE A 1 112 ? -2.059  -6.030  5.823   1.00 38.09 ? 118 ILE A O   1 
ATOM   812  C  CB  . ILE A 1 112 ? -4.890  -5.326  6.907   1.00 47.31 ? 118 ILE A CB  1 
ATOM   813  C  CG1 . ILE A 1 112 ? -5.952  -5.444  8.002   1.00 48.15 ? 118 ILE A CG1 1 
ATOM   814  C  CG2 . ILE A 1 112 ? -5.445  -4.693  5.641   1.00 41.12 ? 118 ILE A CG2 1 
ATOM   815  C  CD1 . ILE A 1 112 ? -6.439  -4.101  8.508   1.00 53.54 ? 118 ILE A CD1 1 
ATOM   816  N  N   . GLU A 1 113 ? -3.432  -6.982  4.328   1.00 41.61 ? 119 GLU A N   1 
ATOM   817  C  CA  . GLU A 1 113 ? -2.629  -6.646  3.186   1.00 38.72 ? 119 GLU A CA  1 
ATOM   818  C  C   . GLU A 1 113 ? -3.380  -5.591  2.374   1.00 37.06 ? 119 GLU A C   1 
ATOM   819  O  O   . GLU A 1 113 ? -4.519  -5.800  2.003   1.00 39.80 ? 119 GLU A O   1 
ATOM   820  C  CB  . GLU A 1 113 ? -2.373  -7.873  2.312   1.00 40.93 ? 119 GLU A CB  1 
ATOM   821  C  CG  . GLU A 1 113 ? -1.739  -7.504  0.977   1.00 40.13 ? 119 GLU A CG  1 
ATOM   822  C  CD  . GLU A 1 113 ? -0.364  -6.903  1.142   1.00 39.47 ? 119 GLU A CD  1 
ATOM   823  O  OE1 . GLU A 1 113 ? 0.338   -7.320  2.095   1.00 36.11 ? 119 GLU A OE1 1 
ATOM   824  O  OE2 . GLU A 1 113 ? -0.007  -6.020  0.339   1.00 38.53 ? 119 GLU A OE2 1 
ATOM   825  N  N   . ILE A 1 114 ? -2.688  -4.491  2.060   1.00 35.54 ? 120 ILE A N   1 
ATOM   826  C  CA  . ILE A 1 114 ? -3.217  -3.421  1.318   1.00 35.02 ? 120 ILE A CA  1 
ATOM   827  C  C   . ILE A 1 114 ? -2.703  -3.512  -0.121  1.00 38.00 ? 120 ILE A C   1 
ATOM   828  O  O   . ILE A 1 114 ? -1.487  -3.460  -0.335  1.00 36.25 ? 120 ILE A O   1 
ATOM   829  C  CB  . ILE A 1 114 ? -2.784  -2.072  1.924   1.00 41.08 ? 120 ILE A CB  1 
ATOM   830  C  CG1 . ILE A 1 114 ? -3.261  -1.890  3.366   1.00 44.43 ? 120 ILE A CG1 1 
ATOM   831  C  CG2 . ILE A 1 114 ? -3.224  -0.937  1.015   1.00 37.11 ? 120 ILE A CG2 1 
ATOM   832  C  CD1 . ILE A 1 114 ? -4.697  -1.467  3.489   1.00 47.53 ? 120 ILE A CD1 1 
ATOM   833  N  N   . GLY A 1 115 ? -3.635  -3.487  -1.083  1.00 35.29 ? 121 GLY A N   1 
ATOM   834  C  CA  . GLY A 1 115 ? -3.293  -3.401  -2.491  1.00 33.73 ? 121 GLY A CA  1 
ATOM   835  C  C   . GLY A 1 115 ? -3.759  -2.099  -3.086  1.00 33.84 ? 121 GLY A C   1 
ATOM   836  O  O   . GLY A 1 115 ? -4.819  -1.632  -2.769  1.00 36.36 ? 121 GLY A O   1 
ATOM   837  N  N   . VAL A 1 116 ? -2.900  -1.488  -3.903  1.00 35.84 ? 122 VAL A N   1 
ATOM   838  C  CA  . VAL A 1 116 ? -3.234  -0.324  -4.697  1.00 34.25 ? 122 VAL A CA  1 
ATOM   839  C  C   . VAL A 1 116 ? -2.879  -0.680  -6.148  1.00 35.66 ? 122 VAL A C   1 
ATOM   840  O  O   . VAL A 1 116 ? -1.727  -1.027  -6.398  1.00 35.88 ? 122 VAL A O   1 
ATOM   841  C  CB  . VAL A 1 116 ? -2.462  0.925   -4.222  1.00 34.10 ? 122 VAL A CB  1 
ATOM   842  C  CG1 . VAL A 1 116 ? -2.675  2.118   -5.144  1.00 32.30 ? 122 VAL A CG1 1 
ATOM   843  C  CG2 . VAL A 1 116 ? -2.780  1.307   -2.774  1.00 33.98 ? 122 VAL A CG2 1 
ATOM   844  N  N   . THR A 1 117 ? -3.853  -0.603  -7.069  1.00 32.92 ? 123 THR A N   1 
ATOM   845  C  CA  . THR A 1 117 ? -3.693  -1.110  -8.439  1.00 37.46 ? 123 THR A CA  1 
ATOM   846  C  C   . THR A 1 117 ? -4.248  -0.129  -9.472  1.00 36.22 ? 123 THR A C   1 
ATOM   847  O  O   . THR A 1 117 ? -5.247  0.553   -9.253  1.00 39.91 ? 123 THR A O   1 
ATOM   848  C  CB  . THR A 1 117 ? -4.380  -2.475  -8.657  1.00 39.61 ? 123 THR A CB  1 
ATOM   849  O  OG1 . THR A 1 117 ? -4.166  -2.901  -10.010 1.00 41.36 ? 123 THR A OG1 1 
ATOM   850  C  CG2 . THR A 1 117 ? -5.869  -2.431  -8.404  1.00 40.06 ? 123 THR A CG2 1 
ATOM   851  N  N   . ARG A 1 118 ? -3.606  -0.132  -10.641 1.00 39.10 ? 124 ARG A N   1 
ATOM   852  C  CA  . ARG A 1 118 ? -4.063  0.578   -11.812 1.00 35.66 ? 124 ARG A CA  1 
ATOM   853  C  C   . ARG A 1 118 ? -5.003  -0.308  -12.633 1.00 38.51 ? 124 ARG A C   1 
ATOM   854  O  O   . ARG A 1 118 ? -5.613  0.174   -13.548 1.00 42.49 ? 124 ARG A O   1 
ATOM   855  C  CB  . ARG A 1 118 ? -2.869  1.006   -12.670 1.00 38.70 ? 124 ARG A CB  1 
ATOM   856  C  CG  . ARG A 1 118 ? -2.034  2.104   -12.035 1.00 39.80 ? 124 ARG A CG  1 
ATOM   857  C  CD  . ARG A 1 118 ? -0.918  1.560   -11.173 1.00 40.81 ? 124 ARG A CD  1 
ATOM   858  N  NE  . ARG A 1 118 ? 0.299   1.430   -11.943 1.00 38.45 ? 124 ARG A NE  1 
ATOM   859  C  CZ  . ARG A 1 118 ? 1.458   1.017   -11.457 1.00 42.25 ? 124 ARG A CZ  1 
ATOM   860  N  NH1 . ARG A 1 118 ? 1.522   0.397   -10.289 1.00 37.56 ? 124 ARG A NH1 1 
ATOM   861  N  NH2 . ARG A 1 118 ? 2.554   1.207   -12.167 1.00 49.95 ? 124 ARG A NH2 1 
ATOM   862  N  N   . ARG A 1 119 ? -5.077  -1.606  -12.323 1.00 40.97 ? 125 ARG A N   1 
ATOM   863  C  CA  . ARG A 1 119 ? -5.992  -2.513  -13.009 1.00 41.05 ? 125 ARG A CA  1 
ATOM   864  C  C   . ARG A 1 119 ? -7.300  -2.603  -12.218 1.00 44.45 ? 125 ARG A C   1 
ATOM   865  O  O   . ARG A 1 119 ? -7.508  -1.867  -11.215 1.00 43.64 ? 125 ARG A O   1 
ATOM   866  C  CB  . ARG A 1 119 ? -5.342  -3.887  -13.144 1.00 41.15 ? 125 ARG A CB  1 
ATOM   867  C  CG  . ARG A 1 119 ? -4.118  -3.899  -14.040 1.00 40.91 ? 125 ARG A CG  1 
ATOM   868  C  CD  . ARG A 1 119 ? -3.385  -5.200  -13.829 1.00 43.44 ? 125 ARG A CD  1 
ATOM   869  N  NE  . ARG A 1 119 ? -2.585  -5.209  -12.620 1.00 45.26 ? 125 ARG A NE  1 
ATOM   870  C  CZ  . ARG A 1 119 ? -2.165  -6.316  -12.019 1.00 45.97 ? 125 ARG A CZ  1 
ATOM   871  N  NH1 . ARG A 1 119 ? -2.633  -7.479  -12.425 1.00 46.23 ? 125 ARG A NH1 1 
ATOM   872  N  NH2 . ARG A 1 119 ? -1.306  -6.261  -11.016 1.00 42.25 ? 125 ARG A NH2 1 
ATOM   873  N  N   . GLU A 1 120 ? -8.183  -3.477  -12.694 1.00 42.82 ? 126 GLU A N   1 
ATOM   874  C  CA  . GLU A 1 120 ? -9.453  -3.764  -12.051 1.00 46.91 ? 126 GLU A CA  1 
ATOM   875  C  C   . GLU A 1 120 ? -9.185  -4.439  -10.712 1.00 43.01 ? 126 GLU A C   1 
ATOM   876  O  O   . GLU A 1 120 ? -8.295  -5.259  -10.596 1.00 42.44 ? 126 GLU A O   1 
ATOM   877  C  CB  . GLU A 1 120 ? -10.327 -4.663  -12.919 1.00 55.15 ? 126 GLU A CB  1 
ATOM   878  C  CG  . GLU A 1 120 ? -10.906 -3.954  -14.137 1.00 64.34 ? 126 GLU A CG  1 
ATOM   879  C  CD  . GLU A 1 120 ? -11.475 -4.920  -15.164 1.00 74.68 ? 126 GLU A CD  1 
ATOM   880  O  OE1 . GLU A 1 120 ? -10.676 -5.605  -15.829 1.00 80.52 ? 126 GLU A OE1 1 
ATOM   881  O  OE2 . GLU A 1 120 ? -12.717 -5.025  -15.259 1.00 94.32 ? 126 GLU A OE2 1 
ATOM   882  N  N   . VAL A 1 121 ? -9.971  -4.040  -9.711  1.00 39.58 ? 127 VAL A N   1 
ATOM   883  C  CA  . VAL A 1 121 ? -9.741  -4.398  -8.338  1.00 41.81 ? 127 VAL A CA  1 
ATOM   884  C  C   . VAL A 1 121 ? -9.870  -5.921  -8.172  1.00 43.62 ? 127 VAL A C   1 
ATOM   885  O  O   . VAL A 1 121 ? -9.023  -6.524  -7.497  1.00 45.52 ? 127 VAL A O   1 
ATOM   886  C  CB  . VAL A 1 121 ? -10.658 -3.601  -7.371  1.00 44.71 ? 127 VAL A CB  1 
ATOM   887  C  CG1 . VAL A 1 121 ? -10.194 -2.146  -7.232  1.00 43.78 ? 127 VAL A CG1 1 
ATOM   888  C  CG2 . VAL A 1 121 ? -12.140 -3.632  -7.745  1.00 42.25 ? 127 VAL A CG2 1 
ATOM   889  N  N   . HIS A 1 122 ? -10.888 -6.538  -8.797  1.00 40.84 ? 128 HIS A N   1 
ATOM   890  C  CA  . HIS A 1 122 ? -11.085 -8.012  -8.701  1.00 46.07 ? 128 HIS A CA  1 
ATOM   891  C  C   . HIS A 1 122 ? -9.846  -8.725  -9.255  1.00 42.96 ? 128 HIS A C   1 
ATOM   892  O  O   . HIS A 1 122 ? -9.377  -9.689  -8.654  1.00 38.43 ? 128 HIS A O   1 
ATOM   893  C  CB  . HIS A 1 122 ? -12.410 -8.474  -9.348  1.00 49.55 ? 128 HIS A CB  1 
ATOM   894  C  CG  . HIS A 1 122 ? -12.393 -8.482  -10.836 1.00 55.76 ? 128 HIS A CG  1 
ATOM   895  N  ND1 . HIS A 1 122 ? -12.735 -7.364  -11.587 1.00 60.39 ? 128 HIS A ND1 1 
ATOM   896  C  CD2 . HIS A 1 122 ? -12.057 -9.451  -11.717 1.00 60.50 ? 128 HIS A CD2 1 
ATOM   897  C  CE1 . HIS A 1 122 ? -12.615 -7.648  -12.868 1.00 58.13 ? 128 HIS A CE1 1 
ATOM   898  N  NE2 . HIS A 1 122 ? -12.187 -8.920  -12.974 1.00 60.89 ? 128 HIS A NE2 1 
ATOM   899  N  N   . ILE A 1 123 ? -9.280  -8.203  -10.347 1.00 43.50 ? 129 ILE A N   1 
ATOM   900  C  CA  . ILE A 1 123 ? -8.065  -8.784  -10.937 1.00 48.19 ? 129 ILE A CA  1 
ATOM   901  C  C   . ILE A 1 123 ? -6.925  -8.794  -9.909  1.00 46.75 ? 129 ILE A C   1 
ATOM   902  O  O   . ILE A 1 123 ? -6.321  -9.845  -9.673  1.00 45.01 ? 129 ILE A O   1 
ATOM   903  C  CB  . ILE A 1 123 ? -7.691  -8.051  -12.243 1.00 51.83 ? 129 ILE A CB  1 
ATOM   904  C  CG1 . ILE A 1 123 ? -8.563  -8.540  -13.408 1.00 59.37 ? 129 ILE A CG1 1 
ATOM   905  C  CG2 . ILE A 1 123 ? -6.209  -8.184  -12.558 1.00 49.73 ? 129 ILE A CG2 1 
ATOM   906  C  CD1 . ILE A 1 123 ? -8.426  -7.731  -14.687 1.00 59.33 ? 129 ILE A CD1 1 
ATOM   907  N  N   . TYR A 1 124 ? -6.638  -7.628  -9.305  1.00 43.47 ? 130 TYR A N   1 
ATOM   908  C  CA  . TYR A 1 124 ? -5.498  -7.499  -8.371  1.00 41.52 ? 130 TYR A CA  1 
ATOM   909  C  C   . TYR A 1 124 ? -5.819  -8.288  -7.100  1.00 36.98 ? 130 TYR A C   1 
ATOM   910  O  O   . TYR A 1 124 ? -4.947  -8.949  -6.520  1.00 38.62 ? 130 TYR A O   1 
ATOM   911  C  CB  . TYR A 1 124 ? -5.160  -6.027  -8.067  1.00 43.07 ? 130 TYR A CB  1 
ATOM   912  C  CG  . TYR A 1 124 ? -3.852  -5.792  -7.349  1.00 41.49 ? 130 TYR A CG  1 
ATOM   913  C  CD1 . TYR A 1 124 ? -2.679  -6.412  -7.767  1.00 42.26 ? 130 TYR A CD1 1 
ATOM   914  C  CD2 . TYR A 1 124 ? -3.763  -4.909  -6.279  1.00 45.04 ? 130 TYR A CD2 1 
ATOM   915  C  CE1 . TYR A 1 124 ? -1.469  -6.195  -7.127  1.00 42.84 ? 130 TYR A CE1 1 
ATOM   916  C  CE2 . TYR A 1 124 ? -2.555  -4.669  -5.634  1.00 43.54 ? 130 TYR A CE2 1 
ATOM   917  C  CZ  . TYR A 1 124 ? -1.399  -5.312  -6.058  1.00 43.57 ? 130 TYR A CZ  1 
ATOM   918  O  OH  . TYR A 1 124 ? -0.205  -5.096  -5.423  1.00 38.62 ? 130 TYR A OH  1 
ATOM   919  N  N   . TYR A 1 125 ? -7.082  -8.239  -6.677  1.00 36.51 ? 131 TYR A N   1 
ATOM   920  C  CA  . TYR A 1 125 ? -7.509  -8.985  -5.505  1.00 38.89 ? 131 TYR A CA  1 
ATOM   921  C  C   . TYR A 1 125 ? -7.143  -10.471 -5.659  1.00 45.14 ? 131 TYR A C   1 
ATOM   922  O  O   . TYR A 1 125 ? -6.730  -11.131 -4.698  1.00 46.49 ? 131 TYR A O   1 
ATOM   923  C  CB  . TYR A 1 125 ? -9.016  -8.836  -5.256  1.00 41.83 ? 131 TYR A CB  1 
ATOM   924  C  CG  . TYR A 1 125 ? -9.463  -9.563  -4.009  1.00 45.79 ? 131 TYR A CG  1 
ATOM   925  C  CD1 . TYR A 1 125 ? -9.640  -10.939 -4.003  1.00 46.98 ? 131 TYR A CD1 1 
ATOM   926  C  CD2 . TYR A 1 125 ? -9.616  -8.892  -2.804  1.00 46.09 ? 131 TYR A CD2 1 
ATOM   927  C  CE1 . TYR A 1 125 ? -10.015 -11.622 -2.855  1.00 45.32 ? 131 TYR A CE1 1 
ATOM   928  C  CE2 . TYR A 1 125 ? -9.966  -9.561  -1.643  1.00 44.34 ? 131 TYR A CE2 1 
ATOM   929  C  CZ  . TYR A 1 125 ? -10.170 -10.931 -1.668  1.00 46.84 ? 131 TYR A CZ  1 
ATOM   930  O  OH  . TYR A 1 125 ? -10.542 -11.598 -0.535  1.00 55.91 ? 131 TYR A OH  1 
ATOM   931  N  N   . LEU A 1 126 ? -7.370  -11.019 -6.857  1.00 43.47 ? 132 LEU A N   1 
ATOM   932  C  CA  . LEU A 1 126 ? -7.107  -12.418 -7.114  1.00 45.64 ? 132 LEU A CA  1 
ATOM   933  C  C   . LEU A 1 126 ? -5.611  -12.677 -7.007  1.00 39.85 ? 132 LEU A C   1 
ATOM   934  O  O   . LEU A 1 126 ? -5.202  -13.624 -6.347  1.00 44.52 ? 132 LEU A O   1 
ATOM   935  C  CB  . LEU A 1 126 ? -7.638  -12.789 -8.504  1.00 46.64 ? 132 LEU A CB  1 
ATOM   936  C  CG  . LEU A 1 126 ? -9.149  -12.985 -8.550  1.00 46.98 ? 132 LEU A CG  1 
ATOM   937  C  CD1 . LEU A 1 126 ? -9.642  -13.107 -9.983  1.00 49.65 ? 132 LEU A CD1 1 
ATOM   938  C  CD2 . LEU A 1 126 ? -9.537  -14.201 -7.724  1.00 50.21 ? 132 LEU A CD2 1 
ATOM   939  N  N   . GLU A 1 127 ? -4.828  -11.838 -7.686  1.00 40.50 ? 133 GLU A N   1 
ATOM   940  C  CA  . GLU A 1 127 ? -3.401  -11.943 -7.636  1.00 45.73 ? 133 GLU A CA  1 
ATOM   941  C  C   . GLU A 1 127 ? -2.935  -12.075 -6.183  1.00 46.82 ? 133 GLU A C   1 
ATOM   942  O  O   . GLU A 1 127 ? -2.172  -12.985 -5.856  1.00 42.27 ? 133 GLU A O   1 
ATOM   943  C  CB  . GLU A 1 127 ? -2.760  -10.721 -8.276  1.00 52.30 ? 133 GLU A CB  1 
ATOM   944  C  CG  . GLU A 1 127 ? -2.410  -10.918 -9.722  1.00 53.44 ? 133 GLU A CG  1 
ATOM   945  C  CD  . GLU A 1 127 ? -1.348  -9.956  -10.207 1.00 58.95 ? 133 GLU A CD  1 
ATOM   946  O  OE1 . GLU A 1 127 ? -1.288  -9.725  -11.420 1.00 68.99 ? 133 GLU A OE1 1 
ATOM   947  O  OE2 . GLU A 1 127 ? -0.579  -9.450  -9.376  1.00 64.61 ? 133 GLU A OE2 1 
ATOM   948  N  N   . LYS A 1 128 ? -3.413  -11.153 -5.327  1.00 47.35 ? 134 LYS A N   1 
ATOM   949  C  CA  . LYS A 1 128 ? -3.014  -11.081 -3.937  1.00 43.72 ? 134 LYS A CA  1 
ATOM   950  C  C   . LYS A 1 128 ? -3.504  -12.308 -3.180  1.00 44.65 ? 134 LYS A C   1 
ATOM   951  O  O   . LYS A 1 128 ? -2.769  -12.877 -2.400  1.00 43.99 ? 134 LYS A O   1 
ATOM   952  C  CB  . LYS A 1 128 ? -3.618  -9.865  -3.229  1.00 46.16 ? 134 LYS A CB  1 
ATOM   953  C  CG  . LYS A 1 128 ? -2.912  -8.548  -3.512  1.00 50.02 ? 134 LYS A CG  1 
ATOM   954  C  CD  . LYS A 1 128 ? -1.592  -8.418  -2.808  1.00 46.97 ? 134 LYS A CD  1 
ATOM   955  C  CE  . LYS A 1 128 ? -1.074  -7.002  -2.815  1.00 45.65 ? 134 LYS A CE  1 
ATOM   956  N  NZ  . LYS A 1 128 ? 0.306   -6.959  -2.289  1.00 48.03 ? 134 LYS A NZ  1 
ATOM   957  N  N   . ALA A 1 129 ? -4.776  -12.660 -3.360  1.00 48.03 ? 135 ALA A N   1 
ATOM   958  C  CA  . ALA A 1 129 ? -5.336  -13.759 -2.591  1.00 52.87 ? 135 ALA A CA  1 
ATOM   959  C  C   . ALA A 1 129 ? -4.569  -15.037 -2.933  1.00 50.96 ? 135 ALA A C   1 
ATOM   960  O  O   . ALA A 1 129 ? -4.376  -15.858 -2.058  1.00 54.71 ? 135 ALA A O   1 
ATOM   961  C  CB  . ALA A 1 129 ? -6.815  -13.903 -2.830  1.00 52.57 ? 135 ALA A CB  1 
ATOM   962  N  N   . ASN A 1 130 ? -4.092  -15.126 -4.186  1.00 51.77 ? 136 ASN A N   1 
ATOM   963  C  CA  . ASN A 1 130 ? -3.355  -16.288 -4.710  1.00 47.55 ? 136 ASN A CA  1 
ATOM   964  C  C   . ASN A 1 130 ? -1.902  -16.245 -4.253  1.00 47.66 ? 136 ASN A C   1 
ATOM   965  O  O   . ASN A 1 130 ? -1.309  -17.276 -4.047  1.00 59.33 ? 136 ASN A O   1 
ATOM   966  C  CB  . ASN A 1 130 ? -3.376  -16.387 -6.236  1.00 44.56 ? 136 ASN A CB  1 
ATOM   967  C  CG  . ASN A 1 130 ? -2.631  -17.611 -6.730  1.00 48.54 ? 136 ASN A CG  1 
ATOM   968  O  OD1 . ASN A 1 130 ? -2.956  -18.741 -6.354  1.00 48.86 ? 136 ASN A OD1 1 
ATOM   969  N  ND2 . ASN A 1 130 ? -1.602  -17.396 -7.531  1.00 42.00 ? 136 ASN A ND2 1 
ATOM   970  N  N   . LYS A 1 131 ? -1.318  -15.055 -4.132  1.00 51.66 ? 137 LYS A N   1 
ATOM   971  C  CA  . LYS A 1 131 ? 0.046   -14.948 -3.618  1.00 52.60 ? 137 LYS A CA  1 
ATOM   972  C  C   . LYS A 1 131 ? 0.105   -15.425 -2.163  1.00 47.02 ? 137 LYS A C   1 
ATOM   973  O  O   . LYS A 1 131 ? 0.994   -16.135 -1.818  1.00 48.09 ? 137 LYS A O   1 
ATOM   974  C  CB  . LYS A 1 131 ? 0.578   -13.520 -3.746  1.00 55.84 ? 137 LYS A CB  1 
ATOM   975  C  CG  . LYS A 1 131 ? 2.023   -13.348 -3.305  1.00 64.46 ? 137 LYS A CG  1 
ATOM   976  C  CD  . LYS A 1 131 ? 2.624   -12.003 -3.715  1.00 77.52 ? 137 LYS A CD  1 
ATOM   977  C  CE  . LYS A 1 131 ? 4.041   -11.782 -3.216  1.00 81.53 ? 137 LYS A CE  1 
ATOM   978  N  NZ  . LYS A 1 131 ? 5.007   -12.737 -3.817  1.00 81.38 ? 137 LYS A NZ  1 
ATOM   979  N  N   . ILE A 1 132 ? -0.865  -15.040 -1.327  1.00 53.45 ? 138 ILE A N   1 
ATOM   980  C  CA  . ILE A 1 132 ? -0.822  -15.333 0.121   1.00 57.58 ? 138 ILE A CA  1 
ATOM   981  C  C   . ILE A 1 132 ? -1.932  -16.326 0.510   1.00 64.28 ? 138 ILE A C   1 
ATOM   982  O  O   . ILE A 1 132 ? -2.297  -16.441 1.692   1.00 61.69 ? 138 ILE A O   1 
ATOM   983  C  CB  . ILE A 1 132 ? -0.885  -14.018 0.942   1.00 60.71 ? 138 ILE A CB  1 
ATOM   984  C  CG1 . ILE A 1 132 ? -2.306  -13.436 0.999   1.00 57.89 ? 138 ILE A CG1 1 
ATOM   985  C  CG2 . ILE A 1 132 ? 0.146   -13.014 0.423   1.00 56.55 ? 138 ILE A CG2 1 
ATOM   986  C  CD1 . ILE A 1 132 ? -2.391  -11.933 1.235   1.00 52.55 ? 138 ILE A CD1 1 
ATOM   987  N  N   . LYS A 1 133 ? -2.453  -17.077 -0.469  1.00 77.07 ? 139 LYS A N   1 
ATOM   988  C  CA  . LYS A 1 133 ? -3.364  -18.203 -0.194  1.00 79.44 ? 139 LYS A CA  1 
ATOM   989  C  C   . LYS A 1 133 ? -2.739  -19.031 0.936   1.00 81.17 ? 139 LYS A C   1 
ATOM   990  O  O   . LYS A 1 133 ? -1.518  -19.035 1.095   1.00 93.71 ? 139 LYS A O   1 
ATOM   991  C  CB  . LYS A 1 133 ? -3.633  -19.018 -1.470  1.00 85.01 ? 139 LYS A CB  1 
ATOM   992  C  CG  . LYS A 1 133 ? -2.613  -20.096 -1.834  1.00 87.23 ? 139 LYS A CG  1 
ATOM   993  C  CD  . LYS A 1 133 ? -1.200  -19.592 -2.109  1.00 82.23 ? 139 LYS A CD  1 
ATOM   994  C  CE  . LYS A 1 133 ? -0.460  -20.389 -3.166  1.00 77.32 ? 139 LYS A CE  1 
ATOM   995  N  NZ  . LYS A 1 133 ? -1.210  -20.469 -4.443  1.00 74.80 ? 139 LYS A NZ  1 
ATOM   996  N  N   . SER A 1 134 ? -3.580  -19.678 1.750   1.00 83.12 ? 140 SER A N   1 
ATOM   997  C  CA  . SER A 1 134 ? -3.131  -20.404 2.958   1.00 85.61 ? 140 SER A CA  1 
ATOM   998  C  C   . SER A 1 134 ? -2.745  -19.437 4.098   1.00 88.44 ? 140 SER A C   1 
ATOM   999  O  O   . SER A 1 134 ? -2.327  -19.911 5.161   1.00 98.39 ? 140 SER A O   1 
ATOM   1000 C  CB  . SER A 1 134 ? -1.989  -21.371 2.659   1.00 84.80 ? 140 SER A CB  1 
ATOM   1001 O  OG  . SER A 1 134 ? -2.473  -22.591 2.110   1.00 85.54 ? 140 SER A OG  1 
ATOM   1002 N  N   . GLU A 1 135 ? -2.868  -18.113 3.897   1.00 78.79 ? 141 GLU A N   1 
ATOM   1003 C  CA  . GLU A 1 135 ? -2.818  -17.134 5.010   1.00 77.28 ? 141 GLU A CA  1 
ATOM   1004 C  C   . GLU A 1 135 ? -4.258  -16.704 5.325   1.00 75.48 ? 141 GLU A C   1 
ATOM   1005 O  O   . GLU A 1 135 ? -5.119  -16.736 4.442   1.00 71.39 ? 141 GLU A O   1 
ATOM   1006 C  CB  . GLU A 1 135 ? -1.955  -15.903 4.687   1.00 73.76 ? 141 GLU A CB  1 
ATOM   1007 C  CG  . GLU A 1 135 ? -0.456  -16.054 4.965   1.00 68.54 ? 141 GLU A CG  1 
ATOM   1008 C  CD  . GLU A 1 135 ? 0.353   -14.772 4.768   1.00 71.53 ? 141 GLU A CD  1 
ATOM   1009 O  OE1 . GLU A 1 135 ? 1.544   -14.859 4.367   1.00 63.89 ? 141 GLU A OE1 1 
ATOM   1010 O  OE2 . GLU A 1 135 ? -0.210  -13.670 5.000   1.00 73.72 ? 141 GLU A OE2 1 
ATOM   1011 N  N   . LYS A 1 136 ? -4.496  -16.298 6.580   1.00 74.69 ? 142 LYS A N   1 
ATOM   1012 C  CA  . LYS A 1 136 ? -5.789  -15.725 7.030   1.00 69.34 ? 142 LYS A CA  1 
ATOM   1013 C  C   . LYS A 1 136 ? -5.667  -14.195 7.115   1.00 59.60 ? 142 LYS A C   1 
ATOM   1014 O  O   . LYS A 1 136 ? -6.311  -13.554 7.952   1.00 57.53 ? 142 LYS A O   1 
ATOM   1015 C  CB  . LYS A 1 136 ? -6.210  -16.289 8.391   1.00 71.17 ? 142 LYS A CB  1 
ATOM   1016 C  CG  . LYS A 1 136 ? -5.789  -17.724 8.688   1.00 79.22 ? 142 LYS A CG  1 
ATOM   1017 C  CD  . LYS A 1 136 ? -6.171  -18.181 10.094  1.00 81.05 ? 142 LYS A CD  1 
ATOM   1018 C  CE  . LYS A 1 136 ? -5.717  -19.587 10.439  1.00 83.55 ? 142 LYS A CE  1 
ATOM   1019 N  NZ  . LYS A 1 136 ? -4.237  -19.698 10.494  1.00 85.43 ? 142 LYS A NZ  1 
ATOM   1020 N  N   . THR A 1 137 ? -4.840  -13.621 6.235   1.00 54.68 ? 143 THR A N   1 
ATOM   1021 C  CA  . THR A 1 137 ? -4.642  -12.190 6.129   1.00 51.15 ? 143 THR A CA  1 
ATOM   1022 C  C   . THR A 1 137 ? -5.825  -11.574 5.381   1.00 50.11 ? 143 THR A C   1 
ATOM   1023 O  O   . THR A 1 137 ? -6.198  -12.035 4.316   1.00 44.07 ? 143 THR A O   1 
ATOM   1024 C  CB  . THR A 1 137 ? -3.328  -11.866 5.417   1.00 52.38 ? 143 THR A CB  1 
ATOM   1025 O  OG1 . THR A 1 137 ? -2.304  -12.556 6.124   1.00 49.63 ? 143 THR A OG1 1 
ATOM   1026 C  CG2 . THR A 1 137 ? -3.009  -10.386 5.363   1.00 51.64 ? 143 THR A CG2 1 
ATOM   1027 N  N   . HIS A 1 138 ? -6.401  -10.522 5.966   1.00 47.01 ? 144 HIS A N   1 
ATOM   1028 C  CA  . HIS A 1 138 ? -7.462  -9.775  5.348   1.00 40.82 ? 144 HIS A CA  1 
ATOM   1029 C  C   . HIS A 1 138 ? -6.879  -8.938  4.217   1.00 41.35 ? 144 HIS A C   1 
ATOM   1030 O  O   . HIS A 1 138 ? -5.791  -8.357  4.362   1.00 44.20 ? 144 HIS A O   1 
ATOM   1031 C  CB  . HIS A 1 138 ? -8.165  -8.889  6.379   1.00 43.59 ? 144 HIS A CB  1 
ATOM   1032 C  CG  . HIS A 1 138 ? -9.578  -8.586  6.030   1.00 42.74 ? 144 HIS A CG  1 
ATOM   1033 N  ND1 . HIS A 1 138 ? -10.582 -9.506  6.194   1.00 45.80 ? 144 HIS A ND1 1 
ATOM   1034 C  CD2 . HIS A 1 138 ? -10.161 -7.475  5.538   1.00 46.49 ? 144 HIS A CD2 1 
ATOM   1035 C  CE1 . HIS A 1 138 ? -11.733 -8.977  5.822   1.00 46.86 ? 144 HIS A CE1 1 
ATOM   1036 N  NE2 . HIS A 1 138 ? -11.503 -7.738  5.399   1.00 46.32 ? 144 HIS A NE2 1 
ATOM   1037 N  N   . ILE A 1 139 ? -7.615  -8.855  3.103   1.00 43.36 ? 145 ILE A N   1 
ATOM   1038 C  CA  . ILE A 1 139 ? -7.130  -8.162  1.917   1.00 41.40 ? 145 ILE A CA  1 
ATOM   1039 C  C   . ILE A 1 139 ? -8.067  -6.996  1.608   1.00 40.79 ? 145 ILE A C   1 
ATOM   1040 O  O   . ILE A 1 139 ? -9.285  -7.164  1.605   1.00 40.55 ? 145 ILE A O   1 
ATOM   1041 C  CB  . ILE A 1 139 ? -6.995  -9.097  0.703   1.00 41.49 ? 145 ILE A CB  1 
ATOM   1042 C  CG1 . ILE A 1 139 ? -5.923  -10.169 0.925   1.00 47.27 ? 145 ILE A CG1 1 
ATOM   1043 C  CG2 . ILE A 1 139 ? -6.717  -8.264  -0.535  1.00 40.71 ? 145 ILE A CG2 1 
ATOM   1044 C  CD1 . ILE A 1 139 ? -5.887  -11.261 -0.132  1.00 45.89 ? 145 ILE A CD1 1 
ATOM   1045 N  N   . HIS A 1 140 ? -7.459  -5.838  1.328   1.00 34.69 ? 146 HIS A N   1 
ATOM   1046 C  CA  . HIS A 1 140 ? -8.161  -4.645  0.985   1.00 34.51 ? 146 HIS A CA  1 
ATOM   1047 C  C   . HIS A 1 140 ? -7.416  -3.989  -0.178  1.00 35.72 ? 146 HIS A C   1 
ATOM   1048 O  O   . HIS A 1 140 ? -6.248  -3.586  -0.039  1.00 33.87 ? 146 HIS A O   1 
ATOM   1049 C  CB  . HIS A 1 140 ? -8.287  -3.726  2.217   1.00 36.56 ? 146 HIS A CB  1 
ATOM   1050 C  CG  . HIS A 1 140 ? -9.333  -2.673  2.074   1.00 36.20 ? 146 HIS A CG  1 
ATOM   1051 N  ND1 . HIS A 1 140 ? -10.018 -2.153  3.158   1.00 35.89 ? 146 HIS A ND1 1 
ATOM   1052 C  CD2 . HIS A 1 140 ? -9.866  -2.095  0.979   1.00 35.34 ? 146 HIS A CD2 1 
ATOM   1053 C  CE1 . HIS A 1 140 ? -10.878 -1.257  2.727   1.00 38.03 ? 146 HIS A CE1 1 
ATOM   1054 N  NE2 . HIS A 1 140 ? -10.829 -1.229  1.405   1.00 37.03 ? 146 HIS A NE2 1 
ATOM   1055 N  N   . ILE A 1 141 ? -8.099  -3.933  -1.323  1.00 34.72 ? 147 ILE A N   1 
ATOM   1056 C  CA  . ILE A 1 141 ? -7.591  -3.410  -2.566  1.00 33.85 ? 147 ILE A CA  1 
ATOM   1057 C  C   . ILE A 1 141 ? -8.260  -2.065  -2.824  1.00 35.15 ? 147 ILE A C   1 
ATOM   1058 O  O   . ILE A 1 141 ? -9.487  -1.953  -2.666  1.00 39.90 ? 147 ILE A O   1 
ATOM   1059 C  CB  . ILE A 1 141 ? -7.907  -4.383  -3.732  1.00 34.66 ? 147 ILE A CB  1 
ATOM   1060 C  CG1 . ILE A 1 141 ? -7.392  -5.797  -3.470  1.00 33.84 ? 147 ILE A CG1 1 
ATOM   1061 C  CG2 . ILE A 1 141 ? -7.405  -3.833  -5.063  1.00 33.69 ? 147 ILE A CG2 1 
ATOM   1062 C  CD1 . ILE A 1 141 ? -5.890  -5.895  -3.295  1.00 38.56 ? 147 ILE A CD1 1 
ATOM   1063 N  N   . PHE A 1 142 ? -7.470  -1.101  -3.313  1.00 36.39 ? 148 PHE A N   1 
ATOM   1064 C  CA  . PHE A 1 142 ? -7.954  0.196   -3.787  1.00 34.81 ? 148 PHE A CA  1 
ATOM   1065 C  C   . PHE A 1 142 ? -7.476  0.424   -5.219  1.00 36.12 ? 148 PHE A C   1 
ATOM   1066 O  O   . PHE A 1 142 ? -6.391  -0.032  -5.577  1.00 37.08 ? 148 PHE A O   1 
ATOM   1067 C  CB  . PHE A 1 142 ? -7.411  1.333   -2.917  1.00 34.22 ? 148 PHE A CB  1 
ATOM   1068 C  CG  . PHE A 1 142 ? -7.889  1.295   -1.489  1.00 34.45 ? 148 PHE A CG  1 
ATOM   1069 C  CD1 . PHE A 1 142 ? -9.071  1.937   -1.119  1.00 37.11 ? 148 PHE A CD1 1 
ATOM   1070 C  CD2 . PHE A 1 142 ? -7.150  0.650   -0.505  1.00 33.45 ? 148 PHE A CD2 1 
ATOM   1071 C  CE1 . PHE A 1 142 ? -9.508  1.916   0.201   1.00 34.52 ? 148 PHE A CE1 1 
ATOM   1072 C  CE2 . PHE A 1 142 ? -7.573  0.648   0.815   1.00 34.19 ? 148 PHE A CE2 1 
ATOM   1073 C  CZ  . PHE A 1 142 ? -8.760  1.263   1.164   1.00 34.58 ? 148 PHE A CZ  1 
ATOM   1074 N  N   . SER A 1 143 ? -8.275  1.149   -6.013  1.00 35.73 ? 149 SER A N   1 
ATOM   1075 C  CA  . SER A 1 143 ? -7.874  1.550   -7.339  1.00 37.15 ? 149 SER A CA  1 
ATOM   1076 C  C   . SER A 1 143 ? -7.764  3.070   -7.353  1.00 33.70 ? 149 SER A C   1 
ATOM   1077 O  O   . SER A 1 143 ? -8.060  3.680   -6.397  1.00 36.81 ? 149 SER A O   1 
ATOM   1078 C  CB  . SER A 1 143 ? -8.836  1.053   -8.398  1.00 38.26 ? 149 SER A CB  1 
ATOM   1079 O  OG  . SER A 1 143 ? -10.069 1.753   -8.327  1.00 37.77 ? 149 SER A OG  1 
ATOM   1080 N  N   . PHE A 1 144 ? -7.361  3.630   -8.488  1.00 37.00 ? 150 PHE A N   1 
ATOM   1081 C  CA  . PHE A 1 144 ? -7.359  5.050   -8.750  1.00 38.91 ? 150 PHE A CA  1 
ATOM   1082 C  C   . PHE A 1 144 ? -8.693  5.488   -9.372  1.00 38.49 ? 150 PHE A C   1 
ATOM   1083 O  O   . PHE A 1 144 ? -8.785  6.541   -9.949  1.00 41.22 ? 150 PHE A O   1 
ATOM   1084 C  CB  . PHE A 1 144 ? -6.180  5.381   -9.667  1.00 37.40 ? 150 PHE A CB  1 
ATOM   1085 C  CG  . PHE A 1 144 ? -4.827  5.059   -9.067  1.00 35.44 ? 150 PHE A CG  1 
ATOM   1086 C  CD1 . PHE A 1 144 ? -4.340  3.762   -9.058  1.00 32.31 ? 150 PHE A CD1 1 
ATOM   1087 C  CD2 . PHE A 1 144 ? -4.054  6.061   -8.493  1.00 32.27 ? 150 PHE A CD2 1 
ATOM   1088 C  CE1 . PHE A 1 144 ? -3.098  3.477   -8.508  1.00 30.45 ? 150 PHE A CE1 1 
ATOM   1089 C  CE2 . PHE A 1 144 ? -2.818  5.779   -7.940  1.00 31.68 ? 150 PHE A CE2 1 
ATOM   1090 C  CZ  . PHE A 1 144 ? -2.337  4.486   -7.953  1.00 35.39 ? 150 PHE A CZ  1 
ATOM   1091 N  N   . THR A 1 145 ? -9.726  4.660   -9.250  1.00 43.64 ? 151 THR A N   1 
ATOM   1092 C  CA  . THR A 1 145 ? -11.038 4.971   -9.820  1.00 44.20 ? 151 THR A CA  1 
ATOM   1093 C  C   . THR A 1 145 ? -12.076 5.020   -8.700  1.00 43.33 ? 151 THR A C   1 
ATOM   1094 O  O   . THR A 1 145 ? -13.253 5.328   -8.937  1.00 45.69 ? 151 THR A O   1 
ATOM   1095 C  CB  . THR A 1 145 ? -11.460 3.924   -10.868 1.00 42.03 ? 151 THR A CB  1 
ATOM   1096 O  OG1 . THR A 1 145 ? -11.691 2.699   -10.173 1.00 42.38 ? 151 THR A OG1 1 
ATOM   1097 C  CG2 . THR A 1 145 ? -10.439 3.695   -11.967 1.00 40.94 ? 151 THR A CG2 1 
ATOM   1098 N  N   . GLY A 1 146 ? -11.662 4.666   -7.484  1.00 44.24 ? 152 GLY A N   1 
ATOM   1099 C  CA  . GLY A 1 146 ? -12.549 4.755   -6.323  1.00 40.20 ? 152 GLY A CA  1 
ATOM   1100 C  C   . GLY A 1 146 ? -13.268 3.454   -6.072  1.00 40.80 ? 152 GLY A C   1 
ATOM   1101 O  O   . GLY A 1 146 ? -14.269 3.421   -5.378  1.00 42.88 ? 152 GLY A O   1 
ATOM   1102 N  N   . GLU A 1 147 ? -12.760 2.378   -6.666  1.00 40.32 ? 153 GLU A N   1 
ATOM   1103 C  CA  . GLU A 1 147 ? -13.251 1.061   -6.397  1.00 38.96 ? 153 GLU A CA  1 
ATOM   1104 C  C   . GLU A 1 147 ? -12.315 0.457   -5.357  1.00 40.41 ? 153 GLU A C   1 
ATOM   1105 O  O   . GLU A 1 147 ? -11.100 0.780   -5.276  1.00 39.11 ? 153 GLU A O   1 
ATOM   1106 C  CB  . GLU A 1 147 ? -13.300 0.190   -7.654  1.00 45.81 ? 153 GLU A CB  1 
ATOM   1107 C  CG  . GLU A 1 147 ? -14.221 0.710   -8.753  1.00 49.98 ? 153 GLU A CG  1 
ATOM   1108 C  CD  . GLU A 1 147 ? -13.936 0.121   -10.134 1.00 60.40 ? 153 GLU A CD  1 
ATOM   1109 O  OE1 . GLU A 1 147 ? -13.797 -1.132  -10.257 1.00 69.28 ? 153 GLU A OE1 1 
ATOM   1110 O  OE2 . GLU A 1 147 ? -13.823 0.911   -11.093 1.00 63.26 ? 153 GLU A OE2 1 
ATOM   1111 N  N   . GLU A 1 148 ? -12.895 -0.430  -4.562  1.00 42.29 ? 154 GLU A N   1 
ATOM   1112 C  CA  . GLU A 1 148 ? -12.171 -1.179  -3.611  1.00 43.48 ? 154 GLU A CA  1 
ATOM   1113 C  C   . GLU A 1 148 ? -12.761 -2.582  -3.629  1.00 43.55 ? 154 GLU A C   1 
ATOM   1114 O  O   . GLU A 1 148 ? -13.866 -2.755  -4.102  1.00 40.69 ? 154 GLU A O   1 
ATOM   1115 C  CB  . GLU A 1 148 ? -12.254 -0.502  -2.243  1.00 44.36 ? 154 GLU A CB  1 
ATOM   1116 C  CG  . GLU A 1 148 ? -13.661 -0.291  -1.733  1.00 45.09 ? 154 GLU A CG  1 
ATOM   1117 C  CD  . GLU A 1 148 ? -13.744 0.530   -0.451  1.00 45.17 ? 154 GLU A CD  1 
ATOM   1118 O  OE1 . GLU A 1 148 ? -12.779 0.531   0.338   1.00 45.99 ? 154 GLU A OE1 1 
ATOM   1119 O  OE2 . GLU A 1 148 ? -14.766 1.190   -0.255  1.00 46.77 ? 154 GLU A OE2 1 
ATOM   1120 N  N   . MET A 1 149 ? -11.984 -3.552  -3.151  1.00 40.46 ? 155 MET A N   1 
ATOM   1121 C  CA  . MET A 1 149 ? -12.469 -4.858  -2.894  1.00 40.09 ? 155 MET A CA  1 
ATOM   1122 C  C   . MET A 1 149 ? -11.746 -5.379  -1.656  1.00 40.01 ? 155 MET A C   1 
ATOM   1123 O  O   . MET A 1 149 ? -10.541 -5.249  -1.540  1.00 37.70 ? 155 MET A O   1 
ATOM   1124 C  CB  . MET A 1 149 ? -12.225 -5.797  -4.081  1.00 43.67 ? 155 MET A CB  1 
ATOM   1125 C  CG  . MET A 1 149 ? -12.834 -7.169  -3.874  1.00 44.77 ? 155 MET A CG  1 
ATOM   1126 S  SD  . MET A 1 149 ? -12.713 -8.229  -5.334  1.00 56.32 ? 155 MET A SD  1 
ATOM   1127 C  CE  . MET A 1 149 ? -14.014 -7.513  -6.337  1.00 55.80 ? 155 MET A CE  1 
ATOM   1128 N  N   . ALA A 1 150 ? -12.501 -5.982  -0.742  1.00 41.17 ? 156 ALA A N   1 
ATOM   1129 C  CA  . ALA A 1 150 ? -11.948 -6.439  0.497   1.00 44.06 ? 156 ALA A CA  1 
ATOM   1130 C  C   . ALA A 1 150 ? -12.495 -7.832  0.802   1.00 46.85 ? 156 ALA A C   1 
ATOM   1131 O  O   . ALA A 1 150 ? -13.639 -8.121  0.462   1.00 49.68 ? 156 ALA A O   1 
ATOM   1132 C  CB  . ALA A 1 150 ? -12.289 -5.445  1.581   1.00 44.42 ? 156 ALA A CB  1 
ATOM   1133 N  N   . THR A 1 151 ? -11.675 -8.667  1.456   1.00 47.94 ? 157 THR A N   1 
ATOM   1134 C  CA  . THR A 1 151 ? -12.076 -9.985  1.885   1.00 45.60 ? 157 THR A CA  1 
ATOM   1135 C  C   . THR A 1 151 ? -13.483 -9.900  2.497   1.00 50.96 ? 157 THR A C   1 
ATOM   1136 O  O   . THR A 1 151 ? -13.722 -9.094  3.424   1.00 49.45 ? 157 THR A O   1 
ATOM   1137 C  CB  . THR A 1 151 ? -11.084 -10.556 2.903   1.00 45.25 ? 157 THR A CB  1 
ATOM   1138 O  OG1 . THR A 1 151 ? -9.790  -10.590 2.301   1.00 41.32 ? 157 THR A OG1 1 
ATOM   1139 C  CG2 . THR A 1 151 ? -11.476 -11.938 3.383   1.00 45.53 ? 157 THR A CG2 1 
ATOM   1140 N  N   . LYS A 1 152 ? -14.401 -10.716 1.954   1.00 51.74 ? 158 LYS A N   1 
ATOM   1141 C  CA  . LYS A 1 152 ? -15.760 -10.922 2.485   1.00 50.77 ? 158 LYS A CA  1 
ATOM   1142 C  C   . LYS A 1 152 ? -16.524 -9.601  2.514   1.00 50.16 ? 158 LYS A C   1 
ATOM   1143 O  O   . LYS A 1 152 ? -17.407 -9.425  3.323   1.00 54.17 ? 158 LYS A O   1 
ATOM   1144 C  CB  . LYS A 1 152 ? -15.700 -11.564 3.874   1.00 53.30 ? 158 LYS A CB  1 
ATOM   1145 C  CG  . LYS A 1 152 ? -15.380 -13.047 3.844   1.00 61.37 ? 158 LYS A CG  1 
ATOM   1146 C  CD  . LYS A 1 152 ? -14.833 -13.606 5.136   1.00 68.82 ? 158 LYS A CD  1 
ATOM   1147 C  CE  . LYS A 1 152 ? -14.892 -15.122 5.153   1.00 73.63 ? 158 LYS A CE  1 
ATOM   1148 N  NZ  . LYS A 1 152 ? -14.416 -15.684 6.439   1.00 78.99 ? 158 LYS A NZ  1 
ATOM   1149 N  N   . ALA A 1 153 ? -16.175 -8.697  1.596   1.00 53.06 ? 159 ALA A N   1 
ATOM   1150 C  CA  . ALA A 1 153 ? -16.655 -7.323  1.574   1.00 54.71 ? 159 ALA A CA  1 
ATOM   1151 C  C   . ALA A 1 153 ? -16.662 -6.732  2.986   1.00 52.79 ? 159 ALA A C   1 
ATOM   1152 O  O   . ALA A 1 153 ? -17.524 -5.935  3.308   1.00 58.59 ? 159 ALA A O   1 
ATOM   1153 C  CB  . ALA A 1 153 ? -18.027 -7.256  0.944   1.00 55.44 ? 159 ALA A CB  1 
ATOM   1154 N  N   . ASP A 1 154 ? -15.695 -7.120  3.817   1.00 48.30 ? 160 ASP A N   1 
ATOM   1155 C  CA  . ASP A 1 154 ? -15.438 -6.405  5.033   1.00 45.44 ? 160 ASP A CA  1 
ATOM   1156 C  C   . ASP A 1 154 ? -14.335 -5.368  4.754   1.00 45.95 ? 160 ASP A C   1 
ATOM   1157 O  O   . ASP A 1 154 ? -13.178 -5.719  4.526   1.00 40.69 ? 160 ASP A O   1 
ATOM   1158 C  CB  . ASP A 1 154 ? -15.066 -7.361  6.160   1.00 48.25 ? 160 ASP A CB  1 
ATOM   1159 C  CG  . ASP A 1 154 ? -14.798 -6.632  7.463   1.00 49.65 ? 160 ASP A CG  1 
ATOM   1160 O  OD1 . ASP A 1 154 ? -14.959 -5.383  7.475   1.00 49.99 ? 160 ASP A OD1 1 
ATOM   1161 O  OD2 . ASP A 1 154 ? -14.403 -7.306  8.438   1.00 53.56 ? 160 ASP A OD2 1 
ATOM   1162 N  N   . TYR A 1 155 ? -14.724 -4.091  4.762   1.00 44.61 ? 161 TYR A N   1 
ATOM   1163 C  CA  . TYR A 1 155 ? -13.884 -2.965  4.380   1.00 49.16 ? 161 TYR A CA  1 
ATOM   1164 C  C   . TYR A 1 155 ? -13.188 -2.301  5.576   1.00 48.08 ? 161 TYR A C   1 
ATOM   1165 O  O   . TYR A 1 155 ? -12.474 -1.312  5.393   1.00 47.28 ? 161 TYR A O   1 
ATOM   1166 C  CB  . TYR A 1 155 ? -14.733 -1.930  3.651   1.00 50.00 ? 161 TYR A CB  1 
ATOM   1167 C  CG  . TYR A 1 155 ? -15.248 -2.448  2.341   1.00 51.65 ? 161 TYR A CG  1 
ATOM   1168 C  CD1 . TYR A 1 155 ? -14.370 -2.670  1.293   1.00 49.44 ? 161 TYR A CD1 1 
ATOM   1169 C  CD2 . TYR A 1 155 ? -16.583 -2.772  2.172   1.00 52.64 ? 161 TYR A CD2 1 
ATOM   1170 C  CE1 . TYR A 1 155 ? -14.812 -3.172  0.086   1.00 50.24 ? 161 TYR A CE1 1 
ATOM   1171 C  CE2 . TYR A 1 155 ? -17.045 -3.275  0.970   1.00 50.95 ? 161 TYR A CE2 1 
ATOM   1172 C  CZ  . TYR A 1 155 ? -16.153 -3.473  -0.070  1.00 52.43 ? 161 TYR A CZ  1 
ATOM   1173 O  OH  . TYR A 1 155 ? -16.582 -3.958  -1.260  1.00 51.70 ? 161 TYR A OH  1 
ATOM   1174 N  N   . THR A 1 156 ? -13.422 -2.822  6.780   1.00 46.61 ? 162 THR A N   1 
ATOM   1175 C  CA  . THR A 1 156 ? -12.654 -2.497  7.965   1.00 50.77 ? 162 THR A CA  1 
ATOM   1176 C  C   . THR A 1 156 ? -12.912 -1.055  8.444   1.00 51.03 ? 162 THR A C   1 
ATOM   1177 O  O   . THR A 1 156 ? -13.175 -0.869  9.638   1.00 47.94 ? 162 THR A O   1 
ATOM   1178 C  CB  . THR A 1 156 ? -11.158 -2.738  7.731   1.00 50.56 ? 162 THR A CB  1 
ATOM   1179 O  OG1 . THR A 1 156 ? -10.958 -4.110  7.380   1.00 46.34 ? 162 THR A OG1 1 
ATOM   1180 C  CG2 . THR A 1 156 ? -10.323 -2.386  8.944   1.00 53.05 ? 162 THR A CG2 1 
ATOM   1181 N  N   . LEU A 1 157 ? -12.754 -0.054  7.555   1.00 47.44 ? 163 LEU A N   1 
ATOM   1182 C  CA  . LEU A 1 157 ? -12.849 1.385   7.894   1.00 46.82 ? 163 LEU A CA  1 
ATOM   1183 C  C   . LEU A 1 157 ? -14.279 1.880   7.691   1.00 43.87 ? 163 LEU A C   1 
ATOM   1184 O  O   . LEU A 1 157 ? -15.063 1.244   7.020   1.00 45.27 ? 163 LEU A O   1 
ATOM   1185 C  CB  . LEU A 1 157 ? -11.912 2.199   7.002   1.00 46.28 ? 163 LEU A CB  1 
ATOM   1186 C  CG  . LEU A 1 157 ? -10.420 1.938   7.154   1.00 51.46 ? 163 LEU A CG  1 
ATOM   1187 C  CD1 . LEU A 1 157 ? -9.622  2.911   6.289   1.00 52.39 ? 163 LEU A CD1 1 
ATOM   1188 C  CD2 . LEU A 1 157 ? -9.981  2.024   8.603   1.00 52.17 ? 163 LEU A CD2 1 
ATOM   1189 N  N   . ASP A 1 158 ? -14.578 3.049   8.255   1.00 46.65 ? 164 ASP A N   1 
ATOM   1190 C  CA  . ASP A 1 158 ? -15.837 3.729   8.026   1.00 47.77 ? 164 ASP A CA  1 
ATOM   1191 C  C   . ASP A 1 158 ? -15.795 4.352   6.628   1.00 49.12 ? 164 ASP A C   1 
ATOM   1192 O  O   . ASP A 1 158 ? -14.750 4.336   5.961   1.00 46.55 ? 164 ASP A O   1 
ATOM   1193 C  CB  . ASP A 1 158 ? -16.117 4.742   9.138   1.00 48.44 ? 164 ASP A CB  1 
ATOM   1194 C  CG  . ASP A 1 158 ? -15.075 5.838   9.313   1.00 53.62 ? 164 ASP A CG  1 
ATOM   1195 O  OD1 . ASP A 1 158 ? -14.318 6.102   8.360   1.00 54.96 ? 164 ASP A OD1 1 
ATOM   1196 O  OD2 . ASP A 1 158 ? -15.047 6.440   10.405  1.00 52.26 ? 164 ASP A OD2 1 
ATOM   1197 N  N   . GLU A 1 159 ? -16.924 4.911   6.195   1.00 45.02 ? 165 GLU A N   1 
ATOM   1198 C  CA  . GLU A 1 159 ? -17.042 5.361   4.833   1.00 50.55 ? 165 GLU A CA  1 
ATOM   1199 C  C   . GLU A 1 159 ? -16.139 6.566   4.589   1.00 45.48 ? 165 GLU A C   1 
ATOM   1200 O  O   . GLU A 1 159 ? -15.599 6.694   3.508   1.00 44.06 ? 165 GLU A O   1 
ATOM   1201 C  CB  . GLU A 1 159 ? -18.473 5.729   4.462   1.00 58.56 ? 165 GLU A CB  1 
ATOM   1202 C  CG  . GLU A 1 159 ? -19.241 4.564   3.886   1.00 63.82 ? 165 GLU A CG  1 
ATOM   1203 C  CD  . GLU A 1 159 ? -19.581 3.515   4.920   1.00 73.88 ? 165 GLU A CD  1 
ATOM   1204 O  OE1 . GLU A 1 159 ? -19.771 3.891   6.102   1.00 80.87 ? 165 GLU A OE1 1 
ATOM   1205 O  OE2 . GLU A 1 159 ? -19.656 2.328   4.545   1.00 84.34 ? 165 GLU A OE2 1 
ATOM   1206 N  N   . GLU A 1 160 ? -16.005 7.420   5.601   1.00 44.56 ? 166 GLU A N   1 
ATOM   1207 C  CA  . GLU A 1 160 ? -15.251 8.660   5.544   1.00 46.47 ? 166 GLU A CA  1 
ATOM   1208 C  C   . GLU A 1 160 ? -13.759 8.397   5.297   1.00 45.73 ? 166 GLU A C   1 
ATOM   1209 O  O   . GLU A 1 160 ? -13.104 9.141   4.555   1.00 48.83 ? 166 GLU A O   1 
ATOM   1210 C  CB  . GLU A 1 160 ? -15.407 9.414   6.871   1.00 52.20 ? 166 GLU A CB  1 
ATOM   1211 C  CG  . GLU A 1 160 ? -14.454 10.585  7.038   1.00 54.03 ? 166 GLU A CG  1 
ATOM   1212 C  CD  . GLU A 1 160 ? -14.913 11.603  8.068   1.00 65.70 ? 166 GLU A CD  1 
ATOM   1213 O  OE1 . GLU A 1 160 ? -14.741 11.362  9.286   1.00 63.83 ? 166 GLU A OE1 1 
ATOM   1214 O  OE2 . GLU A 1 160 ? -15.475 12.625  7.645   1.00 83.06 ? 166 GLU A OE2 1 
ATOM   1215 N  N   . SER A 1 161 ? -13.224 7.381   5.981   1.00 42.45 ? 167 SER A N   1 
ATOM   1216 C  CA  . SER A 1 161 ? -11.828 7.025   5.910   1.00 45.38 ? 167 SER A CA  1 
ATOM   1217 C  C   . SER A 1 161 ? -11.536 6.415   4.536   1.00 43.41 ? 167 SER A C   1 
ATOM   1218 O  O   . SER A 1 161 ? -10.579 6.762   3.861   1.00 43.27 ? 167 SER A O   1 
ATOM   1219 C  CB  . SER A 1 161 ? -11.476 6.061   7.005   1.00 47.37 ? 167 SER A CB  1 
ATOM   1220 O  OG  . SER A 1 161 ? -11.870 6.562   8.269   1.00 47.72 ? 167 SER A OG  1 
ATOM   1221 N  N   . ARG A 1 162 ? -12.410 5.502   4.138   1.00 40.85 ? 168 ARG A N   1 
ATOM   1222 C  CA  . ARG A 1 162 ? -12.344 4.902   2.833   1.00 43.59 ? 168 ARG A CA  1 
ATOM   1223 C  C   . ARG A 1 162 ? -12.417 6.009   1.772   1.00 41.79 ? 168 ARG A C   1 
ATOM   1224 O  O   . ARG A 1 162 ? -11.561 6.054   0.907   1.00 36.16 ? 168 ARG A O   1 
ATOM   1225 C  CB  . ARG A 1 162 ? -13.417 3.817   2.727   1.00 46.21 ? 168 ARG A CB  1 
ATOM   1226 C  CG  . ARG A 1 162 ? -13.199 2.709   3.754   1.00 48.12 ? 168 ARG A CG  1 
ATOM   1227 C  CD  . ARG A 1 162 ? -13.955 1.424   3.506   1.00 48.11 ? 168 ARG A CD  1 
ATOM   1228 N  NE  . ARG A 1 162 ? -15.399 1.520   3.643   1.00 54.34 ? 168 ARG A NE  1 
ATOM   1229 C  CZ  . ARG A 1 162 ? -16.267 1.207   2.689   1.00 52.93 ? 168 ARG A CZ  1 
ATOM   1230 N  NH1 . ARG A 1 162 ? -15.856 0.640   1.573   1.00 57.33 ? 168 ARG A NH1 1 
ATOM   1231 N  NH2 . ARG A 1 162 ? -17.541 1.506   2.826   1.00 52.47 ? 168 ARG A NH2 1 
ATOM   1232 N  N   . ALA A 1 163 ? -13.355 6.953   1.930   1.00 36.33 ? 169 ALA A N   1 
ATOM   1233 C  CA  . ALA A 1 163 ? -13.571 8.005   0.950   1.00 38.22 ? 169 ALA A CA  1 
ATOM   1234 C  C   . ALA A 1 163 ? -12.337 8.914   0.828   1.00 37.73 ? 169 ALA A C   1 
ATOM   1235 O  O   . ALA A 1 163 ? -12.019 9.438   -0.269  1.00 36.42 ? 169 ALA A O   1 
ATOM   1236 C  CB  . ALA A 1 163 ? -14.789 8.806   1.312   1.00 39.25 ? 169 ALA A CB  1 
ATOM   1237 N  N   . ARG A 1 164 ? -11.686 9.164   1.962   1.00 41.69 ? 170 ARG A N   1 
ATOM   1238 C  CA  . ARG A 1 164 ? -10.468 9.972   1.990   1.00 43.02 ? 170 ARG A CA  1 
ATOM   1239 C  C   . ARG A 1 164 ? -9.340  9.273   1.208   1.00 35.08 ? 170 ARG A C   1 
ATOM   1240 O  O   . ARG A 1 164 ? -8.638  9.888   0.472   1.00 32.45 ? 170 ARG A O   1 
ATOM   1241 C  CB  . ARG A 1 164 ? -10.037 10.242  3.434   1.00 48.97 ? 170 ARG A CB  1 
ATOM   1242 C  CG  . ARG A 1 164 ? -10.379 11.643  3.923   1.00 58.75 ? 170 ARG A CG  1 
ATOM   1243 C  CD  . ARG A 1 164 ? -9.167  12.395  4.461   1.00 69.66 ? 170 ARG A CD  1 
ATOM   1244 N  NE  . ARG A 1 164 ? -9.070  12.382  5.918   1.00 76.14 ? 170 ARG A NE  1 
ATOM   1245 C  CZ  . ARG A 1 164 ? -8.200  13.096  6.632   1.00 79.36 ? 170 ARG A CZ  1 
ATOM   1246 N  NH1 . ARG A 1 164 ? -7.336  13.900  6.035   1.00 82.64 ? 170 ARG A NH1 1 
ATOM   1247 N  NH2 . ARG A 1 164 ? -8.196  13.000  7.949   1.00 81.30 ? 170 ARG A NH2 1 
ATOM   1248 N  N   . ILE A 1 165 ? -9.165  7.971   1.401   1.00 37.75 ? 171 ILE A N   1 
ATOM   1249 C  CA  . ILE A 1 165 ? -8.164  7.249   0.644   1.00 37.77 ? 171 ILE A CA  1 
ATOM   1250 C  C   . ILE A 1 165 ? -8.493  7.354   -0.853  1.00 39.94 ? 171 ILE A C   1 
ATOM   1251 O  O   . ILE A 1 165 ? -7.619  7.662   -1.676  1.00 37.25 ? 171 ILE A O   1 
ATOM   1252 C  CB  . ILE A 1 165 ? -8.051  5.797   1.133   1.00 37.89 ? 171 ILE A CB  1 
ATOM   1253 C  CG1 . ILE A 1 165 ? -7.420  5.737   2.520   1.00 36.64 ? 171 ILE A CG1 1 
ATOM   1254 C  CG2 . ILE A 1 165 ? -7.254  4.946   0.152   1.00 39.19 ? 171 ILE A CG2 1 
ATOM   1255 C  CD1 . ILE A 1 165 ? -7.669  4.437   3.252   1.00 39.43 ? 171 ILE A CD1 1 
ATOM   1256 N  N   . LYS A 1 166 ? -9.757  7.119   -1.213  1.00 38.00 ? 172 LYS A N   1 
ATOM   1257 C  CA  . LYS A 1 166 ? -10.092 7.056   -2.616  1.00 37.08 ? 172 LYS A CA  1 
ATOM   1258 C  C   . LYS A 1 166 ? -9.850  8.413   -3.263  1.00 36.09 ? 172 LYS A C   1 
ATOM   1259 O  O   . LYS A 1 166 ? -9.381  8.493   -4.411  1.00 34.92 ? 172 LYS A O   1 
ATOM   1260 C  CB  . LYS A 1 166 ? -11.540 6.615   -2.817  1.00 38.49 ? 172 LYS A CB  1 
ATOM   1261 C  CG  . LYS A 1 166 ? -11.856 5.185   -2.404  1.00 40.81 ? 172 LYS A CG  1 
ATOM   1262 C  CD  . LYS A 1 166 ? -13.329 4.888   -2.486  1.00 39.68 ? 172 LYS A CD  1 
ATOM   1263 C  CE  . LYS A 1 166 ? -13.631 3.483   -2.030  1.00 44.92 ? 172 LYS A CE  1 
ATOM   1264 N  NZ  . LYS A 1 166 ? -15.006 3.360   -1.506  1.00 39.12 ? 172 LYS A NZ  1 
ATOM   1265 N  N   . THR A 1 167 ? -10.211 9.491   -2.549  1.00 37.72 ? 173 THR A N   1 
ATOM   1266 C  CA  . THR A 1 167 ? -10.002 10.855  -3.086  1.00 34.80 ? 173 THR A CA  1 
ATOM   1267 C  C   . THR A 1 167 ? -8.511  11.126  -3.321  1.00 33.81 ? 173 THR A C   1 
ATOM   1268 O  O   . THR A 1 167 ? -8.141  11.762  -4.306  1.00 41.21 ? 173 THR A O   1 
ATOM   1269 C  CB  . THR A 1 167 ? -10.550 11.925  -2.135  1.00 38.67 ? 173 THR A CB  1 
ATOM   1270 O  OG1 . THR A 1 167 ? -11.943 11.662  -1.982  1.00 38.12 ? 173 THR A OG1 1 
ATOM   1271 C  CG2 . THR A 1 167 ? -10.337 13.347  -2.618  1.00 36.70 ? 173 THR A CG2 1 
ATOM   1272 N  N   . ARG A 1 168 ? -7.662  10.700  -2.379  1.00 33.23 ? 174 ARG A N   1 
ATOM   1273 C  CA  . ARG A 1 168 ? -6.243  10.918  -2.492  1.00 35.89 ? 174 ARG A CA  1 
ATOM   1274 C  C   . ARG A 1 168 ? -5.735  10.164  -3.732  1.00 34.87 ? 174 ARG A C   1 
ATOM   1275 O  O   . ARG A 1 168 ? -4.975  10.730  -4.547  1.00 33.68 ? 174 ARG A O   1 
ATOM   1276 C  CB  . ARG A 1 168 ? -5.544  10.535  -1.184  1.00 38.04 ? 174 ARG A CB  1 
ATOM   1277 C  CG  . ARG A 1 168 ? -4.027  10.414  -1.272  1.00 39.68 ? 174 ARG A CG  1 
ATOM   1278 C  CD  . ARG A 1 168 ? -3.151  11.617  -0.916  1.00 44.48 ? 174 ARG A CD  1 
ATOM   1279 N  NE  . ARG A 1 168 ? -2.728  12.347  -2.095  1.00 47.19 ? 174 ARG A NE  1 
ATOM   1280 C  CZ  . ARG A 1 168 ? -1.516  12.847  -2.327  1.00 41.15 ? 174 ARG A CZ  1 
ATOM   1281 N  NH1 . ARG A 1 168 ? -1.383  13.784  -3.235  1.00 40.76 ? 174 ARG A NH1 1 
ATOM   1282 N  NH2 . ARG A 1 168 ? -0.444  12.420  -1.700  1.00 44.52 ? 174 ARG A NH2 1 
ATOM   1283 N  N   . LEU A 1 169 ? -6.209  8.926   -3.909  1.00 34.25 ? 175 LEU A N   1 
ATOM   1284 C  CA  . LEU A 1 169 ? -5.767  8.080   -5.039  1.00 33.89 ? 175 LEU A CA  1 
ATOM   1285 C  C   . LEU A 1 169 ? -6.203  8.703   -6.356  1.00 30.83 ? 175 LEU A C   1 
ATOM   1286 O  O   . LEU A 1 169 ? -5.396  8.869   -7.239  1.00 35.24 ? 175 LEU A O   1 
ATOM   1287 C  CB  . LEU A 1 169 ? -6.316  6.661   -4.892  1.00 31.89 ? 175 LEU A CB  1 
ATOM   1288 C  CG  . LEU A 1 169 ? -5.585  5.853   -3.845  1.00 34.05 ? 175 LEU A CG  1 
ATOM   1289 C  CD1 . LEU A 1 169 ? -6.330  4.570   -3.489  1.00 34.82 ? 175 LEU A CD1 1 
ATOM   1290 C  CD2 . LEU A 1 169 ? -4.168  5.591   -4.291  1.00 33.90 ? 175 LEU A CD2 1 
ATOM   1291 N  N   . PHE A 1 170 ? -7.467  9.101   -6.436  1.00 30.64 ? 176 PHE A N   1 
ATOM   1292 C  CA  . PHE A 1 170 ? -7.979  9.745   -7.623  1.00 31.58 ? 176 PHE A CA  1 
ATOM   1293 C  C   . PHE A 1 170 ? -7.174  11.018  -7.911  1.00 34.41 ? 176 PHE A C   1 
ATOM   1294 O  O   . PHE A 1 170 ? -6.933  11.387  -9.112  1.00 34.07 ? 176 PHE A O   1 
ATOM   1295 C  CB  . PHE A 1 170 ? -9.484  10.003  -7.476  1.00 30.34 ? 176 PHE A CB  1 
ATOM   1296 C  CG  . PHE A 1 170 ? -10.180 10.475  -8.727  1.00 32.27 ? 176 PHE A CG  1 
ATOM   1297 C  CD1 . PHE A 1 170 ? -10.284 11.819  -9.018  1.00 28.64 ? 176 PHE A CD1 1 
ATOM   1298 C  CD2 . PHE A 1 170 ? -10.765 9.573   -9.604  1.00 37.86 ? 176 PHE A CD2 1 
ATOM   1299 C  CE1 . PHE A 1 170 ? -10.928 12.249  -10.172 1.00 32.54 ? 176 PHE A CE1 1 
ATOM   1300 C  CE2 . PHE A 1 170 ? -11.409 10.002  -10.762 1.00 36.09 ? 176 PHE A CE2 1 
ATOM   1301 C  CZ  . PHE A 1 170 ? -11.508 11.345  -11.040 1.00 33.25 ? 176 PHE A CZ  1 
ATOM   1302 N  N   . THR A 1 171 ? -6.795  11.724  -6.837  1.00 33.55 ? 177 THR A N   1 
ATOM   1303 C  CA  . THR A 1 171 ? -6.110  13.026  -6.983  1.00 34.32 ? 177 THR A CA  1 
ATOM   1304 C  C   . THR A 1 171 ? -4.707  12.785  -7.555  1.00 33.14 ? 177 THR A C   1 
ATOM   1305 O  O   . THR A 1 171 ? -4.286  13.489  -8.456  1.00 32.87 ? 177 THR A O   1 
ATOM   1306 C  CB  . THR A 1 171 ? -6.063  13.798  -5.653  1.00 34.41 ? 177 THR A CB  1 
ATOM   1307 O  OG1 . THR A 1 171 ? -7.396  14.045  -5.200  1.00 37.14 ? 177 THR A OG1 1 
ATOM   1308 C  CG2 . THR A 1 171 ? -5.343  15.127  -5.760  1.00 32.54 ? 177 THR A CG2 1 
ATOM   1309 N  N   . ILE A 1 172 ? -4.004  11.773  -7.036  1.00 34.20 ? 178 ILE A N   1 
ATOM   1310 C  CA  . ILE A 1 172 ? -2.719  11.375  -7.612  1.00 35.94 ? 178 ILE A CA  1 
ATOM   1311 C  C   . ILE A 1 172 ? -2.894  11.125  -9.110  1.00 37.91 ? 178 ILE A C   1 
ATOM   1312 O  O   . ILE A 1 172 ? -2.170  11.720  -9.957  1.00 34.71 ? 178 ILE A O   1 
ATOM   1313 C  CB  . ILE A 1 172 ? -2.117  10.173  -6.865  1.00 42.05 ? 178 ILE A CB  1 
ATOM   1314 C  CG1 . ILE A 1 172 ? -1.672  10.602  -5.453  1.00 37.61 ? 178 ILE A CG1 1 
ATOM   1315 C  CG2 . ILE A 1 172 ? -0.983  9.559   -7.694  1.00 40.75 ? 178 ILE A CG2 1 
ATOM   1316 C  CD1 . ILE A 1 172 ? -1.212  9.496   -4.522  1.00 34.16 ? 178 ILE A CD1 1 
ATOM   1317 N  N   . ARG A 1 173 ? -3.931  10.351  -9.445  1.00 35.10 ? 179 ARG A N   1 
ATOM   1318 C  CA  . ARG A 1 173 ? -4.141  9.974   -10.818 1.00 36.80 ? 179 ARG A CA  1 
ATOM   1319 C  C   . ARG A 1 173 ? -4.270  11.235  -11.668 1.00 36.01 ? 179 ARG A C   1 
ATOM   1320 O  O   . ARG A 1 173 ? -3.676  11.319  -12.747 1.00 35.36 ? 179 ARG A O   1 
ATOM   1321 C  CB  . ARG A 1 173 ? -5.356  9.054   -10.963 1.00 35.63 ? 179 ARG A CB  1 
ATOM   1322 C  CG  . ARG A 1 173 ? -5.830  8.876   -12.399 1.00 37.14 ? 179 ARG A CG  1 
ATOM   1323 C  CD  . ARG A 1 173 ? -6.991  7.898   -12.507 1.00 39.62 ? 179 ARG A CD  1 
ATOM   1324 N  NE  . ARG A 1 173 ? -7.943  8.249   -13.553 1.00 42.61 ? 179 ARG A NE  1 
ATOM   1325 C  CZ  . ARG A 1 173 ? -9.202  7.811   -13.604 1.00 43.63 ? 179 ARG A CZ  1 
ATOM   1326 N  NH1 . ARG A 1 173 ? -9.674  6.993   -12.669 1.00 38.20 ? 179 ARG A NH1 1 
ATOM   1327 N  NH2 . ARG A 1 173 ? -9.995  8.232   -14.569 1.00 39.21 ? 179 ARG A NH2 1 
ATOM   1328 N  N   . GLN A 1 174 ? -5.037  12.210  -11.176 1.00 34.89 ? 180 GLN A N   1 
ATOM   1329 C  CA  . GLN A 1 174 ? -5.387  13.342  -11.997 1.00 33.43 ? 180 GLN A CA  1 
ATOM   1330 C  C   . GLN A 1 174 ? -4.201  14.296  -12.083 1.00 36.67 ? 180 GLN A C   1 
ATOM   1331 O  O   . GLN A 1 174 ? -4.052  14.985  -13.080 1.00 34.75 ? 180 GLN A O   1 
ATOM   1332 C  CB  . GLN A 1 174 ? -6.614  14.078  -11.478 1.00 32.38 ? 180 GLN A CB  1 
ATOM   1333 C  CG  . GLN A 1 174 ? -7.911  13.317  -11.688 1.00 33.99 ? 180 GLN A CG  1 
ATOM   1334 C  CD  . GLN A 1 174 ? -8.231  13.042  -13.135 1.00 32.81 ? 180 GLN A CD  1 
ATOM   1335 O  OE1 . GLN A 1 174 ? -8.802  12.016  -13.440 1.00 34.99 ? 180 GLN A OE1 1 
ATOM   1336 N  NE2 . GLN A 1 174 ? -7.947  13.975  -14.028 1.00 33.22 ? 180 GLN A NE2 1 
ATOM   1337 N  N   . GLU A 1 175 ? -3.390  14.327  -11.028 1.00 39.89 ? 181 GLU A N   1 
ATOM   1338 C  CA  . GLU A 1 175 ? -2.147  15.088  -11.048 1.00 41.31 ? 181 GLU A CA  1 
ATOM   1339 C  C   . GLU A 1 175 ? -1.221  14.511  -12.124 1.00 37.80 ? 181 GLU A C   1 
ATOM   1340 O  O   . GLU A 1 175 ? -0.649  15.251  -12.933 1.00 37.95 ? 181 GLU A O   1 
ATOM   1341 C  CB  . GLU A 1 175 ? -1.461  15.041  -9.682  1.00 44.39 ? 181 GLU A CB  1 
ATOM   1342 C  CG  . GLU A 1 175 ? -1.478  16.359  -8.942  1.00 51.42 ? 181 GLU A CG  1 
ATOM   1343 C  CD  . GLU A 1 175 ? -1.048  17.538  -9.791  1.00 52.41 ? 181 GLU A CD  1 
ATOM   1344 O  OE1 . GLU A 1 175 ? 0.035   17.451  -10.436 1.00 55.70 ? 181 GLU A OE1 1 
ATOM   1345 O  OE2 . GLU A 1 175 ? -1.821  18.518  -9.843  1.00 54.09 ? 181 GLU A OE2 1 
ATOM   1346 N  N   . MET A 1 176 ? -1.076  13.181  -12.115 1.00 39.83 ? 182 MET A N   1 
ATOM   1347 C  CA  . MET A 1 176 ? -0.250  12.503  -13.121 1.00 42.22 ? 182 MET A CA  1 
ATOM   1348 C  C   . MET A 1 176 ? -0.785  12.896  -14.496 1.00 42.03 ? 182 MET A C   1 
ATOM   1349 O  O   . MET A 1 176 ? -0.025  13.349  -15.356 1.00 40.46 ? 182 MET A O   1 
ATOM   1350 C  CB  . MET A 1 176 ? -0.230  10.984  -12.926 1.00 43.15 ? 182 MET A CB  1 
ATOM   1351 C  CG  . MET A 1 176 ? 0.624   10.562  -11.730 1.00 43.54 ? 182 MET A CG  1 
ATOM   1352 S  SD  . MET A 1 176 ? 0.704   8.780   -11.572 1.00 42.82 ? 182 MET A SD  1 
ATOM   1353 C  CE  . MET A 1 176 ? 1.593   8.512   -10.052 1.00 42.72 ? 182 MET A CE  1 
ATOM   1354 N  N   . ALA A 1 177 ? -2.114  12.858  -14.649 1.00 39.36 ? 183 ALA A N   1 
ATOM   1355 C  CA  . ALA A 1 177 ? -2.715  13.170  -15.937 1.00 40.23 ? 183 ALA A CA  1 
ATOM   1356 C  C   . ALA A 1 177 ? -2.483  14.645  -16.332 1.00 43.10 ? 183 ALA A C   1 
ATOM   1357 O  O   . ALA A 1 177 ? -2.244  14.903  -17.510 1.00 46.85 ? 183 ALA A O   1 
ATOM   1358 C  CB  . ALA A 1 177 ? -4.176  12.777  -15.931 1.00 39.06 ? 183 ALA A CB  1 
ATOM   1359 N  N   . SER A 1 178 ? -2.535  15.599  -15.382 1.00 43.21 ? 184 SER A N   1 
ATOM   1360 C  CA  . SER A 1 178 ? -2.211  17.017  -15.671 1.00 46.66 ? 184 SER A CA  1 
ATOM   1361 C  C   . SER A 1 178 ? -0.854  17.120  -16.372 1.00 47.56 ? 184 SER A C   1 
ATOM   1362 O  O   . SER A 1 178 ? -0.697  17.885  -17.359 1.00 44.09 ? 184 SER A O   1 
ATOM   1363 C  CB  . SER A 1 178 ? -2.161  17.842  -14.437 1.00 45.59 ? 184 SER A CB  1 
ATOM   1364 O  OG  . SER A 1 178 ? -3.416  17.811  -13.817 1.00 57.57 ? 184 SER A OG  1 
ATOM   1365 N  N   . ARG A 1 179 ? 0.085   16.316  -15.858 1.00 46.32 ? 185 ARG A N   1 
ATOM   1366 C  CA  . ARG A 1 179 ? 1.491   16.290  -16.244 1.00 47.33 ? 185 ARG A CA  1 
ATOM   1367 C  C   . ARG A 1 179 ? 1.786   15.232  -17.315 1.00 49.56 ? 185 ARG A C   1 
ATOM   1368 O  O   . ARG A 1 179 ? 2.928   14.878  -17.532 1.00 48.94 ? 185 ARG A O   1 
ATOM   1369 C  CB  . ARG A 1 179 ? 2.336   15.963  -15.014 1.00 44.04 ? 185 ARG A CB  1 
ATOM   1370 C  CG  . ARG A 1 179 ? 2.359   17.076  -13.981 1.00 43.32 ? 185 ARG A CG  1 
ATOM   1371 C  CD  . ARG A 1 179 ? 2.882   16.517  -12.676 1.00 50.63 ? 185 ARG A CD  1 
ATOM   1372 N  NE  . ARG A 1 179 ? 2.605   17.411  -11.566 1.00 52.13 ? 185 ARG A NE  1 
ATOM   1373 C  CZ  . ARG A 1 179 ? 3.530   17.981  -10.811 1.00 59.69 ? 185 ARG A CZ  1 
ATOM   1374 N  NH1 . ARG A 1 179 ? 4.818   17.773  -11.054 1.00 60.94 ? 185 ARG A NH1 1 
ATOM   1375 N  NH2 . ARG A 1 179 ? 3.158   18.742  -9.796  1.00 55.42 ? 185 ARG A NH2 1 
ATOM   1376 N  N   . SER A 1 180 ? 0.748   14.714  -17.966 1.00 49.01 ? 186 SER A N   1 
ATOM   1377 C  CA  . SER A 1 180 ? 0.918   13.795  -19.045 1.00 50.49 ? 186 SER A CA  1 
ATOM   1378 C  C   . SER A 1 180 ? 1.712   12.566  -18.594 1.00 47.80 ? 186 SER A C   1 
ATOM   1379 O  O   . SER A 1 180 ? 2.384   11.985  -19.400 1.00 51.58 ? 186 SER A O   1 
ATOM   1380 C  CB  . SER A 1 180 ? 1.581   14.485  -20.216 1.00 53.92 ? 186 SER A CB  1 
ATOM   1381 O  OG  . SER A 1 180 ? 0.607   15.051  -21.077 1.00 57.84 ? 186 SER A OG  1 
ATOM   1382 N  N   . LEU A 1 181 ? 1.586   12.149  -17.326 1.00 46.70 ? 187 LEU A N   1 
ATOM   1383 C  CA  . LEU A 1 181 ? 2.324   10.972  -16.808 1.00 41.93 ? 187 LEU A CA  1 
ATOM   1384 C  C   . LEU A 1 181 ? 1.430   9.749   -16.587 1.00 43.58 ? 187 LEU A C   1 
ATOM   1385 O  O   . LEU A 1 181 ? 1.940   8.648   -16.292 1.00 42.68 ? 187 LEU A O   1 
ATOM   1386 C  CB  . LEU A 1 181 ? 2.982   11.348  -15.485 1.00 45.64 ? 187 LEU A CB  1 
ATOM   1387 C  CG  . LEU A 1 181 ? 4.117   12.360  -15.576 1.00 46.83 ? 187 LEU A CG  1 
ATOM   1388 C  CD1 . LEU A 1 181 ? 4.505   12.825  -14.184 1.00 52.55 ? 187 LEU A CD1 1 
ATOM   1389 C  CD2 . LEU A 1 181 ? 5.316   11.768  -16.302 1.00 46.90 ? 187 LEU A CD2 1 
ATOM   1390 N  N   . TRP A 1 182 ? 0.103   9.929   -16.665 1.00 42.17 ? 188 TRP A N   1 
ATOM   1391 C  CA  . TRP A 1 182 ? -0.792  8.885   -16.169 1.00 40.15 ? 188 TRP A CA  1 
ATOM   1392 C  C   . TRP A 1 182 ? -0.767  7.675   -17.118 1.00 38.59 ? 188 TRP A C   1 
ATOM   1393 O  O   . TRP A 1 182 ? -0.845  6.533   -16.665 1.00 40.00 ? 188 TRP A O   1 
ATOM   1394 C  CB  . TRP A 1 182 ? -2.214  9.434   -15.944 1.00 41.37 ? 188 TRP A CB  1 
ATOM   1395 C  CG  . TRP A 1 182 ? -3.205  8.346   -15.684 1.00 38.00 ? 188 TRP A CG  1 
ATOM   1396 C  CD1 . TRP A 1 182 ? -4.125  7.860   -16.572 1.00 35.43 ? 188 TRP A CD1 1 
ATOM   1397 C  CD2 . TRP A 1 182 ? -3.287  7.510   -14.516 1.00 38.20 ? 188 TRP A CD2 1 
ATOM   1398 N  NE1 . TRP A 1 182 ? -4.792  6.807   -16.023 1.00 39.32 ? 188 TRP A NE1 1 
ATOM   1399 C  CE2 . TRP A 1 182 ? -4.313  6.575   -14.756 1.00 38.41 ? 188 TRP A CE2 1 
ATOM   1400 C  CE3 . TRP A 1 182 ? -2.611  7.459   -13.289 1.00 40.58 ? 188 TRP A CE3 1 
ATOM   1401 C  CZ2 . TRP A 1 182 ? -4.685  5.624   -13.811 1.00 36.41 ? 188 TRP A CZ2 1 
ATOM   1402 C  CZ3 . TRP A 1 182 ? -2.989  6.523   -12.349 1.00 39.72 ? 188 TRP A CZ3 1 
ATOM   1403 C  CH2 . TRP A 1 182 ? -4.017  5.619   -12.608 1.00 38.82 ? 188 TRP A CH2 1 
ATOM   1404 N  N   . ASP A 1 183 ? -0.617  7.919   -18.421 1.00 40.07 ? 189 ASP A N   1 
ATOM   1405 C  CA  . ASP A 1 183 ? -0.636  6.825   -19.435 1.00 47.39 ? 189 ASP A CA  1 
ATOM   1406 C  C   . ASP A 1 183 ? 0.523   5.846   -19.246 1.00 45.41 ? 189 ASP A C   1 
ATOM   1407 O  O   . ASP A 1 183 ? 0.340   4.641   -19.380 1.00 48.71 ? 189 ASP A O   1 
ATOM   1408 C  CB  . ASP A 1 183 ? -0.595  7.355   -20.861 1.00 48.03 ? 189 ASP A CB  1 
ATOM   1409 C  CG  . ASP A 1 183 ? -1.978  7.583   -21.421 1.00 57.53 ? 189 ASP A CG  1 
ATOM   1410 O  OD1 . ASP A 1 183 ? -2.843  6.697   -21.236 1.00 67.70 ? 189 ASP A OD1 1 
ATOM   1411 O  OD2 . ASP A 1 183 ? -2.177  8.639   -22.036 1.00 68.48 ? 189 ASP A OD2 1 
ATOM   1412 N  N   . SER A 1 184 ? 1.710   6.375   -18.947 1.00 44.01 ? 190 SER A N   1 
ATOM   1413 C  CA  . SER A 1 184 ? 2.821   5.516   -18.654 1.00 43.39 ? 190 SER A CA  1 
ATOM   1414 C  C   . SER A 1 184 ? 2.486   4.710   -17.400 1.00 43.09 ? 190 SER A C   1 
ATOM   1415 O  O   . SER A 1 184 ? 2.664   3.485   -17.337 1.00 43.29 ? 190 SER A O   1 
ATOM   1416 C  CB  . SER A 1 184 ? 4.105   6.303   -18.495 1.00 46.75 ? 190 SER A CB  1 
ATOM   1417 O  OG  . SER A 1 184 ? 5.143   5.473   -17.972 1.00 47.63 ? 190 SER A OG  1 
ATOM   1418 N  N   . PHE A 1 185 ? 1.981   5.424   -16.391 1.00 44.63 ? 191 PHE A N   1 
ATOM   1419 C  CA  . PHE A 1 185 ? 1.820   4.855   -15.059 1.00 37.82 ? 191 PHE A CA  1 
ATOM   1420 C  C   . PHE A 1 185 ? 0.793   3.711   -15.090 1.00 38.41 ? 191 PHE A C   1 
ATOM   1421 O  O   . PHE A 1 185 ? 1.041   2.628   -14.556 1.00 43.44 ? 191 PHE A O   1 
ATOM   1422 C  CB  . PHE A 1 185 ? 1.507   5.979   -14.067 1.00 41.73 ? 191 PHE A CB  1 
ATOM   1423 C  CG  . PHE A 1 185 ? 1.474   5.530   -12.632 1.00 40.09 ? 191 PHE A CG  1 
ATOM   1424 C  CD1 . PHE A 1 185 ? 2.622   5.067   -12.008 1.00 39.02 ? 191 PHE A CD1 1 
ATOM   1425 C  CD2 . PHE A 1 185 ? 0.288   5.535   -11.920 1.00 40.36 ? 191 PHE A CD2 1 
ATOM   1426 C  CE1 . PHE A 1 185 ? 2.588   4.635   -10.694 1.00 40.09 ? 191 PHE A CE1 1 
ATOM   1427 C  CE2 . PHE A 1 185 ? 0.253   5.091   -10.608 1.00 37.94 ? 191 PHE A CE2 1 
ATOM   1428 C  CZ  . PHE A 1 185 ? 1.397   4.642   -9.997  1.00 40.49 ? 191 PHE A CZ  1 
ATOM   1429 N  N   . ARG A 1 186 ? -0.344  3.931   -15.752 1.00 42.07 ? 192 ARG A N   1 
ATOM   1430 C  CA  . ARG A 1 186 ? -1.425  2.946   -15.765 1.00 45.84 ? 192 ARG A CA  1 
ATOM   1431 C  C   . ARG A 1 186 ? -1.012  1.696   -16.556 1.00 49.56 ? 192 ARG A C   1 
ATOM   1432 O  O   . ARG A 1 186 ? -1.433  0.624   -16.202 1.00 49.83 ? 192 ARG A O   1 
ATOM   1433 C  CB  . ARG A 1 186 ? -2.713  3.519   -16.361 1.00 46.39 ? 192 ARG A CB  1 
ATOM   1434 C  CG  . ARG A 1 186 ? -2.633  3.759   -17.857 1.00 49.16 ? 192 ARG A CG  1 
ATOM   1435 C  CD  . ARG A 1 186 ? -3.923  4.292   -18.431 1.00 52.20 ? 192 ARG A CD  1 
ATOM   1436 N  NE  . ARG A 1 186 ? -3.819  4.499   -19.867 1.00 50.30 ? 192 ARG A NE  1 
ATOM   1437 C  CZ  . ARG A 1 186 ? -3.936  3.531   -20.771 1.00 47.55 ? 192 ARG A CZ  1 
ATOM   1438 N  NH1 . ARG A 1 186 ? -4.093  2.276   -20.385 1.00 42.20 ? 192 ARG A NH1 1 
ATOM   1439 N  NH2 . ARG A 1 186 ? -3.866  3.831   -22.055 1.00 52.62 ? 192 ARG A NH2 1 
ATOM   1440 N  N   . GLN A 1 187 ? -0.216  1.851   -17.628 1.00 50.76 ? 193 GLN A N   1 
ATOM   1441 C  CA  . GLN A 1 187 ? 0.174   0.712   -18.486 1.00 46.13 ? 193 GLN A CA  1 
ATOM   1442 C  C   . GLN A 1 187 ? 1.362   -0.032  -17.882 1.00 47.97 ? 193 GLN A C   1 
ATOM   1443 O  O   . GLN A 1 187 ? 1.710   -1.138  -18.315 1.00 54.27 ? 193 GLN A O   1 
ATOM   1444 C  CB  . GLN A 1 187 ? 0.507   1.166   -19.898 1.00 45.34 ? 193 GLN A CB  1 
ATOM   1445 C  CG  . GLN A 1 187 ? -0.720  1.551   -20.691 1.00 44.12 ? 193 GLN A CG  1 
ATOM   1446 C  CD  . GLN A 1 187 ? -0.324  1.864   -22.106 1.00 44.83 ? 193 GLN A CD  1 
ATOM   1447 O  OE1 . GLN A 1 187 ? -0.108  0.964   -22.899 1.00 46.82 ? 193 GLN A OE1 1 
ATOM   1448 N  NE2 . GLN A 1 187 ? -0.218  3.143   -22.421 1.00 44.70 ? 193 GLN A NE2 1 
ATOM   1449 N  N   . SER A 1 188 ? 1.980   0.575   -16.872 1.00 45.94 ? 194 SER A N   1 
ATOM   1450 C  CA  . SER A 1 188 ? 2.931   -0.130  -16.070 1.00 46.81 ? 194 SER A CA  1 
ATOM   1451 C  C   . SER A 1 188 ? 2.199   -0.866  -14.938 1.00 47.80 ? 194 SER A C   1 
ATOM   1452 O  O   . SER A 1 188 ? 1.130   -0.485  -14.523 1.00 54.62 ? 194 SER A O   1 
ATOM   1453 C  CB  . SER A 1 188 ? 3.978   0.808   -15.549 1.00 46.86 ? 194 SER A CB  1 
ATOM   1454 O  OG  . SER A 1 188 ? 4.848   0.088   -14.717 1.00 51.96 ? 194 SER A OG  1 
ATOM   1455 N  N   . GLU A 1 189 ? 2.791   -1.962  -14.480 1.00 53.74 ? 195 GLU A N   1 
ATOM   1456 C  CA  . GLU A 1 189 ? 2.353   -2.693  -13.331 1.00 53.14 ? 195 GLU A CA  1 
ATOM   1457 C  C   . GLU A 1 189 ? 3.465   -2.689  -12.279 1.00 58.76 ? 195 GLU A C   1 
ATOM   1458 O  O   . GLU A 1 189 ? 3.323   -3.316  -11.234 1.00 56.61 ? 195 GLU A O   1 
ATOM   1459 C  CB  . GLU A 1 189 ? 2.120   -4.156  -13.685 1.00 54.11 ? 195 GLU A CB  1 
ATOM   1460 C  CG  . GLU A 1 189 ? 1.156   -4.365  -14.818 1.00 58.70 ? 195 GLU A CG  1 
ATOM   1461 C  CD  . GLU A 1 189 ? 0.826   -5.831  -15.016 1.00 72.77 ? 195 GLU A CD  1 
ATOM   1462 O  OE1 . GLU A 1 189 ? 1.145   -6.641  -14.106 1.00 73.98 ? 195 GLU A OE1 1 
ATOM   1463 O  OE2 . GLU A 1 189 ? 0.261   -6.163  -16.081 1.00 79.35 ? 195 GLU A OE2 1 
ATOM   1464 N  N   . ARG A 1 190 ? 4.584   -2.021  -12.583 1.00 54.29 ? 196 ARG A N   1 
ATOM   1465 C  CA  . ARG A 1 190 ? 5.737   -1.989  -11.679 1.00 62.16 ? 196 ARG A CA  1 
ATOM   1466 C  C   . ARG A 1 190 ? 5.352   -1.266  -10.369 1.00 58.44 ? 196 ARG A C   1 
ATOM   1467 O  O   . ARG A 1 190 ? 4.865   -0.118  -10.377 1.00 53.44 ? 196 ARG A O   1 
ATOM   1468 C  CB  . ARG A 1 190 ? 6.940   -1.342  -12.378 1.00 65.63 ? 196 ARG A CB  1 
ATOM   1469 C  CG  . ARG A 1 190 ? 7.268   -1.958  -13.732 1.00 67.53 ? 196 ARG A CG  1 
ATOM   1470 C  CD  . ARG A 1 190 ? 8.684   -2.483  -13.775 1.00 70.53 ? 196 ARG A CD  1 
ATOM   1471 N  NE  . ARG A 1 190 ? 8.968   -3.174  -15.023 1.00 68.45 ? 196 ARG A NE  1 
ATOM   1472 C  CZ  . ARG A 1 190 ? 9.627   -2.635  -16.037 1.00 69.07 ? 196 ARG A CZ  1 
ATOM   1473 N  NH1 . ARG A 1 190 ? 10.154  -1.426  -15.914 1.00 69.65 ? 196 ARG A NH1 1 
ATOM   1474 N  NH2 . ARG A 1 190 ? 9.756   -3.306  -17.168 1.00 66.47 ? 196 ARG A NH2 1 
ATOM   1475 N  N   . GLY A 1 191 ? 5.565   -1.960  -9.245  1.00 59.44 ? 197 GLY A N   1 
ATOM   1476 C  CA  . GLY A 1 191 ? 5.139   -1.508  -7.915  1.00 55.94 ? 197 GLY A CA  1 
ATOM   1477 C  C   . GLY A 1 191 ? 3.978   -2.328  -7.372  1.00 55.83 ? 197 GLY A C   1 
ATOM   1478 O  O   . GLY A 1 191 ? 3.757   -2.308  -6.156  1.00 59.17 ? 197 GLY A O   1 
ATOM   1479 N  N   . GLU A 1 192 ? 3.235   -3.021  -8.262  1.00 55.62 ? 198 GLU A N   1 
ATOM   1480 C  CA  . GLU A 1 192 ? 2.140   -3.965  -7.888  1.00 53.15 ? 198 GLU A CA  1 
ATOM   1481 C  C   . GLU A 1 192 ? 2.740   -5.370  -7.707  1.00 50.75 ? 198 GLU A C   1 
ATOM   1482 O  O   . GLU A 1 192 ? 2.200   -6.150  -6.927  1.00 47.81 ? 198 GLU A O   1 
ATOM   1483 C  CB  . GLU A 1 192 ? 1.008   -3.987  -8.930  1.00 51.57 ? 198 GLU A CB  1 
ATOM   1484 C  CG  . GLU A 1 192 ? 0.177   -2.717  -8.953  1.00 49.49 ? 198 GLU A CG  1 
ATOM   1485 C  CD  . GLU A 1 192 ? -0.921  -2.577  -10.009 1.00 44.66 ? 198 GLU A CD  1 
ATOM   1486 O  OE1 . GLU A 1 192 ? -1.059  -1.461  -10.497 1.00 40.40 ? 198 GLU A OE1 1 
ATOM   1487 O  OE2 . GLU A 1 192 ? -1.699  -3.539  -10.286 1.00 40.58 ? 198 GLU A OE2 1 
HETATM 1488 MN MN  . MN  B 2 .   ? 3.580   -4.503  2.238   1.00 40.85 ? 201 MN  A MN  1 
HETATM 1489 MN MN  . MN  C 2 .   ? 0.555   -3.973  0.247   1.00 36.95 ? 202 MN  A MN  1 
HETATM 1490 O  OAF . HWA D 3 .   ? 6.502   -5.563  -0.199  1.00 47.62 ? 203 HWA A OAF 1 
HETATM 1491 C  CAE . HWA D 3 .   ? 5.342   -5.356  0.203   1.00 46.20 ? 203 HWA A CAE 1 
HETATM 1492 O  OAK . HWA D 3 .   ? 5.111   -5.340  1.464   1.00 39.49 ? 203 HWA A OAK 1 
HETATM 1493 C  CAD . HWA D 3 .   ? 4.413   -5.149  -0.832  1.00 39.89 ? 203 HWA A CAD 1 
HETATM 1494 N  NAC . HWA D 3 .   ? 4.938   -5.395  -2.121  1.00 38.24 ? 203 HWA A NAC 1 
HETATM 1495 C  CAB . HWA D 3 .   ? 4.168   -5.208  -3.291  1.00 41.22 ? 203 HWA A CAB 1 
HETATM 1496 C  CAA . HWA D 3 .   ? 4.742   -5.467  -4.592  1.00 42.31 ? 203 HWA A CAA 1 
HETATM 1497 C  CAG . HWA D 3 .   ? 2.843   -4.767  -3.159  1.00 37.92 ? 203 HWA A CAG 1 
HETATM 1498 C  CAH . HWA D 3 .   ? 2.290   -4.497  -1.901  1.00 40.60 ? 203 HWA A CAH 1 
HETATM 1499 O  OAL . HWA D 3 .   ? 1.102   -4.097  -1.875  1.00 40.68 ? 203 HWA A OAL 1 
HETATM 1500 C  CAI . HWA D 3 .   ? 3.087   -4.701  -0.742  1.00 37.75 ? 203 HWA A CAI 1 
HETATM 1501 O  OAJ . HWA D 3 .   ? 2.573   -4.430  0.475   1.00 37.23 ? 203 HWA A OAJ 1 
HETATM 1502 C  C1  . EDO E 4 .   ? 7.575   -4.298  3.685   1.00 57.54 ? 204 EDO A C1  1 
HETATM 1503 O  O1  . EDO E 4 .   ? 7.800   -5.455  4.418   1.00 58.72 ? 204 EDO A O1  1 
HETATM 1504 C  C2  . EDO E 4 .   ? 8.793   -3.979  2.822   1.00 58.89 ? 204 EDO A C2  1 
HETATM 1505 O  O2  . EDO E 4 .   ? 8.238   -3.578  1.577   1.00 57.74 ? 204 EDO A O2  1 
HETATM 1506 C  C1  . EDO F 4 .   ? 5.696   -2.273  -2.150  1.00 66.38 ? 205 EDO A C1  1 
HETATM 1507 O  O1  . EDO F 4 .   ? 5.988   -1.211  -1.269  1.00 59.56 ? 205 EDO A O1  1 
HETATM 1508 C  C2  . EDO F 4 .   ? 5.558   -1.753  -3.592  1.00 65.89 ? 205 EDO A C2  1 
HETATM 1509 O  O2  . EDO F 4 .   ? 4.422   -0.888  -3.666  1.00 66.84 ? 205 EDO A O2  1 
HETATM 1510 O  O   . HOH G 5 .   ? 2.698   -6.594  2.728   1.00 32.82 ? 301 HOH A O   1 
HETATM 1511 O  O   . HOH G 5 .   ? 7.858   -3.126  6.515   1.00 47.06 ? 302 HOH A O   1 
HETATM 1512 O  O   . HOH G 5 .   ? 7.294   7.479   -15.382 1.00 36.41 ? 303 HOH A O   1 
HETATM 1513 O  O   . HOH G 5 .   ? 5.073   0.952   -0.328  1.00 38.19 ? 304 HOH A O   1 
HETATM 1514 O  O   . HOH G 5 .   ? -10.698 -4.524  4.891   1.00 37.03 ? 305 HOH A O   1 
HETATM 1515 O  O   . HOH G 5 .   ? -0.227  -2.934  -3.822  1.00 31.66 ? 306 HOH A O   1 
HETATM 1516 O  O   . HOH G 5 .   ? 4.605   -4.688  4.390   1.00 39.83 ? 307 HOH A O   1 
HETATM 1517 O  O   . HOH G 5 .   ? -9.564  5.877   -6.067  1.00 44.28 ? 308 HOH A O   1 
HETATM 1518 O  O   . HOH G 5 .   ? 1.605   -1.374  -4.702  1.00 46.46 ? 309 HOH A O   1 
HETATM 1519 O  O   . HOH G 5 .   ? -9.367  -5.566  9.105   1.00 49.86 ? 310 HOH A O   1 
HETATM 1520 O  O   . HOH G 5 .   ? -1.167  10.864  -19.304 1.00 43.35 ? 311 HOH A O   1 
HETATM 1521 O  O   . HOH G 5 .   ? 7.109   0.950   1.482   1.00 57.88 ? 312 HOH A O   1 
HETATM 1522 O  O   . HOH G 5 .   ? 2.390   -8.551  -0.454  1.00 50.69 ? 313 HOH A O   1 
# 
loop_
_pdbx_poly_seq_scheme.asym_id 
_pdbx_poly_seq_scheme.entity_id 
_pdbx_poly_seq_scheme.seq_id 
_pdbx_poly_seq_scheme.mon_id 
_pdbx_poly_seq_scheme.ndb_seq_num 
_pdbx_poly_seq_scheme.pdb_seq_num 
_pdbx_poly_seq_scheme.auth_seq_num 
_pdbx_poly_seq_scheme.pdb_mon_id 
_pdbx_poly_seq_scheme.auth_mon_id 
_pdbx_poly_seq_scheme.pdb_strand_id 
_pdbx_poly_seq_scheme.pdb_ins_code 
_pdbx_poly_seq_scheme.hetero 
A 1 1   MET 1   -5  ?   ?   ?   A . n 
A 1 2   GLY 2   -4  ?   ?   ?   A . n 
A 1 3   SER 3   -3  ?   ?   ?   A . n 
A 1 4   GLY 4   -2  ?   ?   ?   A . n 
A 1 5   MET 5   -1  -1  MET MET A . n 
A 1 6   ALA 6   0   0   ALA ALA A . n 
A 1 7   MET 7   1   1   MET MET A . n 
A 1 8   GLU 8   2   2   GLU GLU A . n 
A 1 9   ASP 9   3   3   ASP ASP A . n 
A 1 10  PHE 10  4   4   PHE PHE A . n 
A 1 11  VAL 11  5   5   VAL VAL A . n 
A 1 12  ARG 12  6   6   ARG ARG A . n 
A 1 13  GLN 13  7   7   GLN GLN A . n 
A 1 14  CYS 14  8   8   CYS CYS A . n 
A 1 15  PHE 15  9   9   PHE PHE A . n 
A 1 16  ASN 16  10  10  ASN ASN A . n 
A 1 17  PRO 17  11  11  PRO PRO A . n 
A 1 18  MET 18  12  12  MET MET A . n 
A 1 19  ILE 19  13  13  ILE ILE A . n 
A 1 20  VAL 20  14  14  VAL VAL A . n 
A 1 21  GLU 21  15  15  GLU GLU A . n 
A 1 22  LEU 22  16  16  LEU LEU A . n 
A 1 23  ALA 23  17  17  ALA ALA A . n 
A 1 24  GLU 24  18  18  GLU GLU A . n 
A 1 25  LYS 25  19  19  LYS LYS A . n 
A 1 26  ALA 26  20  20  ALA ALA A . n 
A 1 27  MET 27  21  21  MET MET A . n 
A 1 28  LYS 28  22  22  LYS LYS A . n 
A 1 29  GLU 29  23  23  GLU GLU A . n 
A 1 30  TYR 30  24  24  TYR TYR A . n 
A 1 31  GLY 31  25  25  GLY GLY A . n 
A 1 32  GLU 32  26  26  GLU GLU A . n 
A 1 33  ASP 33  27  27  ASP ASP A . n 
A 1 34  PRO 34  28  28  PRO PRO A . n 
A 1 35  LYS 35  29  29  LYS LYS A . n 
A 1 36  ILE 36  30  30  ILE ILE A . n 
A 1 37  GLU 37  31  31  GLU GLU A . n 
A 1 38  THR 38  32  32  THR THR A . n 
A 1 39  ASN 39  33  33  ASN ASN A . n 
A 1 40  LYS 40  34  34  LYS LYS A . n 
A 1 41  PHE 41  35  35  PHE PHE A . n 
A 1 42  ALA 42  36  36  ALA ALA A . n 
A 1 43  ALA 43  37  37  ALA ALA A . n 
A 1 44  ILE 44  38  38  ILE ILE A . n 
A 1 45  CYS 45  39  39  CYS CYS A . n 
A 1 46  THR 46  40  40  THR THR A . n 
A 1 47  HIS 47  41  41  HIS HIS A . n 
A 1 48  LEU 48  42  42  LEU LEU A . n 
A 1 49  GLU 49  43  43  GLU GLU A . n 
A 1 50  VAL 50  44  44  VAL VAL A . n 
A 1 51  CYS 51  45  45  CYS CYS A . n 
A 1 52  PHE 52  46  46  PHE PHE A . n 
A 1 53  MET 53  47  47  MET MET A . n 
A 1 54  TYR 54  48  48  TYR TYR A . n 
A 1 55  SER 55  49  49  SER SER A . n 
A 1 56  ASP 56  50  50  ASP ASP A . n 
A 1 57  PHE 57  51  51  PHE PHE A . n 
A 1 58  GLY 58  52  52  GLY GLY A . n 
A 1 59  SER 59  65  ?   ?   ?   A . n 
A 1 60  GLY 60  66  ?   ?   ?   A . n 
A 1 61  ASP 61  67  ?   ?   ?   A . n 
A 1 62  PRO 62  68  ?   ?   ?   A . n 
A 1 63  ASN 63  69  ?   ?   ?   A . n 
A 1 64  ALA 64  70  ?   ?   ?   A . n 
A 1 65  LEU 65  71  ?   ?   ?   A . n 
A 1 66  LEU 66  72  ?   ?   ?   A . n 
A 1 67  LYS 67  73  ?   ?   ?   A . n 
A 1 68  HIS 68  74  74  HIS HIS A . n 
A 1 69  ARG 69  75  75  ARG ARG A . n 
A 1 70  PHE 70  76  76  PHE PHE A . n 
A 1 71  GLU 71  77  77  GLU GLU A . n 
A 1 72  ILE 72  78  78  ILE ILE A . n 
A 1 73  ILE 73  79  79  ILE ILE A . n 
A 1 74  GLU 74  80  80  GLU GLU A . n 
A 1 75  GLY 75  81  81  GLY GLY A . n 
A 1 76  ARG 76  82  82  ARG ARG A . n 
A 1 77  ASP 77  83  83  ASP ASP A . n 
A 1 78  ARG 78  84  84  ARG ARG A . n 
A 1 79  ILE 79  85  85  ILE ILE A . n 
A 1 80  MET 80  86  86  MET MET A . n 
A 1 81  ALA 81  87  87  ALA ALA A . n 
A 1 82  TRP 82  88  88  TRP TRP A . n 
A 1 83  THR 83  89  89  THR THR A . n 
A 1 84  VAL 84  90  90  VAL VAL A . n 
A 1 85  VAL 85  91  91  VAL VAL A . n 
A 1 86  ASN 86  92  92  ASN ASN A . n 
A 1 87  SER 87  93  93  SER SER A . n 
A 1 88  ILE 88  94  94  ILE ILE A . n 
A 1 89  CYS 89  95  95  CYS CYS A . n 
A 1 90  ASN 90  96  96  ASN ASN A . n 
A 1 91  THR 91  97  97  THR THR A . n 
A 1 92  THR 92  98  98  THR THR A . n 
A 1 93  GLY 93  99  99  GLY GLY A . n 
A 1 94  VAL 94  100 100 VAL VAL A . n 
A 1 95  GLU 95  101 101 GLU GLU A . n 
A 1 96  LYS 96  102 102 LYS LYS A . n 
A 1 97  PRO 97  103 103 PRO PRO A . n 
A 1 98  LYS 98  104 104 LYS LYS A . n 
A 1 99  PHE 99  105 105 PHE PHE A . n 
A 1 100 LEU 100 106 106 LEU LEU A . n 
A 1 101 PRO 101 107 107 PRO PRO A . n 
A 1 102 ASP 102 108 108 ASP ASP A . n 
A 1 103 LEU 103 109 109 LEU LEU A . n 
A 1 104 TYR 104 110 110 TYR TYR A . n 
A 1 105 ASP 105 111 111 ASP ASP A . n 
A 1 106 TYR 106 112 112 TYR TYR A . n 
A 1 107 LYS 107 113 113 LYS LYS A . n 
A 1 108 GLU 108 114 114 GLU GLU A . n 
A 1 109 ASN 109 115 115 ASN ASN A . n 
A 1 110 ARG 110 116 116 ARG ARG A . n 
A 1 111 PHE 111 117 117 PHE PHE A . n 
A 1 112 ILE 112 118 118 ILE ILE A . n 
A 1 113 GLU 113 119 119 GLU GLU A . n 
A 1 114 ILE 114 120 120 ILE ILE A . n 
A 1 115 GLY 115 121 121 GLY GLY A . n 
A 1 116 VAL 116 122 122 VAL VAL A . n 
A 1 117 THR 117 123 123 THR THR A . n 
A 1 118 ARG 118 124 124 ARG ARG A . n 
A 1 119 ARG 119 125 125 ARG ARG A . n 
A 1 120 GLU 120 126 126 GLU GLU A . n 
A 1 121 VAL 121 127 127 VAL VAL A . n 
A 1 122 HIS 122 128 128 HIS HIS A . n 
A 1 123 ILE 123 129 129 ILE ILE A . n 
A 1 124 TYR 124 130 130 TYR TYR A . n 
A 1 125 TYR 125 131 131 TYR TYR A . n 
A 1 126 LEU 126 132 132 LEU LEU A . n 
A 1 127 GLU 127 133 133 GLU GLU A . n 
A 1 128 LYS 128 134 134 LYS LYS A . n 
A 1 129 ALA 129 135 135 ALA ALA A . n 
A 1 130 ASN 130 136 136 ASN ASN A . n 
A 1 131 LYS 131 137 137 LYS LYS A . n 
A 1 132 ILE 132 138 138 ILE ILE A . n 
A 1 133 LYS 133 139 139 LYS LYS A . n 
A 1 134 SER 134 140 140 SER SER A . n 
A 1 135 GLU 135 141 141 GLU GLU A . n 
A 1 136 LYS 136 142 142 LYS LYS A . n 
A 1 137 THR 137 143 143 THR THR A . n 
A 1 138 HIS 138 144 144 HIS HIS A . n 
A 1 139 ILE 139 145 145 ILE ILE A . n 
A 1 140 HIS 140 146 146 HIS HIS A . n 
A 1 141 ILE 141 147 147 ILE ILE A . n 
A 1 142 PHE 142 148 148 PHE PHE A . n 
A 1 143 SER 143 149 149 SER SER A . n 
A 1 144 PHE 144 150 150 PHE PHE A . n 
A 1 145 THR 145 151 151 THR THR A . n 
A 1 146 GLY 146 152 152 GLY GLY A . n 
A 1 147 GLU 147 153 153 GLU GLU A . n 
A 1 148 GLU 148 154 154 GLU GLU A . n 
A 1 149 MET 149 155 155 MET MET A . n 
A 1 150 ALA 150 156 156 ALA ALA A . n 
A 1 151 THR 151 157 157 THR THR A . n 
A 1 152 LYS 152 158 158 LYS LYS A . n 
A 1 153 ALA 153 159 159 ALA ALA A . n 
A 1 154 ASP 154 160 160 ASP ASP A . n 
A 1 155 TYR 155 161 161 TYR TYR A . n 
A 1 156 THR 156 162 162 THR THR A . n 
A 1 157 LEU 157 163 163 LEU LEU A . n 
A 1 158 ASP 158 164 164 ASP ASP A . n 
A 1 159 GLU 159 165 165 GLU GLU A . n 
A 1 160 GLU 160 166 166 GLU GLU A . n 
A 1 161 SER 161 167 167 SER SER A . n 
A 1 162 ARG 162 168 168 ARG ARG A . n 
A 1 163 ALA 163 169 169 ALA ALA A . n 
A 1 164 ARG 164 170 170 ARG ARG A . n 
A 1 165 ILE 165 171 171 ILE ILE A . n 
A 1 166 LYS 166 172 172 LYS LYS A . n 
A 1 167 THR 167 173 173 THR THR A . n 
A 1 168 ARG 168 174 174 ARG ARG A . n 
A 1 169 LEU 169 175 175 LEU LEU A . n 
A 1 170 PHE 170 176 176 PHE PHE A . n 
A 1 171 THR 171 177 177 THR THR A . n 
A 1 172 ILE 172 178 178 ILE ILE A . n 
A 1 173 ARG 173 179 179 ARG ARG A . n 
A 1 174 GLN 174 180 180 GLN GLN A . n 
A 1 175 GLU 175 181 181 GLU GLU A . n 
A 1 176 MET 176 182 182 MET MET A . n 
A 1 177 ALA 177 183 183 ALA ALA A . n 
A 1 178 SER 178 184 184 SER SER A . n 
A 1 179 ARG 179 185 185 ARG ARG A . n 
A 1 180 SER 180 186 186 SER SER A . n 
A 1 181 LEU 181 187 187 LEU LEU A . n 
A 1 182 TRP 182 188 188 TRP TRP A . n 
A 1 183 ASP 183 189 189 ASP ASP A . n 
A 1 184 SER 184 190 190 SER SER A . n 
A 1 185 PHE 185 191 191 PHE PHE A . n 
A 1 186 ARG 186 192 192 ARG ARG A . n 
A 1 187 GLN 187 193 193 GLN GLN A . n 
A 1 188 SER 188 194 194 SER SER A . n 
A 1 189 GLU 189 195 195 GLU GLU A . n 
A 1 190 ARG 190 196 196 ARG ARG A . n 
A 1 191 GLY 191 197 197 GLY GLY A . n 
A 1 192 GLU 192 198 198 GLU GLU A . n 
# 
loop_
_pdbx_nonpoly_scheme.asym_id 
_pdbx_nonpoly_scheme.entity_id 
_pdbx_nonpoly_scheme.mon_id 
_pdbx_nonpoly_scheme.ndb_seq_num 
_pdbx_nonpoly_scheme.pdb_seq_num 
_pdbx_nonpoly_scheme.auth_seq_num 
_pdbx_nonpoly_scheme.pdb_mon_id 
_pdbx_nonpoly_scheme.auth_mon_id 
_pdbx_nonpoly_scheme.pdb_strand_id 
_pdbx_nonpoly_scheme.pdb_ins_code 
B 2 MN  1  201 199 MN  MN  A . 
C 2 MN  1  202 200 MN  MN  A . 
D 3 HWA 1  203 201 HWA DRG A . 
E 4 EDO 1  204 202 EDO EDO A . 
F 4 EDO 1  205 203 EDO EDO A . 
G 5 HOH 1  301 206 HOH HOH A . 
G 5 HOH 2  302 211 HOH HOH A . 
G 5 HOH 3  303 208 HOH HOH A . 
G 5 HOH 4  304 213 HOH HOH A . 
G 5 HOH 5  305 207 HOH HOH A . 
G 5 HOH 6  306 204 HOH HOH A . 
G 5 HOH 7  307 205 HOH HOH A . 
G 5 HOH 8  308 215 HOH HOH A . 
G 5 HOH 9  309 214 HOH HOH A . 
G 5 HOH 10 310 209 HOH HOH A . 
G 5 HOH 11 311 216 HOH HOH A . 
G 5 HOH 12 312 212 HOH HOH A . 
G 5 HOH 13 313 210 HOH HOH A . 
# 
_pdbx_struct_assembly.id                   1 
_pdbx_struct_assembly.details              author_and_software_defined_assembly 
_pdbx_struct_assembly.method_details       PISA 
_pdbx_struct_assembly.oligomeric_details   monomeric 
_pdbx_struct_assembly.oligomeric_count     1 
# 
_pdbx_struct_assembly_gen.assembly_id       1 
_pdbx_struct_assembly_gen.oper_expression   1 
_pdbx_struct_assembly_gen.asym_id_list      A,B,C,D,E,F,G 
# 
loop_
_pdbx_struct_assembly_prop.biol_id 
_pdbx_struct_assembly_prop.type 
_pdbx_struct_assembly_prop.value 
_pdbx_struct_assembly_prop.details 
1 'ABSA (A^2)' 680  ? 
1 MORE         1    ? 
1 'SSA (A^2)'  9300 ? 
# 
_pdbx_struct_oper_list.id                   1 
_pdbx_struct_oper_list.type                 'identity operation' 
_pdbx_struct_oper_list.name                 1_555 
_pdbx_struct_oper_list.symmetry_operation   x,y,z 
_pdbx_struct_oper_list.matrix[1][1]         1.0000000000 
_pdbx_struct_oper_list.matrix[1][2]         0.0000000000 
_pdbx_struct_oper_list.matrix[1][3]         0.0000000000 
_pdbx_struct_oper_list.vector[1]            0.0000000000 
_pdbx_struct_oper_list.matrix[2][1]         0.0000000000 
_pdbx_struct_oper_list.matrix[2][2]         1.0000000000 
_pdbx_struct_oper_list.matrix[2][3]         0.0000000000 
_pdbx_struct_oper_list.vector[2]            0.0000000000 
_pdbx_struct_oper_list.matrix[3][1]         0.0000000000 
_pdbx_struct_oper_list.matrix[3][2]         0.0000000000 
_pdbx_struct_oper_list.matrix[3][3]         1.0000000000 
_pdbx_struct_oper_list.vector[3]            0.0000000000 
# 
loop_
_pdbx_struct_conn_angle.id 
_pdbx_struct_conn_angle.ptnr1_label_atom_id 
_pdbx_struct_conn_angle.ptnr1_label_alt_id 
_pdbx_struct_conn_angle.ptnr1_label_asym_id 
_pdbx_struct_conn_angle.ptnr1_label_comp_id 
_pdbx_struct_conn_angle.ptnr1_label_seq_id 
_pdbx_struct_conn_angle.ptnr1_auth_atom_id 
_pdbx_struct_conn_angle.ptnr1_auth_asym_id 
_pdbx_struct_conn_angle.ptnr1_auth_comp_id 
_pdbx_struct_conn_angle.ptnr1_auth_seq_id 
_pdbx_struct_conn_angle.ptnr1_PDB_ins_code 
_pdbx_struct_conn_angle.ptnr1_symmetry 
_pdbx_struct_conn_angle.ptnr2_label_atom_id 
_pdbx_struct_conn_angle.ptnr2_label_alt_id 
_pdbx_struct_conn_angle.ptnr2_label_asym_id 
_pdbx_struct_conn_angle.ptnr2_label_comp_id 
_pdbx_struct_conn_angle.ptnr2_label_seq_id 
_pdbx_struct_conn_angle.ptnr2_auth_atom_id 
_pdbx_struct_conn_angle.ptnr2_auth_asym_id 
_pdbx_struct_conn_angle.ptnr2_auth_comp_id 
_pdbx_struct_conn_angle.ptnr2_auth_seq_id 
_pdbx_struct_conn_angle.ptnr2_PDB_ins_code 
_pdbx_struct_conn_angle.ptnr2_symmetry 
_pdbx_struct_conn_angle.ptnr3_label_atom_id 
_pdbx_struct_conn_angle.ptnr3_label_alt_id 
_pdbx_struct_conn_angle.ptnr3_label_asym_id 
_pdbx_struct_conn_angle.ptnr3_label_comp_id 
_pdbx_struct_conn_angle.ptnr3_label_seq_id 
_pdbx_struct_conn_angle.ptnr3_auth_atom_id 
_pdbx_struct_conn_angle.ptnr3_auth_asym_id 
_pdbx_struct_conn_angle.ptnr3_auth_comp_id 
_pdbx_struct_conn_angle.ptnr3_auth_seq_id 
_pdbx_struct_conn_angle.ptnr3_PDB_ins_code 
_pdbx_struct_conn_angle.ptnr3_symmetry 
_pdbx_struct_conn_angle.value 
_pdbx_struct_conn_angle.value_esd 
1  NE2 ? A HIS 47  ? A HIS 41  ? 1_555 MN ? C MN . ? A MN 202 ? 1_555 OD2 ? A ASP 102 ? A ASP 108 ? 1_555 104.4 ? 
2  NE2 ? A HIS 47  ? A HIS 41  ? 1_555 MN ? C MN . ? A MN 202 ? 1_555 OE2 ? A GLU 113 ? A GLU 119 ? 1_555 166.3 ? 
3  OD2 ? A ASP 102 ? A ASP 108 ? 1_555 MN ? C MN . ? A MN 202 ? 1_555 OE2 ? A GLU 113 ? A GLU 119 ? 1_555 83.1  ? 
4  NE2 ? A HIS 47  ? A HIS 41  ? 1_555 MN ? C MN . ? A MN 202 ? 1_555 O   ? A ILE 114 ? A ILE 120 ? 1_555 78.9  ? 
5  OD2 ? A ASP 102 ? A ASP 108 ? 1_555 MN ? C MN . ? A MN 202 ? 1_555 O   ? A ILE 114 ? A ILE 120 ? 1_555 91.7  ? 
6  OE2 ? A GLU 113 ? A GLU 119 ? 1_555 MN ? C MN . ? A MN 202 ? 1_555 O   ? A ILE 114 ? A ILE 120 ? 1_555 89.5  ? 
7  NE2 ? A HIS 47  ? A HIS 41  ? 1_555 MN ? C MN . ? A MN 202 ? 1_555 OAL ? D HWA .   ? A HWA 203 ? 1_555 79.6  ? 
8  OD2 ? A ASP 102 ? A ASP 108 ? 1_555 MN ? C MN . ? A MN 202 ? 1_555 OAL ? D HWA .   ? A HWA 203 ? 1_555 176.0 ? 
9  OE2 ? A GLU 113 ? A GLU 119 ? 1_555 MN ? C MN . ? A MN 202 ? 1_555 OAL ? D HWA .   ? A HWA 203 ? 1_555 93.1  ? 
10 O   ? A ILE 114 ? A ILE 120 ? 1_555 MN ? C MN . ? A MN 202 ? 1_555 OAL ? D HWA .   ? A HWA 203 ? 1_555 89.4  ? 
11 NE2 ? A HIS 47  ? A HIS 41  ? 1_555 MN ? C MN . ? A MN 202 ? 1_555 OAJ ? D HWA .   ? A HWA 203 ? 1_555 98.0  ? 
12 OD2 ? A ASP 102 ? A ASP 108 ? 1_555 MN ? C MN . ? A MN 202 ? 1_555 OAJ ? D HWA .   ? A HWA 203 ? 1_555 97.6  ? 
13 OE2 ? A GLU 113 ? A GLU 119 ? 1_555 MN ? C MN . ? A MN 202 ? 1_555 OAJ ? D HWA .   ? A HWA 203 ? 1_555 92.3  ? 
14 O   ? A ILE 114 ? A ILE 120 ? 1_555 MN ? C MN . ? A MN 202 ? 1_555 OAJ ? D HWA .   ? A HWA 203 ? 1_555 170.7 ? 
15 OAL ? D HWA .   ? A HWA 203 ? 1_555 MN ? C MN . ? A MN 202 ? 1_555 OAJ ? D HWA .   ? A HWA 203 ? 1_555 81.5  ? 
16 OE2 ? A GLU 74  ? A GLU 80  ? 1_555 MN ? B MN . ? A MN 201 ? 1_555 OD1 ? A ASP 102 ? A ASP 108 ? 1_555 85.5  ? 
17 OE2 ? A GLU 74  ? A GLU 80  ? 1_555 MN ? B MN . ? A MN 201 ? 1_555 OAK ? D HWA .   ? A HWA 203 ? 1_555 88.9  ? 
18 OD1 ? A ASP 102 ? A ASP 108 ? 1_555 MN ? B MN . ? A MN 201 ? 1_555 OAK ? D HWA .   ? A HWA 203 ? 1_555 174.4 ? 
19 OE2 ? A GLU 74  ? A GLU 80  ? 1_555 MN ? B MN . ? A MN 201 ? 1_555 OAJ ? D HWA .   ? A HWA 203 ? 1_555 101.3 ? 
20 OD1 ? A ASP 102 ? A ASP 108 ? 1_555 MN ? B MN . ? A MN 201 ? 1_555 OAJ ? D HWA .   ? A HWA 203 ? 1_555 86.5  ? 
21 OAK ? D HWA .   ? A HWA 203 ? 1_555 MN ? B MN . ? A MN 201 ? 1_555 OAJ ? D HWA .   ? A HWA 203 ? 1_555 93.5  ? 
22 OE2 ? A GLU 74  ? A GLU 80  ? 1_555 MN ? B MN . ? A MN 201 ? 1_555 O   ? G HOH .   ? A HOH 301 ? 1_555 167.1 ? 
23 OD1 ? A ASP 102 ? A ASP 108 ? 1_555 MN ? B MN . ? A MN 201 ? 1_555 O   ? G HOH .   ? A HOH 301 ? 1_555 95.9  ? 
24 OAK ? D HWA .   ? A HWA 203 ? 1_555 MN ? B MN . ? A MN 201 ? 1_555 O   ? G HOH .   ? A HOH 301 ? 1_555 89.7  ? 
25 OAJ ? D HWA .   ? A HWA 203 ? 1_555 MN ? B MN . ? A MN 201 ? 1_555 O   ? G HOH .   ? A HOH 301 ? 1_555 91.6  ? 
26 OE2 ? A GLU 74  ? A GLU 80  ? 1_555 MN ? B MN . ? A MN 201 ? 1_555 O   ? G HOH .   ? A HOH 307 ? 1_555 82.7  ? 
27 OD1 ? A ASP 102 ? A ASP 108 ? 1_555 MN ? B MN . ? A MN 201 ? 1_555 O   ? G HOH .   ? A HOH 307 ? 1_555 91.1  ? 
28 OAK ? D HWA .   ? A HWA 203 ? 1_555 MN ? B MN . ? A MN 201 ? 1_555 O   ? G HOH .   ? A HOH 307 ? 1_555 89.3  ? 
29 OAJ ? D HWA .   ? A HWA 203 ? 1_555 MN ? B MN . ? A MN 201 ? 1_555 O   ? G HOH .   ? A HOH 307 ? 1_555 175.1 ? 
30 O   ? G HOH .   ? A HOH 301 ? 1_555 MN ? B MN . ? A MN 201 ? 1_555 O   ? G HOH .   ? A HOH 307 ? 1_555 84.5  ? 
# 
loop_
_pdbx_audit_revision_history.ordinal 
_pdbx_audit_revision_history.data_content_type 
_pdbx_audit_revision_history.major_revision 
_pdbx_audit_revision_history.minor_revision 
_pdbx_audit_revision_history.revision_date 
1 'Structure model' 1 0 2019-07-31 
2 'Structure model' 1 1 2020-01-01 
3 'Structure model' 1 2 2020-02-12 
4 'Structure model' 1 3 2023-10-11 
# 
_pdbx_audit_revision_details.ordinal             1 
_pdbx_audit_revision_details.revision_ordinal    1 
_pdbx_audit_revision_details.data_content_type   'Structure model' 
_pdbx_audit_revision_details.provider            repository 
_pdbx_audit_revision_details.type                'Initial release' 
_pdbx_audit_revision_details.description         ? 
_pdbx_audit_revision_details.details             ? 
# 
loop_
_pdbx_audit_revision_group.ordinal 
_pdbx_audit_revision_group.revision_ordinal 
_pdbx_audit_revision_group.data_content_type 
_pdbx_audit_revision_group.group 
1 2 'Structure model' 'Author supporting evidence' 
2 3 'Structure model' 'Database references'        
3 4 'Structure model' 'Data collection'            
4 4 'Structure model' 'Database references'        
5 4 'Structure model' 'Derived calculations'       
6 4 'Structure model' 'Refinement description'     
# 
loop_
_pdbx_audit_revision_category.ordinal 
_pdbx_audit_revision_category.revision_ordinal 
_pdbx_audit_revision_category.data_content_type 
_pdbx_audit_revision_category.category 
1 2 'Structure model' pdbx_audit_support            
2 3 'Structure model' citation                      
3 3 'Structure model' citation_author               
4 4 'Structure model' chem_comp_atom                
5 4 'Structure model' chem_comp_bond                
6 4 'Structure model' database_2                    
7 4 'Structure model' pdbx_initial_refinement_model 
8 4 'Structure model' pdbx_struct_conn_angle        
9 4 'Structure model' struct_conn                   
# 
loop_
_pdbx_audit_revision_item.ordinal 
_pdbx_audit_revision_item.revision_ordinal 
_pdbx_audit_revision_item.data_content_type 
_pdbx_audit_revision_item.item 
1  2 'Structure model' '_pdbx_audit_support.funding_organization'    
2  3 'Structure model' '_citation.country'                           
3  3 'Structure model' '_citation.journal_abbrev'                    
4  3 'Structure model' '_citation.journal_id_ASTM'                   
5  3 'Structure model' '_citation.journal_id_CSD'                    
6  3 'Structure model' '_citation.journal_id_ISSN'                   
7  3 'Structure model' '_citation.journal_volume'                    
8  3 'Structure model' '_citation.page_first'                        
9  3 'Structure model' '_citation.page_last'                         
10 3 'Structure model' '_citation.pdbx_database_id_DOI'              
11 3 'Structure model' '_citation.pdbx_database_id_PubMed'           
12 3 'Structure model' '_citation.title'                             
13 3 'Structure model' '_citation.year'                              
14 4 'Structure model' '_database_2.pdbx_DOI'                        
15 4 'Structure model' '_database_2.pdbx_database_accession'         
16 4 'Structure model' '_pdbx_struct_conn_angle.ptnr1_auth_comp_id'  
17 4 'Structure model' '_pdbx_struct_conn_angle.ptnr1_auth_seq_id'   
18 4 'Structure model' '_pdbx_struct_conn_angle.ptnr1_label_asym_id' 
19 4 'Structure model' '_pdbx_struct_conn_angle.ptnr1_label_atom_id' 
20 4 'Structure model' '_pdbx_struct_conn_angle.ptnr1_label_comp_id' 
21 4 'Structure model' '_pdbx_struct_conn_angle.ptnr3_auth_comp_id'  
22 4 'Structure model' '_pdbx_struct_conn_angle.ptnr3_auth_seq_id'   
23 4 'Structure model' '_pdbx_struct_conn_angle.ptnr3_label_asym_id' 
24 4 'Structure model' '_pdbx_struct_conn_angle.ptnr3_label_atom_id' 
25 4 'Structure model' '_pdbx_struct_conn_angle.ptnr3_label_comp_id' 
26 4 'Structure model' '_pdbx_struct_conn_angle.value'               
27 4 'Structure model' '_struct_conn.pdbx_dist_value'                
28 4 'Structure model' '_struct_conn.ptnr2_auth_comp_id'             
29 4 'Structure model' '_struct_conn.ptnr2_auth_seq_id'              
30 4 'Structure model' '_struct_conn.ptnr2_label_asym_id'            
31 4 'Structure model' '_struct_conn.ptnr2_label_atom_id'            
32 4 'Structure model' '_struct_conn.ptnr2_label_comp_id'            
# 
loop_
_software.citation_id 
_software.classification 
_software.compiler_name 
_software.compiler_version 
_software.contact_author 
_software.contact_author_email 
_software.date 
_software.description 
_software.dependencies 
_software.hardware 
_software.language 
_software.location 
_software.mods 
_software.name 
_software.os 
_software.os_version 
_software.type 
_software.version 
_software.pdbx_ordinal 
? refinement       ? ? ? ? ? ? ? ? ? ? ? REFMAC  ? ? ? 5.8.0222 1 
? 'data reduction' ? ? ? ? ? ? ? ? ? ? ? iMOSFLM ? ? ? .        2 
? 'data scaling'   ? ? ? ? ? ? ? ? ? ? ? Aimless ? ? ? .        3 
? phasing          ? ? ? ? ? ? ? ? ? ? ? PHASER  ? ? ? .        4 
# 
_pdbx_validate_torsion.id              1 
_pdbx_validate_torsion.PDB_model_num   1 
_pdbx_validate_torsion.auth_comp_id    THR 
_pdbx_validate_torsion.auth_asym_id    A 
_pdbx_validate_torsion.auth_seq_id     162 
_pdbx_validate_torsion.PDB_ins_code    ? 
_pdbx_validate_torsion.label_alt_id    ? 
_pdbx_validate_torsion.phi             69.78 
_pdbx_validate_torsion.psi             -53.38 
# 
loop_
_pdbx_validate_planes.id 
_pdbx_validate_planes.PDB_model_num 
_pdbx_validate_planes.auth_comp_id 
_pdbx_validate_planes.auth_asym_id 
_pdbx_validate_planes.auth_seq_id 
_pdbx_validate_planes.PDB_ins_code 
_pdbx_validate_planes.label_alt_id 
_pdbx_validate_planes.rmsd 
_pdbx_validate_planes.type 
1 1 ARG A 6   ? ? 0.092 'SIDE CHAIN' 
2 1 ARG A 174 ? ? 0.090 'SIDE CHAIN' 
# 
loop_
_pdbx_unobs_or_zero_occ_residues.id 
_pdbx_unobs_or_zero_occ_residues.PDB_model_num 
_pdbx_unobs_or_zero_occ_residues.polymer_flag 
_pdbx_unobs_or_zero_occ_residues.occupancy_flag 
_pdbx_unobs_or_zero_occ_residues.auth_asym_id 
_pdbx_unobs_or_zero_occ_residues.auth_comp_id 
_pdbx_unobs_or_zero_occ_residues.auth_seq_id 
_pdbx_unobs_or_zero_occ_residues.PDB_ins_code 
_pdbx_unobs_or_zero_occ_residues.label_asym_id 
_pdbx_unobs_or_zero_occ_residues.label_comp_id 
_pdbx_unobs_or_zero_occ_residues.label_seq_id 
1  1 Y 1 A MET -5 ? A MET 1  
2  1 Y 1 A GLY -4 ? A GLY 2  
3  1 Y 1 A SER -3 ? A SER 3  
4  1 Y 1 A GLY -2 ? A GLY 4  
5  1 Y 1 A SER 65 ? A SER 59 
6  1 Y 1 A GLY 66 ? A GLY 60 
7  1 Y 1 A ASP 67 ? A ASP 61 
8  1 Y 1 A PRO 68 ? A PRO 62 
9  1 Y 1 A ASN 69 ? A ASN 63 
10 1 Y 1 A ALA 70 ? A ALA 64 
11 1 Y 1 A LEU 71 ? A LEU 65 
12 1 Y 1 A LEU 72 ? A LEU 66 
13 1 Y 1 A LYS 73 ? A LYS 67 
# 
loop_
_chem_comp_atom.comp_id 
_chem_comp_atom.atom_id 
_chem_comp_atom.type_symbol 
_chem_comp_atom.pdbx_aromatic_flag 
_chem_comp_atom.pdbx_stereo_config 
_chem_comp_atom.pdbx_ordinal 
ALA N    N  N N 1   
ALA CA   C  N S 2   
ALA C    C  N N 3   
ALA O    O  N N 4   
ALA CB   C  N N 5   
ALA OXT  O  N N 6   
ALA H    H  N N 7   
ALA H2   H  N N 8   
ALA HA   H  N N 9   
ALA HB1  H  N N 10  
ALA HB2  H  N N 11  
ALA HB3  H  N N 12  
ALA HXT  H  N N 13  
ARG N    N  N N 14  
ARG CA   C  N S 15  
ARG C    C  N N 16  
ARG O    O  N N 17  
ARG CB   C  N N 18  
ARG CG   C  N N 19  
ARG CD   C  N N 20  
ARG NE   N  N N 21  
ARG CZ   C  N N 22  
ARG NH1  N  N N 23  
ARG NH2  N  N N 24  
ARG OXT  O  N N 25  
ARG H    H  N N 26  
ARG H2   H  N N 27  
ARG HA   H  N N 28  
ARG HB2  H  N N 29  
ARG HB3  H  N N 30  
ARG HG2  H  N N 31  
ARG HG3  H  N N 32  
ARG HD2  H  N N 33  
ARG HD3  H  N N 34  
ARG HE   H  N N 35  
ARG HH11 H  N N 36  
ARG HH12 H  N N 37  
ARG HH21 H  N N 38  
ARG HH22 H  N N 39  
ARG HXT  H  N N 40  
ASN N    N  N N 41  
ASN CA   C  N S 42  
ASN C    C  N N 43  
ASN O    O  N N 44  
ASN CB   C  N N 45  
ASN CG   C  N N 46  
ASN OD1  O  N N 47  
ASN ND2  N  N N 48  
ASN OXT  O  N N 49  
ASN H    H  N N 50  
ASN H2   H  N N 51  
ASN HA   H  N N 52  
ASN HB2  H  N N 53  
ASN HB3  H  N N 54  
ASN HD21 H  N N 55  
ASN HD22 H  N N 56  
ASN HXT  H  N N 57  
ASP N    N  N N 58  
ASP CA   C  N S 59  
ASP C    C  N N 60  
ASP O    O  N N 61  
ASP CB   C  N N 62  
ASP CG   C  N N 63  
ASP OD1  O  N N 64  
ASP OD2  O  N N 65  
ASP OXT  O  N N 66  
ASP H    H  N N 67  
ASP H2   H  N N 68  
ASP HA   H  N N 69  
ASP HB2  H  N N 70  
ASP HB3  H  N N 71  
ASP HD2  H  N N 72  
ASP HXT  H  N N 73  
CYS N    N  N N 74  
CYS CA   C  N R 75  
CYS C    C  N N 76  
CYS O    O  N N 77  
CYS CB   C  N N 78  
CYS SG   S  N N 79  
CYS OXT  O  N N 80  
CYS H    H  N N 81  
CYS H2   H  N N 82  
CYS HA   H  N N 83  
CYS HB2  H  N N 84  
CYS HB3  H  N N 85  
CYS HG   H  N N 86  
CYS HXT  H  N N 87  
EDO C1   C  N N 88  
EDO O1   O  N N 89  
EDO C2   C  N N 90  
EDO O2   O  N N 91  
EDO H11  H  N N 92  
EDO H12  H  N N 93  
EDO HO1  H  N N 94  
EDO H21  H  N N 95  
EDO H22  H  N N 96  
EDO HO2  H  N N 97  
GLN N    N  N N 98  
GLN CA   C  N S 99  
GLN C    C  N N 100 
GLN O    O  N N 101 
GLN CB   C  N N 102 
GLN CG   C  N N 103 
GLN CD   C  N N 104 
GLN OE1  O  N N 105 
GLN NE2  N  N N 106 
GLN OXT  O  N N 107 
GLN H    H  N N 108 
GLN H2   H  N N 109 
GLN HA   H  N N 110 
GLN HB2  H  N N 111 
GLN HB3  H  N N 112 
GLN HG2  H  N N 113 
GLN HG3  H  N N 114 
GLN HE21 H  N N 115 
GLN HE22 H  N N 116 
GLN HXT  H  N N 117 
GLU N    N  N N 118 
GLU CA   C  N S 119 
GLU C    C  N N 120 
GLU O    O  N N 121 
GLU CB   C  N N 122 
GLU CG   C  N N 123 
GLU CD   C  N N 124 
GLU OE1  O  N N 125 
GLU OE2  O  N N 126 
GLU OXT  O  N N 127 
GLU H    H  N N 128 
GLU H2   H  N N 129 
GLU HA   H  N N 130 
GLU HB2  H  N N 131 
GLU HB3  H  N N 132 
GLU HG2  H  N N 133 
GLU HG3  H  N N 134 
GLU HE2  H  N N 135 
GLU HXT  H  N N 136 
GLY N    N  N N 137 
GLY CA   C  N N 138 
GLY C    C  N N 139 
GLY O    O  N N 140 
GLY OXT  O  N N 141 
GLY H    H  N N 142 
GLY H2   H  N N 143 
GLY HA2  H  N N 144 
GLY HA3  H  N N 145 
GLY HXT  H  N N 146 
HIS N    N  N N 147 
HIS CA   C  N S 148 
HIS C    C  N N 149 
HIS O    O  N N 150 
HIS CB   C  N N 151 
HIS CG   C  Y N 152 
HIS ND1  N  Y N 153 
HIS CD2  C  Y N 154 
HIS CE1  C  Y N 155 
HIS NE2  N  Y N 156 
HIS OXT  O  N N 157 
HIS H    H  N N 158 
HIS H2   H  N N 159 
HIS HA   H  N N 160 
HIS HB2  H  N N 161 
HIS HB3  H  N N 162 
HIS HD1  H  N N 163 
HIS HD2  H  N N 164 
HIS HE1  H  N N 165 
HIS HE2  H  N N 166 
HIS HXT  H  N N 167 
HOH O    O  N N 168 
HOH H1   H  N N 169 
HOH H2   H  N N 170 
HWA OAF  O  N N 171 
HWA CAE  C  N N 172 
HWA OAK  O  N N 173 
HWA CAD  C  N N 174 
HWA NAC  N  N N 175 
HWA CAB  C  N N 176 
HWA CAA  C  N N 177 
HWA CAG  C  N N 178 
HWA CAH  C  N N 179 
HWA OAL  O  N N 180 
HWA CAI  C  N N 181 
HWA OAJ  O  N N 182 
HWA H1   H  N N 183 
HWA H2   H  N N 184 
HWA H3   H  N N 185 
HWA H4   H  N N 186 
HWA H5   H  N N 187 
HWA H6   H  N N 188 
HWA H7   H  N N 189 
ILE N    N  N N 190 
ILE CA   C  N S 191 
ILE C    C  N N 192 
ILE O    O  N N 193 
ILE CB   C  N S 194 
ILE CG1  C  N N 195 
ILE CG2  C  N N 196 
ILE CD1  C  N N 197 
ILE OXT  O  N N 198 
ILE H    H  N N 199 
ILE H2   H  N N 200 
ILE HA   H  N N 201 
ILE HB   H  N N 202 
ILE HG12 H  N N 203 
ILE HG13 H  N N 204 
ILE HG21 H  N N 205 
ILE HG22 H  N N 206 
ILE HG23 H  N N 207 
ILE HD11 H  N N 208 
ILE HD12 H  N N 209 
ILE HD13 H  N N 210 
ILE HXT  H  N N 211 
LEU N    N  N N 212 
LEU CA   C  N S 213 
LEU C    C  N N 214 
LEU O    O  N N 215 
LEU CB   C  N N 216 
LEU CG   C  N N 217 
LEU CD1  C  N N 218 
LEU CD2  C  N N 219 
LEU OXT  O  N N 220 
LEU H    H  N N 221 
LEU H2   H  N N 222 
LEU HA   H  N N 223 
LEU HB2  H  N N 224 
LEU HB3  H  N N 225 
LEU HG   H  N N 226 
LEU HD11 H  N N 227 
LEU HD12 H  N N 228 
LEU HD13 H  N N 229 
LEU HD21 H  N N 230 
LEU HD22 H  N N 231 
LEU HD23 H  N N 232 
LEU HXT  H  N N 233 
LYS N    N  N N 234 
LYS CA   C  N S 235 
LYS C    C  N N 236 
LYS O    O  N N 237 
LYS CB   C  N N 238 
LYS CG   C  N N 239 
LYS CD   C  N N 240 
LYS CE   C  N N 241 
LYS NZ   N  N N 242 
LYS OXT  O  N N 243 
LYS H    H  N N 244 
LYS H2   H  N N 245 
LYS HA   H  N N 246 
LYS HB2  H  N N 247 
LYS HB3  H  N N 248 
LYS HG2  H  N N 249 
LYS HG3  H  N N 250 
LYS HD2  H  N N 251 
LYS HD3  H  N N 252 
LYS HE2  H  N N 253 
LYS HE3  H  N N 254 
LYS HZ1  H  N N 255 
LYS HZ2  H  N N 256 
LYS HZ3  H  N N 257 
LYS HXT  H  N N 258 
MET N    N  N N 259 
MET CA   C  N S 260 
MET C    C  N N 261 
MET O    O  N N 262 
MET CB   C  N N 263 
MET CG   C  N N 264 
MET SD   S  N N 265 
MET CE   C  N N 266 
MET OXT  O  N N 267 
MET H    H  N N 268 
MET H2   H  N N 269 
MET HA   H  N N 270 
MET HB2  H  N N 271 
MET HB3  H  N N 272 
MET HG2  H  N N 273 
MET HG3  H  N N 274 
MET HE1  H  N N 275 
MET HE2  H  N N 276 
MET HE3  H  N N 277 
MET HXT  H  N N 278 
MN  MN   MN N N 279 
PHE N    N  N N 280 
PHE CA   C  N S 281 
PHE C    C  N N 282 
PHE O    O  N N 283 
PHE CB   C  N N 284 
PHE CG   C  Y N 285 
PHE CD1  C  Y N 286 
PHE CD2  C  Y N 287 
PHE CE1  C  Y N 288 
PHE CE2  C  Y N 289 
PHE CZ   C  Y N 290 
PHE OXT  O  N N 291 
PHE H    H  N N 292 
PHE H2   H  N N 293 
PHE HA   H  N N 294 
PHE HB2  H  N N 295 
PHE HB3  H  N N 296 
PHE HD1  H  N N 297 
PHE HD2  H  N N 298 
PHE HE1  H  N N 299 
PHE HE2  H  N N 300 
PHE HZ   H  N N 301 
PHE HXT  H  N N 302 
PRO N    N  N N 303 
PRO CA   C  N S 304 
PRO C    C  N N 305 
PRO O    O  N N 306 
PRO CB   C  N N 307 
PRO CG   C  N N 308 
PRO CD   C  N N 309 
PRO OXT  O  N N 310 
PRO H    H  N N 311 
PRO HA   H  N N 312 
PRO HB2  H  N N 313 
PRO HB3  H  N N 314 
PRO HG2  H  N N 315 
PRO HG3  H  N N 316 
PRO HD2  H  N N 317 
PRO HD3  H  N N 318 
PRO HXT  H  N N 319 
SER N    N  N N 320 
SER CA   C  N S 321 
SER C    C  N N 322 
SER O    O  N N 323 
SER CB   C  N N 324 
SER OG   O  N N 325 
SER OXT  O  N N 326 
SER H    H  N N 327 
SER H2   H  N N 328 
SER HA   H  N N 329 
SER HB2  H  N N 330 
SER HB3  H  N N 331 
SER HG   H  N N 332 
SER HXT  H  N N 333 
THR N    N  N N 334 
THR CA   C  N S 335 
THR C    C  N N 336 
THR O    O  N N 337 
THR CB   C  N R 338 
THR OG1  O  N N 339 
THR CG2  C  N N 340 
THR OXT  O  N N 341 
THR H    H  N N 342 
THR H2   H  N N 343 
THR HA   H  N N 344 
THR HB   H  N N 345 
THR HG1  H  N N 346 
THR HG21 H  N N 347 
THR HG22 H  N N 348 
THR HG23 H  N N 349 
THR HXT  H  N N 350 
TRP N    N  N N 351 
TRP CA   C  N S 352 
TRP C    C  N N 353 
TRP O    O  N N 354 
TRP CB   C  N N 355 
TRP CG   C  Y N 356 
TRP CD1  C  Y N 357 
TRP CD2  C  Y N 358 
TRP NE1  N  Y N 359 
TRP CE2  C  Y N 360 
TRP CE3  C  Y N 361 
TRP CZ2  C  Y N 362 
TRP CZ3  C  Y N 363 
TRP CH2  C  Y N 364 
TRP OXT  O  N N 365 
TRP H    H  N N 366 
TRP H2   H  N N 367 
TRP HA   H  N N 368 
TRP HB2  H  N N 369 
TRP HB3  H  N N 370 
TRP HD1  H  N N 371 
TRP HE1  H  N N 372 
TRP HE3  H  N N 373 
TRP HZ2  H  N N 374 
TRP HZ3  H  N N 375 
TRP HH2  H  N N 376 
TRP HXT  H  N N 377 
TYR N    N  N N 378 
TYR CA   C  N S 379 
TYR C    C  N N 380 
TYR O    O  N N 381 
TYR CB   C  N N 382 
TYR CG   C  Y N 383 
TYR CD1  C  Y N 384 
TYR CD2  C  Y N 385 
TYR CE1  C  Y N 386 
TYR CE2  C  Y N 387 
TYR CZ   C  Y N 388 
TYR OH   O  N N 389 
TYR OXT  O  N N 390 
TYR H    H  N N 391 
TYR H2   H  N N 392 
TYR HA   H  N N 393 
TYR HB2  H  N N 394 
TYR HB3  H  N N 395 
TYR HD1  H  N N 396 
TYR HD2  H  N N 397 
TYR HE1  H  N N 398 
TYR HE2  H  N N 399 
TYR HH   H  N N 400 
TYR HXT  H  N N 401 
VAL N    N  N N 402 
VAL CA   C  N S 403 
VAL C    C  N N 404 
VAL O    O  N N 405 
VAL CB   C  N N 406 
VAL CG1  C  N N 407 
VAL CG2  C  N N 408 
VAL OXT  O  N N 409 
VAL H    H  N N 410 
VAL H2   H  N N 411 
VAL HA   H  N N 412 
VAL HB   H  N N 413 
VAL HG11 H  N N 414 
VAL HG12 H  N N 415 
VAL HG13 H  N N 416 
VAL HG21 H  N N 417 
VAL HG22 H  N N 418 
VAL HG23 H  N N 419 
VAL HXT  H  N N 420 
# 
loop_
_chem_comp_bond.comp_id 
_chem_comp_bond.atom_id_1 
_chem_comp_bond.atom_id_2 
_chem_comp_bond.value_order 
_chem_comp_bond.pdbx_aromatic_flag 
_chem_comp_bond.pdbx_stereo_config 
_chem_comp_bond.pdbx_ordinal 
ALA N   CA   sing N N 1   
ALA N   H    sing N N 2   
ALA N   H2   sing N N 3   
ALA CA  C    sing N N 4   
ALA CA  CB   sing N N 5   
ALA CA  HA   sing N N 6   
ALA C   O    doub N N 7   
ALA C   OXT  sing N N 8   
ALA CB  HB1  sing N N 9   
ALA CB  HB2  sing N N 10  
ALA CB  HB3  sing N N 11  
ALA OXT HXT  sing N N 12  
ARG N   CA   sing N N 13  
ARG N   H    sing N N 14  
ARG N   H2   sing N N 15  
ARG CA  C    sing N N 16  
ARG CA  CB   sing N N 17  
ARG CA  HA   sing N N 18  
ARG C   O    doub N N 19  
ARG C   OXT  sing N N 20  
ARG CB  CG   sing N N 21  
ARG CB  HB2  sing N N 22  
ARG CB  HB3  sing N N 23  
ARG CG  CD   sing N N 24  
ARG CG  HG2  sing N N 25  
ARG CG  HG3  sing N N 26  
ARG CD  NE   sing N N 27  
ARG CD  HD2  sing N N 28  
ARG CD  HD3  sing N N 29  
ARG NE  CZ   sing N N 30  
ARG NE  HE   sing N N 31  
ARG CZ  NH1  sing N N 32  
ARG CZ  NH2  doub N N 33  
ARG NH1 HH11 sing N N 34  
ARG NH1 HH12 sing N N 35  
ARG NH2 HH21 sing N N 36  
ARG NH2 HH22 sing N N 37  
ARG OXT HXT  sing N N 38  
ASN N   CA   sing N N 39  
ASN N   H    sing N N 40  
ASN N   H2   sing N N 41  
ASN CA  C    sing N N 42  
ASN CA  CB   sing N N 43  
ASN CA  HA   sing N N 44  
ASN C   O    doub N N 45  
ASN C   OXT  sing N N 46  
ASN CB  CG   sing N N 47  
ASN CB  HB2  sing N N 48  
ASN CB  HB3  sing N N 49  
ASN CG  OD1  doub N N 50  
ASN CG  ND2  sing N N 51  
ASN ND2 HD21 sing N N 52  
ASN ND2 HD22 sing N N 53  
ASN OXT HXT  sing N N 54  
ASP N   CA   sing N N 55  
ASP N   H    sing N N 56  
ASP N   H2   sing N N 57  
ASP CA  C    sing N N 58  
ASP CA  CB   sing N N 59  
ASP CA  HA   sing N N 60  
ASP C   O    doub N N 61  
ASP C   OXT  sing N N 62  
ASP CB  CG   sing N N 63  
ASP CB  HB2  sing N N 64  
ASP CB  HB3  sing N N 65  
ASP CG  OD1  doub N N 66  
ASP CG  OD2  sing N N 67  
ASP OD2 HD2  sing N N 68  
ASP OXT HXT  sing N N 69  
CYS N   CA   sing N N 70  
CYS N   H    sing N N 71  
CYS N   H2   sing N N 72  
CYS CA  C    sing N N 73  
CYS CA  CB   sing N N 74  
CYS CA  HA   sing N N 75  
CYS C   O    doub N N 76  
CYS C   OXT  sing N N 77  
CYS CB  SG   sing N N 78  
CYS CB  HB2  sing N N 79  
CYS CB  HB3  sing N N 80  
CYS SG  HG   sing N N 81  
CYS OXT HXT  sing N N 82  
EDO C1  O1   sing N N 83  
EDO C1  C2   sing N N 84  
EDO C1  H11  sing N N 85  
EDO C1  H12  sing N N 86  
EDO O1  HO1  sing N N 87  
EDO C2  O2   sing N N 88  
EDO C2  H21  sing N N 89  
EDO C2  H22  sing N N 90  
EDO O2  HO2  sing N N 91  
GLN N   CA   sing N N 92  
GLN N   H    sing N N 93  
GLN N   H2   sing N N 94  
GLN CA  C    sing N N 95  
GLN CA  CB   sing N N 96  
GLN CA  HA   sing N N 97  
GLN C   O    doub N N 98  
GLN C   OXT  sing N N 99  
GLN CB  CG   sing N N 100 
GLN CB  HB2  sing N N 101 
GLN CB  HB3  sing N N 102 
GLN CG  CD   sing N N 103 
GLN CG  HG2  sing N N 104 
GLN CG  HG3  sing N N 105 
GLN CD  OE1  doub N N 106 
GLN CD  NE2  sing N N 107 
GLN NE2 HE21 sing N N 108 
GLN NE2 HE22 sing N N 109 
GLN OXT HXT  sing N N 110 
GLU N   CA   sing N N 111 
GLU N   H    sing N N 112 
GLU N   H2   sing N N 113 
GLU CA  C    sing N N 114 
GLU CA  CB   sing N N 115 
GLU CA  HA   sing N N 116 
GLU C   O    doub N N 117 
GLU C   OXT  sing N N 118 
GLU CB  CG   sing N N 119 
GLU CB  HB2  sing N N 120 
GLU CB  HB3  sing N N 121 
GLU CG  CD   sing N N 122 
GLU CG  HG2  sing N N 123 
GLU CG  HG3  sing N N 124 
GLU CD  OE1  doub N N 125 
GLU CD  OE2  sing N N 126 
GLU OE2 HE2  sing N N 127 
GLU OXT HXT  sing N N 128 
GLY N   CA   sing N N 129 
GLY N   H    sing N N 130 
GLY N   H2   sing N N 131 
GLY CA  C    sing N N 132 
GLY CA  HA2  sing N N 133 
GLY CA  HA3  sing N N 134 
GLY C   O    doub N N 135 
GLY C   OXT  sing N N 136 
GLY OXT HXT  sing N N 137 
HIS N   CA   sing N N 138 
HIS N   H    sing N N 139 
HIS N   H2   sing N N 140 
HIS CA  C    sing N N 141 
HIS CA  CB   sing N N 142 
HIS CA  HA   sing N N 143 
HIS C   O    doub N N 144 
HIS C   OXT  sing N N 145 
HIS CB  CG   sing N N 146 
HIS CB  HB2  sing N N 147 
HIS CB  HB3  sing N N 148 
HIS CG  ND1  sing Y N 149 
HIS CG  CD2  doub Y N 150 
HIS ND1 CE1  doub Y N 151 
HIS ND1 HD1  sing N N 152 
HIS CD2 NE2  sing Y N 153 
HIS CD2 HD2  sing N N 154 
HIS CE1 NE2  sing Y N 155 
HIS CE1 HE1  sing N N 156 
HIS NE2 HE2  sing N N 157 
HIS OXT HXT  sing N N 158 
HOH O   H1   sing N N 159 
HOH O   H2   sing N N 160 
HWA OAL CAH  doub N N 161 
HWA OAJ CAI  sing N N 162 
HWA CAH CAI  sing N N 163 
HWA CAH CAG  sing N N 164 
HWA CAI CAD  doub N N 165 
HWA CAG CAB  doub N N 166 
HWA OAK CAE  doub N N 167 
HWA CAD CAE  sing N N 168 
HWA CAD NAC  sing N N 169 
HWA CAE OAF  sing N N 170 
HWA CAB NAC  sing N N 171 
HWA CAB CAA  sing N N 172 
HWA OAF H1   sing N N 173 
HWA NAC H2   sing N N 174 
HWA CAA H3   sing N N 175 
HWA CAA H4   sing N N 176 
HWA CAA H5   sing N N 177 
HWA CAG H6   sing N N 178 
HWA OAJ H7   sing N N 179 
ILE N   CA   sing N N 180 
ILE N   H    sing N N 181 
ILE N   H2   sing N N 182 
ILE CA  C    sing N N 183 
ILE CA  CB   sing N N 184 
ILE CA  HA   sing N N 185 
ILE C   O    doub N N 186 
ILE C   OXT  sing N N 187 
ILE CB  CG1  sing N N 188 
ILE CB  CG2  sing N N 189 
ILE CB  HB   sing N N 190 
ILE CG1 CD1  sing N N 191 
ILE CG1 HG12 sing N N 192 
ILE CG1 HG13 sing N N 193 
ILE CG2 HG21 sing N N 194 
ILE CG2 HG22 sing N N 195 
ILE CG2 HG23 sing N N 196 
ILE CD1 HD11 sing N N 197 
ILE CD1 HD12 sing N N 198 
ILE CD1 HD13 sing N N 199 
ILE OXT HXT  sing N N 200 
LEU N   CA   sing N N 201 
LEU N   H    sing N N 202 
LEU N   H2   sing N N 203 
LEU CA  C    sing N N 204 
LEU CA  CB   sing N N 205 
LEU CA  HA   sing N N 206 
LEU C   O    doub N N 207 
LEU C   OXT  sing N N 208 
LEU CB  CG   sing N N 209 
LEU CB  HB2  sing N N 210 
LEU CB  HB3  sing N N 211 
LEU CG  CD1  sing N N 212 
LEU CG  CD2  sing N N 213 
LEU CG  HG   sing N N 214 
LEU CD1 HD11 sing N N 215 
LEU CD1 HD12 sing N N 216 
LEU CD1 HD13 sing N N 217 
LEU CD2 HD21 sing N N 218 
LEU CD2 HD22 sing N N 219 
LEU CD2 HD23 sing N N 220 
LEU OXT HXT  sing N N 221 
LYS N   CA   sing N N 222 
LYS N   H    sing N N 223 
LYS N   H2   sing N N 224 
LYS CA  C    sing N N 225 
LYS CA  CB   sing N N 226 
LYS CA  HA   sing N N 227 
LYS C   O    doub N N 228 
LYS C   OXT  sing N N 229 
LYS CB  CG   sing N N 230 
LYS CB  HB2  sing N N 231 
LYS CB  HB3  sing N N 232 
LYS CG  CD   sing N N 233 
LYS CG  HG2  sing N N 234 
LYS CG  HG3  sing N N 235 
LYS CD  CE   sing N N 236 
LYS CD  HD2  sing N N 237 
LYS CD  HD3  sing N N 238 
LYS CE  NZ   sing N N 239 
LYS CE  HE2  sing N N 240 
LYS CE  HE3  sing N N 241 
LYS NZ  HZ1  sing N N 242 
LYS NZ  HZ2  sing N N 243 
LYS NZ  HZ3  sing N N 244 
LYS OXT HXT  sing N N 245 
MET N   CA   sing N N 246 
MET N   H    sing N N 247 
MET N   H2   sing N N 248 
MET CA  C    sing N N 249 
MET CA  CB   sing N N 250 
MET CA  HA   sing N N 251 
MET C   O    doub N N 252 
MET C   OXT  sing N N 253 
MET CB  CG   sing N N 254 
MET CB  HB2  sing N N 255 
MET CB  HB3  sing N N 256 
MET CG  SD   sing N N 257 
MET CG  HG2  sing N N 258 
MET CG  HG3  sing N N 259 
MET SD  CE   sing N N 260 
MET CE  HE1  sing N N 261 
MET CE  HE2  sing N N 262 
MET CE  HE3  sing N N 263 
MET OXT HXT  sing N N 264 
PHE N   CA   sing N N 265 
PHE N   H    sing N N 266 
PHE N   H2   sing N N 267 
PHE CA  C    sing N N 268 
PHE CA  CB   sing N N 269 
PHE CA  HA   sing N N 270 
PHE C   O    doub N N 271 
PHE C   OXT  sing N N 272 
PHE CB  CG   sing N N 273 
PHE CB  HB2  sing N N 274 
PHE CB  HB3  sing N N 275 
PHE CG  CD1  doub Y N 276 
PHE CG  CD2  sing Y N 277 
PHE CD1 CE1  sing Y N 278 
PHE CD1 HD1  sing N N 279 
PHE CD2 CE2  doub Y N 280 
PHE CD2 HD2  sing N N 281 
PHE CE1 CZ   doub Y N 282 
PHE CE1 HE1  sing N N 283 
PHE CE2 CZ   sing Y N 284 
PHE CE2 HE2  sing N N 285 
PHE CZ  HZ   sing N N 286 
PHE OXT HXT  sing N N 287 
PRO N   CA   sing N N 288 
PRO N   CD   sing N N 289 
PRO N   H    sing N N 290 
PRO CA  C    sing N N 291 
PRO CA  CB   sing N N 292 
PRO CA  HA   sing N N 293 
PRO C   O    doub N N 294 
PRO C   OXT  sing N N 295 
PRO CB  CG   sing N N 296 
PRO CB  HB2  sing N N 297 
PRO CB  HB3  sing N N 298 
PRO CG  CD   sing N N 299 
PRO CG  HG2  sing N N 300 
PRO CG  HG3  sing N N 301 
PRO CD  HD2  sing N N 302 
PRO CD  HD3  sing N N 303 
PRO OXT HXT  sing N N 304 
SER N   CA   sing N N 305 
SER N   H    sing N N 306 
SER N   H2   sing N N 307 
SER CA  C    sing N N 308 
SER CA  CB   sing N N 309 
SER CA  HA   sing N N 310 
SER C   O    doub N N 311 
SER C   OXT  sing N N 312 
SER CB  OG   sing N N 313 
SER CB  HB2  sing N N 314 
SER CB  HB3  sing N N 315 
SER OG  HG   sing N N 316 
SER OXT HXT  sing N N 317 
THR N   CA   sing N N 318 
THR N   H    sing N N 319 
THR N   H2   sing N N 320 
THR CA  C    sing N N 321 
THR CA  CB   sing N N 322 
THR CA  HA   sing N N 323 
THR C   O    doub N N 324 
THR C   OXT  sing N N 325 
THR CB  OG1  sing N N 326 
THR CB  CG2  sing N N 327 
THR CB  HB   sing N N 328 
THR OG1 HG1  sing N N 329 
THR CG2 HG21 sing N N 330 
THR CG2 HG22 sing N N 331 
THR CG2 HG23 sing N N 332 
THR OXT HXT  sing N N 333 
TRP N   CA   sing N N 334 
TRP N   H    sing N N 335 
TRP N   H2   sing N N 336 
TRP CA  C    sing N N 337 
TRP CA  CB   sing N N 338 
TRP CA  HA   sing N N 339 
TRP C   O    doub N N 340 
TRP C   OXT  sing N N 341 
TRP CB  CG   sing N N 342 
TRP CB  HB2  sing N N 343 
TRP CB  HB3  sing N N 344 
TRP CG  CD1  doub Y N 345 
TRP CG  CD2  sing Y N 346 
TRP CD1 NE1  sing Y N 347 
TRP CD1 HD1  sing N N 348 
TRP CD2 CE2  doub Y N 349 
TRP CD2 CE3  sing Y N 350 
TRP NE1 CE2  sing Y N 351 
TRP NE1 HE1  sing N N 352 
TRP CE2 CZ2  sing Y N 353 
TRP CE3 CZ3  doub Y N 354 
TRP CE3 HE3  sing N N 355 
TRP CZ2 CH2  doub Y N 356 
TRP CZ2 HZ2  sing N N 357 
TRP CZ3 CH2  sing Y N 358 
TRP CZ3 HZ3  sing N N 359 
TRP CH2 HH2  sing N N 360 
TRP OXT HXT  sing N N 361 
TYR N   CA   sing N N 362 
TYR N   H    sing N N 363 
TYR N   H2   sing N N 364 
TYR CA  C    sing N N 365 
TYR CA  CB   sing N N 366 
TYR CA  HA   sing N N 367 
TYR C   O    doub N N 368 
TYR C   OXT  sing N N 369 
TYR CB  CG   sing N N 370 
TYR CB  HB2  sing N N 371 
TYR CB  HB3  sing N N 372 
TYR CG  CD1  doub Y N 373 
TYR CG  CD2  sing Y N 374 
TYR CD1 CE1  sing Y N 375 
TYR CD1 HD1  sing N N 376 
TYR CD2 CE2  doub Y N 377 
TYR CD2 HD2  sing N N 378 
TYR CE1 CZ   doub Y N 379 
TYR CE1 HE1  sing N N 380 
TYR CE2 CZ   sing Y N 381 
TYR CE2 HE2  sing N N 382 
TYR CZ  OH   sing N N 383 
TYR OH  HH   sing N N 384 
TYR OXT HXT  sing N N 385 
VAL N   CA   sing N N 386 
VAL N   H    sing N N 387 
VAL N   H2   sing N N 388 
VAL CA  C    sing N N 389 
VAL CA  CB   sing N N 390 
VAL CA  HA   sing N N 391 
VAL C   O    doub N N 392 
VAL C   OXT  sing N N 393 
VAL CB  CG1  sing N N 394 
VAL CB  CG2  sing N N 395 
VAL CB  HB   sing N N 396 
VAL CG1 HG11 sing N N 397 
VAL CG1 HG12 sing N N 398 
VAL CG1 HG13 sing N N 399 
VAL CG2 HG21 sing N N 400 
VAL CG2 HG22 sing N N 401 
VAL CG2 HG23 sing N N 402 
VAL OXT HXT  sing N N 403 
# 
_pdbx_audit_support.funding_organization   
'National Institutes of Health/National Institute of General Medical Sciences (NIH/NIGMS)' 
_pdbx_audit_support.country                'United States' 
_pdbx_audit_support.grant_number           'R01 GM098435' 
_pdbx_audit_support.ordinal                1 
# 
_pdbx_entity_instance_feature.ordinal        1 
_pdbx_entity_instance_feature.comp_id        HWA 
_pdbx_entity_instance_feature.asym_id        ? 
_pdbx_entity_instance_feature.seq_num        ? 
_pdbx_entity_instance_feature.auth_comp_id   HWA 
_pdbx_entity_instance_feature.auth_asym_id   ? 
_pdbx_entity_instance_feature.auth_seq_num   ? 
_pdbx_entity_instance_feature.feature_type   'SUBJECT OF INVESTIGATION' 
_pdbx_entity_instance_feature.details        ? 
# 
loop_
_pdbx_entity_nonpoly.entity_id 
_pdbx_entity_nonpoly.name 
_pdbx_entity_nonpoly.comp_id 
2 'MANGANESE (II) ION'                                             MN  
3 '3-hydroxy-6-methyl-4-oxo-1,4-dihydropyridine-2-carboxylic acid' HWA 
4 1,2-ETHANEDIOL                                                   EDO 
5 water                                                            HOH 
# 
_pdbx_initial_refinement_model.id               1 
_pdbx_initial_refinement_model.entity_id_list   ? 
_pdbx_initial_refinement_model.type             'experimental model' 
_pdbx_initial_refinement_model.source_name      PDB 
_pdbx_initial_refinement_model.accession_code   4AWM 
_pdbx_initial_refinement_model.details          'PDB entry 4AWM' 
# 
_pdbx_struct_assembly_auth_evidence.id                     1 
_pdbx_struct_assembly_auth_evidence.assembly_id            1 
_pdbx_struct_assembly_auth_evidence.experimental_support   'gel filtration' 
_pdbx_struct_assembly_auth_evidence.details                ? 
# 
